data_6URI
#
_entry.id   6URI
#
_cell.length_a   109.154
_cell.length_b   109.154
_cell.length_c   178.915
_cell.angle_alpha   90.000
_cell.angle_beta   90.000
_cell.angle_gamma   90.000
#
_symmetry.space_group_name_H-M   'P 41'
#
loop_
_entity.id
_entity.type
_entity.pdbx_description
1 polymer 'AP-2 complex subunit alpha'
2 polymer 'AP-2 complex subunit sigma'
3 polymer 'Protein Nef'
4 polymer 'AP-2 complex subunit beta'
5 polymer 'AP-2 complex subunit mu'
6 polymer 'cDNA FLJ50658, highly similar to T-cell surface glycoprotein CD4'
7 water water
#
loop_
_entity_poly.entity_id
_entity_poly.type
_entity_poly.pdbx_seq_one_letter_code
_entity_poly.pdbx_strand_id
1 'polypeptide(L)'
;MGSSHHHHHHSQDPMPAVSKGEGMRGLAVFISDIRNCKSKEAEIKRINKELANIRSKFKGDKALDGYSKKKYVCKLLFIF
LLGHDIDFGHMEAVNLLSSNRYTEKQIGYLFISVLVNSNSELIRLINNAIKNDLASRNPTFMGLALHCIANVGSREMAEA
FAGEIPKILVAGDTMDSVKQSAALCLLRLYRTSPDLVPMGDWTSRVVHLLNDQHLGVVTAATSLITTLAQKNPEEFKTSV
SLAVSRLSRIVTSASTDLQDYTYYFVPAPWLSVKLLRLLQCYPPPEDPAVRGRLTECLETILNKAQEPPKSKKVQHSNAK
NAVLFEAISLIIHHDSEPNLLVRACNQLGQFLQHRETNLRYLALESMCTLASSEFSHEAVKTHIETVINALKTERDVSVR
QRAVDLLYAMCDRSNAQQIVAEMLSYLETADYSIREEIVLKVAILAEKYAVDYTWYVDTILNLIRIAGDYVSEEVWYRVI
QIVINRDDVQGYAAKTVFEALQAPACHENLVKVGGYILGEFGNLIAGDPRSSPLIQFNLLHSKFHLCSVPTRALLLSTYI
KFVNLFPEVKATIQDVLRSDSQLKNADVELQQRAVEYLRLSTVASTDILATVLEEMPPFPERESSILAKLKKKKGENLYF
Q
;
A
2 'polypeptide(L)'
;MIRFILIQNRAGKTRLAKWYMQFDDDEKQKLIEEVHAVVTVRDARHTNFVEFRNFKIIYRRYAGLYFCICVDVNDNNLAY
LEAIHNFVEVLNEYFHNVCELDLVFNFYKVYTVVDEMFLAGEIRETSQTKVLKQLLMLQSLE
;
S
3 'polypeptide(L)'
;AGFSMAADGVGAVSRDLEKHGAITSSNTAANNAACAWLEAQEEEEVGFPVTPQVPLRPMTYKAAVDLSHFLKEKGGLEGL
IHSQRRQDILDLWIYHTQGYFPDWQNYTPGPGVRYPLTFGWCYKLVPVEPDKVEEANKGENTSLLHPVSLHGMDDPEREV
LEWRFDSRLAFHHVARELHPEYFKNC
;
N
4 'polypeptide(L)'
;MGSSHHHHHHSQDPNSSSARLQVDMTDSKYFTTNKKGEISELKAELNNEKKEKRKEAVKKVIAAMTVGKDVSSLFPDVVN
CMQTDNLELKKLVYLYLMNYAKSQPDMAIMAVNSFVKDCEDPNPLIRALAVRTMGCIRVDKITEYLCEPLRKCLKDEDPY
VRKTAAVCVAKLHDINAQMVEDQGFLDSLRDLIADSNPMVVANAVAALSEISESHPNSNLLDLNPQNINKLLTALNECTE
WGQIFILDCLSNYNPKDDREAQSICERVTPRLSHANSAVVLSAVKVLMKFLELLPKDSDYYNMLLKKLAPPLVTLLSGEP
EVQYVALRNINLIVQKRPEILKQEIKVFFVKYNDPIYVKLEKLDIMIRLASQANIAQVLAELKEYATEVDVDFVRKAVRA
IGRCAIKVEQSAERCVSTLLDLIQTKVNYVVQEAIVVIRDIFRKHPNKYESIIATLCGNLDSLDEPDARAAMIWIVGEYA
ERIDNADELLESFLEGFHDESTQVQLTLLTAIVKLFLKKPSETQELVQQVLSLATQDSDNPDLRDRGYIYWRLLSTDPVT
AKEVVLSEKPLISEETDLIEPTLLDELICHIGSLASVYHKPPNAFVEGSHGIHRK
;
B
5 'polypeptide(L)'
;MIGGLFIYNHKGEVLISRVYRDDIGRNAVDAFRVNVIHARQQVRSPVTNIARTSFFHVKRSNIWLAAVTKQNVNAAMVFE
FLYKMCDVMAAYFGKISEENIKNNFVLIYELLDEILDFGYPQNSETGALKTFITQ
;
M
6 'polypeptide(L)' GVDGSDEASELACPTPKEDGLAQQQTQLNLRGSGSGCVRCRHRRRQAERMSQIKRLLSEKKT D
#
# COMPACT_ATOMS: atom_id res chain seq x y z
N GLY A 23 5.29 -39.57 -22.22
CA GLY A 23 4.66 -38.39 -22.79
C GLY A 23 3.22 -38.61 -23.22
N MET A 24 2.40 -37.57 -23.10
CA MET A 24 1.01 -37.64 -23.53
C MET A 24 0.95 -37.57 -25.05
N ARG A 25 0.06 -38.39 -25.63
CA ARG A 25 0.10 -38.61 -27.07
C ARG A 25 -0.25 -37.35 -27.86
N GLY A 26 -1.48 -36.86 -27.71
CA GLY A 26 -1.92 -35.74 -28.50
C GLY A 26 -1.71 -34.36 -27.89
N LEU A 27 -0.93 -34.27 -26.81
CA LEU A 27 -0.86 -33.02 -26.05
C LEU A 27 0.10 -32.02 -26.67
N ALA A 28 1.30 -32.47 -27.07
CA ALA A 28 2.35 -31.55 -27.49
C ALA A 28 1.92 -30.74 -28.71
N VAL A 29 1.26 -31.39 -29.67
CA VAL A 29 0.82 -30.68 -30.87
C VAL A 29 -0.20 -29.61 -30.51
N PHE A 30 -1.13 -29.94 -29.60
CA PHE A 30 -2.15 -28.98 -29.19
C PHE A 30 -1.52 -27.78 -28.48
N ILE A 31 -0.55 -28.04 -27.60
CA ILE A 31 0.13 -26.95 -26.90
C ILE A 31 0.88 -26.07 -27.89
N SER A 32 1.61 -26.69 -28.83
CA SER A 32 2.36 -25.92 -29.81
C SER A 32 1.43 -25.09 -30.69
N ASP A 33 0.27 -25.64 -31.03
CA ASP A 33 -0.71 -24.88 -31.80
C ASP A 33 -1.24 -23.70 -31.02
N ILE A 34 -1.50 -23.89 -29.72
CA ILE A 34 -1.97 -22.78 -28.90
C ILE A 34 -0.93 -21.69 -28.79
N ARG A 35 0.35 -22.06 -28.61
CA ARG A 35 1.40 -21.07 -28.46
C ARG A 35 1.61 -20.27 -29.74
N ASN A 36 1.55 -20.93 -30.90
CA ASN A 36 1.85 -20.27 -32.16
C ASN A 36 0.76 -19.32 -32.62
N CYS A 37 -0.26 -19.07 -31.80
CA CYS A 37 -1.30 -18.10 -32.14
C CYS A 37 -0.77 -16.69 -31.88
N LYS A 38 -0.81 -15.84 -32.91
CA LYS A 38 -0.41 -14.45 -32.74
C LYS A 38 -1.51 -13.64 -32.06
N SER A 39 -2.77 -13.97 -32.34
CA SER A 39 -3.91 -13.30 -31.74
C SER A 39 -4.58 -14.21 -30.73
N LYS A 40 -5.20 -13.61 -29.71
CA LYS A 40 -5.96 -14.38 -28.74
C LYS A 40 -7.33 -14.79 -29.28
N GLU A 41 -7.82 -14.11 -30.32
CA GLU A 41 -9.04 -14.56 -30.98
C GLU A 41 -8.81 -15.88 -31.71
N ALA A 42 -7.67 -16.00 -32.40
CA ALA A 42 -7.31 -17.28 -32.99
C ALA A 42 -7.04 -18.33 -31.91
N GLU A 43 -6.49 -17.91 -30.77
CA GLU A 43 -6.31 -18.81 -29.64
C GLU A 43 -7.66 -19.38 -29.20
N ILE A 44 -8.66 -18.51 -29.05
CA ILE A 44 -9.98 -18.96 -28.64
C ILE A 44 -10.60 -19.84 -29.73
N LYS A 45 -10.35 -19.53 -31.00
CA LYS A 45 -10.91 -20.34 -32.08
C LYS A 45 -10.33 -21.75 -32.06
N ARG A 46 -9.02 -21.88 -31.87
CA ARG A 46 -8.41 -23.20 -31.78
C ARG A 46 -8.88 -23.93 -30.52
N ILE A 47 -8.97 -23.21 -29.39
CA ILE A 47 -9.49 -23.79 -28.17
C ILE A 47 -10.89 -24.35 -28.40
N ASN A 48 -11.73 -23.61 -29.12
CA ASN A 48 -13.09 -24.05 -29.37
C ASN A 48 -13.13 -25.23 -30.33
N LYS A 49 -12.24 -25.25 -31.32
CA LYS A 49 -12.19 -26.40 -32.23
C LYS A 49 -11.83 -27.67 -31.47
N GLU A 50 -10.78 -27.59 -30.63
CA GLU A 50 -10.39 -28.77 -29.85
C GLU A 50 -11.47 -29.14 -28.84
N LEU A 51 -12.13 -28.14 -28.26
CA LEU A 51 -13.22 -28.41 -27.33
C LEU A 51 -14.36 -29.12 -28.03
N ALA A 52 -14.71 -28.69 -29.24
CA ALA A 52 -15.77 -29.36 -29.99
C ALA A 52 -15.37 -30.78 -30.37
N ASN A 53 -14.10 -30.98 -30.73
CA ASN A 53 -13.61 -32.33 -31.01
C ASN A 53 -13.79 -33.24 -29.80
N ILE A 54 -13.16 -32.86 -28.67
CA ILE A 54 -13.22 -33.68 -27.46
C ILE A 54 -14.66 -33.82 -26.98
N ARG A 55 -15.48 -32.81 -27.18
CA ARG A 55 -16.87 -32.86 -26.73
C ARG A 55 -17.66 -33.86 -27.56
N SER A 56 -17.59 -33.75 -28.89
CA SER A 56 -18.27 -34.72 -29.73
C SER A 56 -17.84 -36.14 -29.38
N LYS A 57 -16.53 -36.34 -29.13
CA LYS A 57 -16.04 -37.70 -28.89
C LYS A 57 -16.48 -38.24 -27.52
N PHE A 58 -16.20 -37.51 -26.44
CA PHE A 58 -16.66 -37.93 -25.12
C PHE A 58 -18.18 -37.94 -25.06
N LYS A 59 -18.75 -36.74 -25.19
CA LYS A 59 -20.13 -36.35 -24.98
C LYS A 59 -21.09 -36.92 -26.01
N GLY A 60 -20.61 -37.61 -27.03
CA GLY A 60 -21.52 -38.26 -27.95
C GLY A 60 -21.11 -39.65 -28.38
N ASP A 61 -20.13 -40.25 -27.67
CA ASP A 61 -19.56 -41.50 -28.15
C ASP A 61 -18.99 -42.26 -26.96
N LYS A 62 -19.42 -43.51 -26.77
CA LYS A 62 -18.95 -44.33 -25.66
C LYS A 62 -18.52 -45.71 -26.17
N ALA A 63 -17.25 -45.82 -26.57
CA ALA A 63 -16.59 -47.11 -26.70
C ALA A 63 -15.12 -47.01 -26.32
N LEU A 64 -14.74 -45.94 -25.62
CA LEU A 64 -13.38 -45.44 -25.62
C LEU A 64 -12.41 -46.34 -24.85
N ASP A 65 -11.14 -46.15 -25.19
CA ASP A 65 -9.94 -46.76 -24.66
C ASP A 65 -9.54 -46.04 -23.36
N GLY A 66 -8.70 -46.68 -22.55
CA GLY A 66 -8.16 -45.99 -21.39
C GLY A 66 -7.11 -44.98 -21.78
N TYR A 67 -6.21 -45.37 -22.69
CA TYR A 67 -5.23 -44.48 -23.28
C TYR A 67 -5.90 -43.23 -23.82
N SER A 68 -7.02 -43.42 -24.53
CA SER A 68 -7.78 -42.39 -25.19
C SER A 68 -8.61 -41.55 -24.23
N LYS A 69 -8.70 -41.97 -22.97
CA LYS A 69 -9.34 -41.18 -21.95
C LYS A 69 -8.34 -40.29 -21.23
N LYS A 70 -7.17 -40.84 -20.90
CA LYS A 70 -6.16 -40.01 -20.27
C LYS A 70 -5.67 -38.93 -21.22
N LYS A 71 -5.57 -39.24 -22.52
CA LYS A 71 -5.14 -38.23 -23.49
C LYS A 71 -6.07 -37.02 -23.48
N TYR A 72 -7.36 -37.24 -23.77
CA TYR A 72 -8.29 -36.12 -23.89
C TYR A 72 -8.59 -35.47 -22.53
N VAL A 73 -8.47 -36.21 -21.43
CA VAL A 73 -8.66 -35.58 -20.12
C VAL A 73 -7.50 -34.65 -19.80
N CYS A 74 -6.28 -35.04 -20.18
CA CYS A 74 -5.15 -34.13 -20.05
C CYS A 74 -5.36 -32.88 -20.89
N LYS A 75 -5.88 -33.04 -22.11
CA LYS A 75 -6.18 -31.88 -22.94
C LYS A 75 -7.21 -30.97 -22.29
N LEU A 76 -8.26 -31.55 -21.70
CA LEU A 76 -9.28 -30.75 -21.02
C LEU A 76 -8.69 -30.01 -19.83
N LEU A 77 -7.86 -30.70 -19.04
CA LEU A 77 -7.15 -30.05 -17.94
C LEU A 77 -6.34 -28.86 -18.41
N PHE A 78 -5.62 -29.02 -19.53
CA PHE A 78 -4.81 -27.94 -20.06
C PHE A 78 -5.68 -26.76 -20.48
N ILE A 79 -6.78 -27.03 -21.19
CA ILE A 79 -7.69 -25.96 -21.59
C ILE A 79 -8.25 -25.24 -20.36
N PHE A 80 -8.44 -25.97 -19.26
CA PHE A 80 -8.89 -25.34 -18.02
C PHE A 80 -7.83 -24.43 -17.44
N LEU A 81 -6.60 -24.93 -17.28
CA LEU A 81 -5.53 -24.14 -16.69
C LEU A 81 -5.16 -22.94 -17.55
N LEU A 82 -5.47 -22.98 -18.85
CA LEU A 82 -5.27 -21.82 -19.69
C LEU A 82 -6.18 -20.67 -19.27
N GLY A 83 -7.37 -20.99 -18.73
CA GLY A 83 -8.32 -19.98 -18.35
C GLY A 83 -9.63 -20.04 -19.12
N HIS A 84 -10.06 -21.24 -19.50
CA HIS A 84 -11.25 -21.41 -20.32
C HIS A 84 -12.21 -22.41 -19.68
N ASP A 85 -13.51 -22.15 -19.83
CA ASP A 85 -14.52 -22.98 -19.19
C ASP A 85 -14.51 -24.41 -19.73
N ILE A 86 -14.76 -25.37 -18.85
CA ILE A 86 -14.88 -26.78 -19.21
C ILE A 86 -16.28 -27.22 -18.80
N ASP A 87 -17.11 -27.58 -19.78
CA ASP A 87 -18.48 -27.98 -19.50
C ASP A 87 -18.63 -29.45 -19.12
N PHE A 88 -17.60 -30.27 -19.38
CA PHE A 88 -17.76 -31.72 -19.33
C PHE A 88 -16.44 -32.34 -18.88
N GLY A 89 -16.31 -33.65 -19.06
CA GLY A 89 -15.07 -34.35 -18.79
C GLY A 89 -14.93 -34.97 -17.42
N HIS A 90 -15.91 -34.77 -16.53
CA HIS A 90 -15.76 -35.26 -15.16
C HIS A 90 -16.05 -36.76 -15.06
N MET A 91 -17.13 -37.23 -15.70
CA MET A 91 -17.43 -38.65 -15.70
C MET A 91 -16.31 -39.45 -16.37
N GLU A 92 -15.73 -38.91 -17.43
CA GLU A 92 -14.62 -39.57 -18.09
C GLU A 92 -13.36 -39.60 -17.23
N ALA A 93 -13.28 -38.74 -16.21
CA ALA A 93 -12.19 -38.82 -15.26
C ALA A 93 -12.49 -39.85 -14.17
N VAL A 94 -13.71 -39.83 -13.62
CA VAL A 94 -14.08 -40.81 -12.61
C VAL A 94 -14.04 -42.22 -13.17
N ASN A 95 -14.16 -42.37 -14.49
CA ASN A 95 -13.91 -43.67 -15.10
C ASN A 95 -12.44 -44.05 -15.00
N LEU A 96 -11.54 -43.09 -15.26
CA LEU A 96 -10.11 -43.34 -15.11
C LEU A 96 -9.71 -43.60 -13.66
N LEU A 97 -10.53 -43.16 -12.71
CA LEU A 97 -10.23 -43.39 -11.30
C LEU A 97 -9.99 -44.87 -11.00
N SER A 98 -10.88 -45.74 -11.47
CA SER A 98 -10.73 -47.18 -11.31
C SER A 98 -10.04 -47.74 -12.56
N SER A 99 -8.78 -48.14 -12.41
CA SER A 99 -8.01 -48.61 -13.55
C SER A 99 -6.88 -49.51 -13.04
N ASN A 100 -6.18 -50.14 -13.98
CA ASN A 100 -5.03 -50.97 -13.66
C ASN A 100 -3.71 -50.23 -13.87
N ARG A 101 -3.57 -49.52 -14.99
CA ARG A 101 -2.39 -48.70 -15.23
C ARG A 101 -2.48 -47.41 -14.41
N TYR A 102 -1.31 -46.95 -13.94
CA TYR A 102 -1.28 -45.81 -13.05
C TYR A 102 -1.37 -44.48 -13.78
N THR A 103 -0.96 -44.41 -15.04
CA THR A 103 -1.02 -43.14 -15.77
C THR A 103 -2.46 -42.64 -15.89
N GLU A 104 -3.39 -43.54 -16.22
CA GLU A 104 -4.79 -43.18 -16.27
C GLU A 104 -5.29 -42.72 -14.91
N LYS A 105 -4.95 -43.46 -13.86
CA LYS A 105 -5.32 -43.08 -12.51
C LYS A 105 -4.81 -41.69 -12.17
N GLN A 106 -3.57 -41.39 -12.54
CA GLN A 106 -2.95 -40.12 -12.18
C GLN A 106 -3.62 -38.97 -12.91
N ILE A 107 -3.87 -39.12 -14.21
CA ILE A 107 -4.55 -38.07 -14.94
C ILE A 107 -5.95 -37.85 -14.40
N GLY A 108 -6.65 -38.93 -14.05
CA GLY A 108 -8.00 -38.79 -13.51
C GLY A 108 -8.01 -38.10 -12.16
N TYR A 109 -7.10 -38.50 -11.27
CA TYR A 109 -6.99 -37.85 -9.97
C TYR A 109 -6.65 -36.39 -10.11
N LEU A 110 -5.72 -36.05 -11.01
CA LEU A 110 -5.34 -34.65 -11.20
C LEU A 110 -6.52 -33.84 -11.73
N PHE A 111 -7.28 -34.41 -12.67
CA PHE A 111 -8.46 -33.72 -13.18
C PHE A 111 -9.46 -33.46 -12.06
N ILE A 112 -9.81 -34.51 -11.30
CA ILE A 112 -10.85 -34.36 -10.28
C ILE A 112 -10.37 -33.49 -9.12
N SER A 113 -9.06 -33.34 -8.94
CA SER A 113 -8.56 -32.46 -7.88
C SER A 113 -8.47 -31.00 -8.32
N VAL A 114 -8.01 -30.75 -9.55
CA VAL A 114 -7.96 -29.38 -10.05
C VAL A 114 -9.36 -28.85 -10.32
N LEU A 115 -10.29 -29.73 -10.71
CA LEU A 115 -11.62 -29.33 -11.12
C LEU A 115 -12.62 -29.85 -10.11
N VAL A 116 -13.30 -28.93 -9.41
CA VAL A 116 -14.15 -29.25 -8.28
C VAL A 116 -15.52 -28.64 -8.49
N ASN A 117 -16.57 -29.43 -8.22
CA ASN A 117 -17.93 -29.05 -8.56
C ASN A 117 -18.89 -29.50 -7.47
N SER A 118 -20.07 -28.88 -7.48
CA SER A 118 -21.16 -29.26 -6.57
C SER A 118 -21.98 -30.35 -7.26
N ASN A 119 -21.49 -31.58 -7.17
CA ASN A 119 -22.18 -32.74 -7.69
C ASN A 119 -22.36 -33.75 -6.55
N SER A 120 -23.21 -34.75 -6.79
CA SER A 120 -23.48 -35.78 -5.79
C SER A 120 -23.12 -37.17 -6.30
N GLU A 121 -23.60 -37.52 -7.50
CA GLU A 121 -23.23 -38.77 -8.15
C GLU A 121 -21.72 -38.86 -8.33
N LEU A 122 -21.11 -37.76 -8.78
CA LEU A 122 -19.66 -37.65 -8.89
C LEU A 122 -18.98 -38.08 -7.59
N ILE A 123 -19.39 -37.46 -6.49
CA ILE A 123 -18.75 -37.70 -5.20
C ILE A 123 -18.92 -39.16 -4.80
N ARG A 124 -20.11 -39.70 -4.99
CA ARG A 124 -20.34 -41.12 -4.71
C ARG A 124 -19.32 -41.98 -5.45
N LEU A 125 -19.14 -41.69 -6.74
CA LEU A 125 -18.30 -42.52 -7.60
C LEU A 125 -16.82 -42.39 -7.25
N ILE A 126 -16.36 -41.15 -6.99
CA ILE A 126 -14.95 -40.98 -6.66
C ILE A 126 -14.66 -41.51 -5.26
N ASN A 127 -15.64 -41.50 -4.37
CA ASN A 127 -15.44 -42.13 -3.06
C ASN A 127 -15.35 -43.64 -3.18
N ASN A 128 -16.18 -44.24 -4.05
CA ASN A 128 -16.03 -45.67 -4.33
C ASN A 128 -14.65 -45.98 -4.89
N ALA A 129 -14.17 -45.16 -5.83
CA ALA A 129 -12.84 -45.37 -6.38
C ALA A 129 -11.76 -45.21 -5.32
N ILE A 130 -11.91 -44.24 -4.42
CA ILE A 130 -10.91 -44.01 -3.38
C ILE A 130 -10.87 -45.19 -2.41
N LYS A 131 -12.05 -45.67 -1.98
CA LYS A 131 -12.06 -46.79 -1.06
C LYS A 131 -11.60 -48.08 -1.75
N ASN A 132 -11.76 -48.17 -3.07
CA ASN A 132 -11.19 -49.30 -3.80
C ASN A 132 -9.68 -49.23 -3.82
N ASP A 133 -9.13 -48.03 -4.04
CA ASP A 133 -7.68 -47.87 -4.05
C ASP A 133 -7.07 -48.08 -2.66
N LEU A 134 -7.80 -47.72 -1.61
CA LEU A 134 -7.26 -47.84 -0.26
C LEU A 134 -7.20 -49.28 0.22
N ALA A 135 -7.88 -50.20 -0.46
CA ALA A 135 -7.83 -51.62 -0.12
C ALA A 135 -7.04 -52.43 -1.14
N SER A 136 -6.37 -51.77 -2.09
CA SER A 136 -5.63 -52.46 -3.14
C SER A 136 -4.30 -53.02 -2.66
N ARG A 137 -3.84 -52.63 -1.46
CA ARG A 137 -2.54 -53.04 -0.93
C ARG A 137 -1.41 -52.72 -1.91
N ASN A 138 -1.53 -51.56 -2.57
CA ASN A 138 -0.51 -51.06 -3.48
C ASN A 138 -0.08 -49.69 -3.00
N PRO A 139 1.20 -49.47 -2.69
CA PRO A 139 1.61 -48.17 -2.15
C PRO A 139 1.29 -47.00 -3.07
N THR A 140 1.43 -47.19 -4.39
CA THR A 140 1.15 -46.10 -5.32
C THR A 140 -0.33 -45.75 -5.32
N PHE A 141 -1.21 -46.76 -5.33
CA PHE A 141 -2.64 -46.49 -5.37
C PHE A 141 -3.13 -45.87 -4.07
N MET A 142 -2.67 -46.41 -2.94
CA MET A 142 -2.99 -45.81 -1.65
C MET A 142 -2.49 -44.37 -1.56
N GLY A 143 -1.29 -44.12 -2.07
CA GLY A 143 -0.75 -42.77 -2.05
C GLY A 143 -1.57 -41.82 -2.92
N LEU A 144 -1.99 -42.29 -4.09
CA LEU A 144 -2.87 -41.47 -4.93
C LEU A 144 -4.16 -41.12 -4.21
N ALA A 145 -4.79 -42.12 -3.59
CA ALA A 145 -6.05 -41.87 -2.88
C ALA A 145 -5.84 -40.88 -1.72
N LEU A 146 -4.76 -41.05 -0.95
CA LEU A 146 -4.52 -40.17 0.18
C LEU A 146 -4.21 -38.74 -0.28
N HIS A 147 -3.38 -38.59 -1.31
CA HIS A 147 -3.09 -37.26 -1.84
C HIS A 147 -4.36 -36.61 -2.37
N CYS A 148 -5.25 -37.39 -2.99
CA CYS A 148 -6.52 -36.84 -3.45
C CYS A 148 -7.34 -36.31 -2.29
N ILE A 149 -7.55 -37.16 -1.27
CA ILE A 149 -8.35 -36.74 -0.12
C ILE A 149 -7.76 -35.49 0.53
N ALA A 150 -6.43 -35.40 0.57
CA ALA A 150 -5.79 -34.23 1.16
C ALA A 150 -5.89 -33.01 0.26
N ASN A 151 -5.98 -33.20 -1.06
CA ASN A 151 -6.08 -32.07 -1.97
C ASN A 151 -7.48 -31.47 -1.96
N VAL A 152 -8.49 -32.27 -2.31
CA VAL A 152 -9.84 -31.71 -2.40
C VAL A 152 -10.42 -31.49 -1.00
N GLY A 153 -10.39 -32.52 -0.17
CA GLY A 153 -10.81 -32.40 1.23
C GLY A 153 -12.23 -31.90 1.44
N SER A 154 -13.21 -32.62 0.91
CA SER A 154 -14.60 -32.25 1.08
C SER A 154 -15.19 -32.93 2.32
N ARG A 155 -16.39 -32.50 2.70
CA ARG A 155 -17.06 -33.08 3.85
C ARG A 155 -17.43 -34.54 3.61
N GLU A 156 -17.75 -34.89 2.37
CA GLU A 156 -18.24 -36.25 2.08
C GLU A 156 -17.13 -37.28 2.25
N MET A 157 -15.96 -37.04 1.65
CA MET A 157 -14.85 -37.97 1.82
C MET A 157 -14.35 -37.97 3.26
N ALA A 158 -14.51 -36.85 3.98
CA ALA A 158 -14.19 -36.83 5.39
C ALA A 158 -15.11 -37.77 6.18
N GLU A 159 -16.42 -37.69 5.91
CA GLU A 159 -17.36 -38.59 6.56
C GLU A 159 -17.19 -40.04 6.11
N ALA A 160 -16.58 -40.26 4.95
CA ALA A 160 -16.42 -41.62 4.42
C ALA A 160 -15.10 -42.28 4.80
N PHE A 161 -14.06 -41.50 5.11
CA PHE A 161 -12.73 -42.07 5.31
C PHE A 161 -11.99 -41.61 6.57
N ALA A 162 -12.56 -40.71 7.36
CA ALA A 162 -11.82 -40.18 8.51
C ALA A 162 -11.51 -41.24 9.57
N GLY A 163 -12.14 -42.41 9.50
CA GLY A 163 -11.87 -43.45 10.46
C GLY A 163 -10.78 -44.41 10.02
N GLU A 164 -10.75 -44.72 8.72
CA GLU A 164 -9.79 -45.68 8.19
C GLU A 164 -8.39 -45.11 8.02
N ILE A 165 -8.25 -43.79 8.00
CA ILE A 165 -6.94 -43.15 7.83
C ILE A 165 -6.09 -43.39 9.07
N PRO A 166 -6.61 -43.21 10.30
CA PRO A 166 -5.82 -43.63 11.46
C PRO A 166 -5.52 -45.13 11.47
N LYS A 167 -6.35 -45.93 10.83
CA LYS A 167 -6.08 -47.37 10.74
C LYS A 167 -4.88 -47.64 9.85
N ILE A 168 -4.89 -47.10 8.63
CA ILE A 168 -3.75 -47.27 7.73
C ILE A 168 -2.55 -46.44 8.14
N LEU A 169 -2.70 -45.58 9.16
CA LEU A 169 -1.55 -44.83 9.65
C LEU A 169 -0.60 -45.72 10.44
N VAL A 170 -1.15 -46.65 11.23
CA VAL A 170 -0.35 -47.53 12.08
C VAL A 170 -0.74 -48.97 11.76
N ALA A 171 0.16 -49.70 11.11
CA ALA A 171 -0.05 -51.09 10.75
C ALA A 171 1.27 -51.68 10.34
N GLY A 172 1.43 -52.99 10.59
CA GLY A 172 2.67 -53.67 10.24
C GLY A 172 2.90 -53.79 8.75
N ASP A 173 1.84 -53.70 7.94
CA ASP A 173 1.94 -53.83 6.50
C ASP A 173 1.90 -52.48 5.78
N THR A 174 2.01 -51.38 6.52
CA THR A 174 1.95 -50.05 5.93
C THR A 174 3.35 -49.55 5.61
N MET A 175 3.55 -49.13 4.36
CA MET A 175 4.84 -48.61 3.94
C MET A 175 5.04 -47.20 4.52
N ASP A 176 6.24 -46.67 4.28
CA ASP A 176 6.58 -45.35 4.83
C ASP A 176 5.94 -44.22 4.04
N SER A 177 5.97 -44.30 2.71
CA SER A 177 5.32 -43.28 1.90
C SER A 177 3.83 -43.20 2.22
N VAL A 178 3.17 -44.36 2.34
CA VAL A 178 1.76 -44.38 2.73
C VAL A 178 1.61 -43.81 4.13
N LYS A 179 2.56 -44.07 5.02
CA LYS A 179 2.50 -43.52 6.37
C LYS A 179 2.46 -42.00 6.34
N GLN A 180 3.42 -41.38 5.65
CA GLN A 180 3.48 -39.91 5.65
C GLN A 180 2.29 -39.31 4.89
N SER A 181 1.88 -39.96 3.80
CA SER A 181 0.72 -39.47 3.06
C SER A 181 -0.54 -39.50 3.92
N ALA A 182 -0.77 -40.62 4.62
CA ALA A 182 -1.93 -40.73 5.49
C ALA A 182 -1.83 -39.76 6.67
N ALA A 183 -0.62 -39.50 7.17
CA ALA A 183 -0.47 -38.54 8.26
C ALA A 183 -0.90 -37.15 7.81
N LEU A 184 -0.37 -36.68 6.68
CA LEU A 184 -0.75 -35.36 6.20
C LEU A 184 -2.21 -35.30 5.78
N CYS A 185 -2.76 -36.41 5.29
CA CYS A 185 -4.17 -36.43 4.92
C CYS A 185 -5.08 -36.35 6.14
N LEU A 186 -4.75 -37.10 7.19
CA LEU A 186 -5.48 -36.98 8.45
C LEU A 186 -5.33 -35.60 9.04
N LEU A 187 -4.18 -34.95 8.84
CA LEU A 187 -4.00 -33.58 9.29
C LEU A 187 -4.95 -32.64 8.56
N ARG A 188 -5.02 -32.77 7.23
CA ARG A 188 -5.97 -31.97 6.45
C ARG A 188 -7.41 -32.21 6.91
N LEU A 189 -7.75 -33.47 7.17
CA LEU A 189 -9.11 -33.78 7.63
C LEU A 189 -9.39 -33.16 9.00
N TYR A 190 -8.42 -33.26 9.92
CA TYR A 190 -8.58 -32.66 11.24
C TYR A 190 -8.72 -31.15 11.15
N ARG A 191 -8.06 -30.52 10.18
CA ARG A 191 -8.22 -29.09 9.98
C ARG A 191 -9.60 -28.77 9.40
N THR A 192 -10.10 -29.60 8.48
CA THR A 192 -11.36 -29.33 7.80
C THR A 192 -12.57 -29.82 8.61
N SER A 193 -12.45 -30.94 9.30
CA SER A 193 -13.54 -31.50 10.10
C SER A 193 -13.06 -31.75 11.52
N PRO A 194 -12.83 -30.68 12.29
CA PRO A 194 -12.45 -30.88 13.70
C PRO A 194 -13.62 -31.35 14.56
N ASP A 195 -14.83 -30.91 14.24
CA ASP A 195 -16.03 -31.37 14.92
C ASP A 195 -16.47 -32.76 14.47
N LEU A 196 -15.67 -33.43 13.64
CA LEU A 196 -16.03 -34.75 13.12
C LEU A 196 -14.87 -35.74 13.22
N VAL A 197 -13.92 -35.51 14.12
CA VAL A 197 -12.80 -36.43 14.32
C VAL A 197 -12.44 -36.50 15.79
N PRO A 198 -12.54 -37.67 16.43
CA PRO A 198 -12.08 -37.82 17.82
C PRO A 198 -10.61 -38.20 17.90
N MET A 199 -10.11 -38.43 19.12
CA MET A 199 -8.71 -38.81 19.29
C MET A 199 -8.51 -40.32 19.33
N GLY A 200 -9.38 -41.05 20.02
CA GLY A 200 -9.37 -42.49 19.94
C GLY A 200 -8.13 -43.14 20.53
N ASP A 201 -7.71 -44.24 19.89
CA ASP A 201 -6.68 -45.12 20.42
C ASP A 201 -5.34 -45.03 19.69
N TRP A 202 -5.33 -44.53 18.45
CA TRP A 202 -4.12 -44.56 17.63
C TRP A 202 -3.04 -43.60 18.10
N THR A 203 -3.36 -42.71 19.05
CA THR A 203 -2.40 -41.68 19.44
C THR A 203 -1.12 -42.29 20.01
N SER A 204 -1.25 -43.36 20.81
CA SER A 204 -0.08 -44.01 21.38
C SER A 204 0.87 -44.49 20.29
N ARG A 205 0.31 -45.01 19.19
CA ARG A 205 1.12 -45.51 18.09
C ARG A 205 1.44 -44.44 17.05
N VAL A 206 0.66 -43.35 17.01
CA VAL A 206 0.99 -42.24 16.13
C VAL A 206 2.19 -41.47 16.66
N VAL A 207 2.25 -41.28 17.99
CA VAL A 207 3.40 -40.61 18.59
C VAL A 207 4.67 -41.41 18.35
N HIS A 208 4.57 -42.74 18.33
CA HIS A 208 5.73 -43.61 18.12
C HIS A 208 6.38 -43.42 16.75
N LEU A 209 5.70 -42.77 15.80
CA LEU A 209 6.27 -42.57 14.48
C LEU A 209 7.55 -41.74 14.50
N LEU A 210 7.84 -41.05 15.61
CA LEU A 210 9.10 -40.30 15.72
C LEU A 210 10.30 -41.22 15.94
N ASN A 211 10.06 -42.48 16.33
CA ASN A 211 11.12 -43.46 16.47
C ASN A 211 11.59 -44.03 15.13
N ASP A 212 10.90 -43.70 14.04
CA ASP A 212 11.17 -44.33 12.75
C ASP A 212 12.49 -43.84 12.18
N GLN A 213 13.23 -44.77 11.55
CA GLN A 213 14.47 -44.41 10.90
C GLN A 213 14.23 -43.51 9.69
N HIS A 214 13.14 -43.75 8.97
CA HIS A 214 12.77 -42.88 7.86
C HIS A 214 12.39 -41.50 8.40
N LEU A 215 12.98 -40.45 7.84
CA LEU A 215 12.74 -39.11 8.33
C LEU A 215 11.56 -38.43 7.65
N GLY A 216 11.09 -38.95 6.51
CA GLY A 216 9.89 -38.39 5.90
C GLY A 216 8.64 -38.67 6.72
N VAL A 217 8.51 -39.91 7.21
CA VAL A 217 7.38 -40.21 8.10
C VAL A 217 7.48 -39.39 9.38
N VAL A 218 8.70 -39.09 9.83
CA VAL A 218 8.86 -38.30 11.04
C VAL A 218 8.46 -36.85 10.80
N THR A 219 8.86 -36.28 9.66
CA THR A 219 8.49 -34.89 9.36
C THR A 219 7.02 -34.76 9.00
N ALA A 220 6.36 -35.87 8.64
CA ALA A 220 4.90 -35.81 8.47
C ALA A 220 4.19 -35.96 9.82
N ALA A 221 4.64 -36.90 10.65
CA ALA A 221 4.02 -37.09 11.96
C ALA A 221 4.20 -35.87 12.85
N THR A 222 5.33 -35.18 12.73
CA THR A 222 5.53 -33.97 13.52
C THR A 222 4.55 -32.87 13.11
N SER A 223 4.35 -32.69 11.80
CA SER A 223 3.39 -31.70 11.33
C SER A 223 1.97 -32.05 11.76
N LEU A 224 1.64 -33.34 11.75
CA LEU A 224 0.31 -33.76 12.20
C LEU A 224 0.13 -33.51 13.69
N ILE A 225 1.11 -33.95 14.49
CA ILE A 225 1.02 -33.83 15.94
C ILE A 225 1.05 -32.36 16.37
N THR A 226 1.70 -31.49 15.60
CA THR A 226 1.77 -30.08 15.99
C THR A 226 0.38 -29.46 16.01
N THR A 227 -0.43 -29.72 14.99
CA THR A 227 -1.81 -29.21 15.00
C THR A 227 -2.70 -30.03 15.91
N LEU A 228 -2.41 -31.33 16.07
CA LEU A 228 -3.25 -32.15 16.95
C LEU A 228 -3.12 -31.72 18.40
N ALA A 229 -1.90 -31.46 18.87
CA ALA A 229 -1.61 -31.12 20.26
C ALA A 229 -1.82 -29.64 20.55
N GLN A 230 -2.41 -28.89 19.63
CA GLN A 230 -2.81 -27.52 19.94
C GLN A 230 -4.15 -27.49 20.66
N LYS A 231 -5.01 -28.48 20.40
CA LYS A 231 -6.26 -28.65 21.11
C LYS A 231 -6.28 -29.90 21.98
N ASN A 232 -5.36 -30.85 21.72
CA ASN A 232 -5.16 -32.00 22.59
C ASN A 232 -3.69 -32.08 23.00
N PRO A 233 -3.15 -31.05 23.65
CA PRO A 233 -1.75 -31.18 24.12
C PRO A 233 -1.58 -32.38 25.00
N GLU A 234 -2.63 -32.64 25.77
CA GLU A 234 -2.68 -33.71 26.75
C GLU A 234 -2.42 -35.07 26.12
N GLU A 235 -3.16 -35.39 25.06
CA GLU A 235 -3.08 -36.73 24.48
C GLU A 235 -1.70 -37.03 23.90
N PHE A 236 -0.89 -36.00 23.68
CA PHE A 236 0.45 -36.14 23.10
C PHE A 236 1.49 -35.46 23.98
N LYS A 237 1.48 -35.76 25.27
CA LYS A 237 2.62 -35.37 26.11
C LYS A 237 3.85 -36.23 25.81
N THR A 238 3.66 -37.44 25.31
CA THR A 238 4.76 -38.33 24.97
C THR A 238 5.61 -37.84 23.80
N SER A 239 5.12 -36.84 23.07
CA SER A 239 5.86 -36.32 21.93
C SER A 239 7.20 -35.72 22.38
N VAL A 240 7.18 -34.92 23.46
CA VAL A 240 8.32 -34.10 23.82
C VAL A 240 9.58 -34.95 24.01
N SER A 241 9.47 -36.05 24.75
CA SER A 241 10.63 -36.91 24.97
C SER A 241 11.21 -37.38 23.64
N LEU A 242 10.36 -37.93 22.78
CA LEU A 242 10.79 -38.50 21.51
C LEU A 242 11.38 -37.42 20.61
N ALA A 243 10.75 -36.25 20.58
CA ALA A 243 11.14 -35.15 19.72
C ALA A 243 12.49 -34.58 20.15
N VAL A 244 12.66 -34.32 21.44
CA VAL A 244 13.95 -33.81 21.91
C VAL A 244 15.06 -34.82 21.64
N SER A 245 14.80 -36.11 21.91
CA SER A 245 15.85 -37.10 21.66
C SER A 245 16.23 -37.13 20.18
N ARG A 246 15.22 -37.26 19.31
CA ARG A 246 15.48 -37.36 17.87
C ARG A 246 16.19 -36.10 17.36
N LEU A 247 15.68 -34.93 17.72
CA LEU A 247 16.26 -33.66 17.32
C LEU A 247 17.72 -33.54 17.71
N SER A 248 18.02 -33.86 18.98
CA SER A 248 19.39 -33.92 19.45
C SER A 248 20.25 -34.78 18.51
N ARG A 249 19.84 -36.03 18.32
CA ARG A 249 20.55 -36.95 17.43
C ARG A 249 20.81 -36.31 16.07
N ILE A 250 19.81 -35.62 15.53
CA ILE A 250 19.97 -34.95 14.24
C ILE A 250 21.10 -33.94 14.30
N VAL A 251 20.97 -32.96 15.20
CA VAL A 251 21.89 -31.83 15.24
C VAL A 251 23.31 -32.30 15.56
N THR A 252 23.47 -33.45 16.21
CA THR A 252 24.78 -33.88 16.68
C THR A 252 25.40 -35.06 15.93
N SER A 253 24.67 -35.74 15.06
CA SER A 253 25.25 -36.82 14.29
C SER A 253 25.79 -36.34 12.96
N ALA A 254 25.93 -35.02 12.82
CA ALA A 254 25.92 -34.34 11.52
C ALA A 254 27.02 -34.81 10.58
N SER A 255 28.12 -35.32 11.12
CA SER A 255 29.34 -35.36 10.33
C SER A 255 29.28 -36.40 9.23
N THR A 256 28.61 -37.52 9.49
CA THR A 256 28.59 -38.56 8.45
C THR A 256 27.23 -39.10 8.05
N ASP A 257 26.34 -39.39 9.00
CA ASP A 257 25.56 -40.61 8.85
C ASP A 257 24.18 -40.43 8.17
N LEU A 258 23.51 -39.27 8.25
CA LEU A 258 22.24 -39.18 7.51
C LEU A 258 22.49 -38.61 6.11
N GLN A 259 22.64 -39.51 5.14
CA GLN A 259 22.94 -39.12 3.76
C GLN A 259 21.74 -38.47 3.08
N ASP A 260 20.61 -39.18 3.02
CA ASP A 260 19.49 -38.71 2.23
C ASP A 260 18.86 -37.43 2.76
N TYR A 261 19.29 -36.98 3.94
CA TYR A 261 18.72 -35.79 4.57
C TYR A 261 19.76 -34.73 4.92
N THR A 262 20.96 -34.83 4.35
CA THR A 262 21.95 -33.77 4.49
C THR A 262 21.85 -32.91 3.24
N TYR A 263 21.34 -31.69 3.43
CA TYR A 263 21.11 -30.72 2.37
C TYR A 263 22.13 -29.61 2.53
N TYR A 264 23.12 -29.59 1.63
CA TYR A 264 24.20 -28.60 1.66
C TYR A 264 24.85 -28.55 3.04
N PHE A 265 25.32 -29.71 3.49
CA PHE A 265 26.07 -29.88 4.73
C PHE A 265 25.24 -29.55 5.97
N VAL A 266 23.92 -29.58 5.87
CA VAL A 266 23.03 -29.26 6.96
C VAL A 266 22.22 -30.50 7.30
N PRO A 267 22.17 -30.93 8.54
CA PRO A 267 21.53 -32.20 8.91
C PRO A 267 20.03 -32.04 9.04
N ALA A 268 19.29 -32.59 8.08
CA ALA A 268 17.83 -32.68 8.12
C ALA A 268 17.15 -31.38 8.56
N PRO A 269 17.42 -30.26 7.88
CA PRO A 269 16.98 -28.95 8.41
C PRO A 269 15.48 -28.82 8.57
N TRP A 270 14.70 -29.35 7.62
CA TRP A 270 13.26 -29.15 7.67
C TRP A 270 12.62 -29.91 8.82
N LEU A 271 13.06 -31.15 9.04
CA LEU A 271 12.62 -31.87 10.23
C LEU A 271 13.05 -31.17 11.51
N SER A 272 14.22 -30.52 11.49
CA SER A 272 14.68 -29.79 12.66
C SER A 272 13.75 -28.62 12.99
N VAL A 273 13.39 -27.82 11.98
CA VAL A 273 12.51 -26.70 12.24
C VAL A 273 11.11 -27.19 12.63
N LYS A 274 10.67 -28.33 12.07
CA LYS A 274 9.36 -28.85 12.46
C LYS A 274 9.36 -29.32 13.91
N LEU A 275 10.44 -29.97 14.34
CA LEU A 275 10.54 -30.39 15.74
C LEU A 275 10.59 -29.18 16.67
N LEU A 276 11.33 -28.14 16.28
CA LEU A 276 11.40 -26.95 17.12
C LEU A 276 10.06 -26.26 17.22
N ARG A 277 9.28 -26.24 16.12
CA ARG A 277 7.96 -25.65 16.18
C ARG A 277 6.99 -26.52 16.98
N LEU A 278 7.18 -27.84 16.95
CA LEU A 278 6.36 -28.72 17.78
C LEU A 278 6.63 -28.50 19.26
N LEU A 279 7.90 -28.29 19.61
CA LEU A 279 8.27 -28.05 21.00
C LEU A 279 7.69 -26.74 21.56
N GLN A 280 7.15 -25.88 20.71
CA GLN A 280 6.57 -24.62 21.16
C GLN A 280 5.09 -24.74 21.52
N CYS A 281 4.45 -25.87 21.22
CA CYS A 281 3.10 -26.13 21.68
C CYS A 281 3.03 -26.52 23.15
N TYR A 282 4.18 -26.55 23.83
CA TYR A 282 4.24 -27.02 25.20
C TYR A 282 5.10 -26.09 26.04
N PRO A 283 4.89 -26.06 27.35
CA PRO A 283 5.82 -25.38 28.24
C PRO A 283 7.16 -26.10 28.24
N PRO A 284 8.17 -25.59 28.95
CA PRO A 284 9.44 -26.30 29.07
C PRO A 284 9.22 -27.74 29.50
N PRO A 285 10.10 -28.65 29.08
CA PRO A 285 9.92 -30.06 29.44
C PRO A 285 9.87 -30.25 30.94
N GLU A 286 8.89 -31.05 31.39
CA GLU A 286 8.62 -31.26 32.81
C GLU A 286 9.53 -32.31 33.44
N ASP A 287 10.67 -32.62 32.80
CA ASP A 287 11.59 -33.61 33.30
C ASP A 287 13.00 -33.06 33.10
N PRO A 288 13.84 -33.07 34.14
CA PRO A 288 15.22 -32.59 33.97
C PRO A 288 16.02 -33.39 32.96
N ALA A 289 15.78 -34.71 32.88
CA ALA A 289 16.56 -35.56 31.99
C ALA A 289 16.33 -35.25 30.52
N VAL A 290 15.20 -34.63 30.16
CA VAL A 290 14.92 -34.32 28.77
C VAL A 290 15.10 -32.83 28.52
N ARG A 291 14.81 -32.00 29.52
CA ARG A 291 15.04 -30.56 29.35
C ARG A 291 16.53 -30.24 29.31
N GLY A 292 17.34 -31.05 29.99
CA GLY A 292 18.78 -30.89 29.86
C GLY A 292 19.27 -31.19 28.46
N ARG A 293 18.78 -32.28 27.87
CA ARG A 293 19.11 -32.58 26.48
C ARG A 293 18.61 -31.50 25.54
N LEU A 294 17.42 -30.94 25.84
CA LEU A 294 16.88 -29.86 25.02
C LEU A 294 17.79 -28.64 25.06
N THR A 295 18.22 -28.25 26.26
CA THR A 295 19.09 -27.08 26.38
C THR A 295 20.45 -27.34 25.77
N GLU A 296 20.97 -28.57 25.87
CA GLU A 296 22.25 -28.87 25.25
C GLU A 296 22.14 -28.87 23.73
N CYS A 297 21.02 -29.35 23.19
CA CYS A 297 20.81 -29.28 21.75
C CYS A 297 20.69 -27.85 21.28
N LEU A 298 20.01 -27.00 22.06
CA LEU A 298 19.91 -25.59 21.69
C LEU A 298 21.27 -24.90 21.76
N GLU A 299 22.08 -25.24 22.76
CA GLU A 299 23.43 -24.70 22.83
C GLU A 299 24.28 -25.17 21.65
N THR A 300 24.11 -26.43 21.24
CA THR A 300 24.84 -26.94 20.08
C THR A 300 24.42 -26.22 18.80
N ILE A 301 23.11 -25.95 18.66
CA ILE A 301 22.63 -25.22 17.50
C ILE A 301 23.19 -23.80 17.49
N LEU A 302 23.22 -23.15 18.66
CA LEU A 302 23.78 -21.80 18.73
C LEU A 302 25.27 -21.78 18.47
N ASN A 303 25.99 -22.82 18.89
CA ASN A 303 27.44 -22.87 18.68
C ASN A 303 27.79 -23.23 17.24
N LYS A 304 26.97 -24.05 16.58
CA LYS A 304 27.27 -24.45 15.22
C LYS A 304 27.20 -23.27 14.25
N ALA A 305 26.43 -22.24 14.57
CA ALA A 305 26.32 -21.08 13.72
C ALA A 305 27.51 -20.14 13.84
N GLN A 306 28.29 -20.25 14.92
CA GLN A 306 29.51 -19.47 15.06
C GLN A 306 30.72 -20.17 14.46
N GLU A 307 30.58 -21.43 14.05
CA GLU A 307 31.67 -22.15 13.40
C GLU A 307 31.74 -21.78 11.93
N PRO A 308 32.93 -21.83 11.34
CA PRO A 308 33.07 -21.54 9.90
C PRO A 308 32.24 -22.50 9.07
N PRO A 309 31.50 -22.00 8.09
CA PRO A 309 30.60 -22.87 7.33
C PRO A 309 31.37 -23.83 6.44
N LYS A 310 30.82 -25.05 6.30
CA LYS A 310 31.40 -26.05 5.42
C LYS A 310 31.13 -25.80 3.96
N SER A 311 30.25 -24.85 3.63
CA SER A 311 29.89 -24.57 2.25
C SER A 311 29.64 -23.07 2.10
N LYS A 312 30.13 -22.51 0.99
CA LYS A 312 29.95 -21.09 0.70
C LYS A 312 28.64 -20.81 -0.02
N LYS A 313 27.84 -21.83 -0.34
CA LYS A 313 26.57 -21.61 -0.99
C LYS A 313 25.57 -20.93 -0.05
N VAL A 314 24.68 -20.14 -0.63
CA VAL A 314 23.65 -19.47 0.16
C VAL A 314 22.60 -20.46 0.66
N GLN A 315 22.55 -21.66 0.08
CA GLN A 315 21.59 -22.67 0.52
C GLN A 315 21.94 -23.17 1.91
N HIS A 316 23.21 -23.53 2.14
CA HIS A 316 23.66 -23.95 3.46
C HIS A 316 23.41 -22.87 4.50
N SER A 317 23.78 -21.63 4.16
CA SER A 317 23.53 -20.50 5.05
C SER A 317 22.06 -20.39 5.40
N ASN A 318 21.19 -20.37 4.39
CA ASN A 318 19.77 -20.17 4.63
C ASN A 318 19.17 -21.31 5.44
N ALA A 319 19.59 -22.55 5.18
CA ALA A 319 19.04 -23.69 5.91
C ALA A 319 19.45 -23.65 7.38
N LYS A 320 20.75 -23.53 7.66
CA LYS A 320 21.17 -23.51 9.05
C LYS A 320 20.62 -22.27 9.77
N ASN A 321 20.44 -21.16 9.06
CA ASN A 321 19.86 -19.98 9.70
C ASN A 321 18.37 -20.15 9.93
N ALA A 322 17.68 -20.91 9.10
CA ALA A 322 16.28 -21.22 9.35
C ALA A 322 16.14 -22.04 10.62
N VAL A 323 16.97 -23.09 10.76
CA VAL A 323 16.88 -23.89 11.98
C VAL A 323 17.30 -23.07 13.19
N LEU A 324 18.24 -22.12 13.01
CA LEU A 324 18.65 -21.27 14.13
C LEU A 324 17.53 -20.32 14.54
N PHE A 325 16.85 -19.69 13.57
CA PHE A 325 15.75 -18.79 13.89
C PHE A 325 14.61 -19.55 14.56
N GLU A 326 14.38 -20.80 14.14
CA GLU A 326 13.33 -21.58 14.80
C GLU A 326 13.74 -21.94 16.24
N ALA A 327 15.01 -22.26 16.45
CA ALA A 327 15.48 -22.49 17.80
C ALA A 327 15.35 -21.24 18.66
N ILE A 328 15.61 -20.07 18.07
CA ILE A 328 15.46 -18.81 18.81
C ILE A 328 14.00 -18.56 19.14
N SER A 329 13.10 -18.91 18.22
CA SER A 329 11.68 -18.78 18.51
C SER A 329 11.27 -19.68 19.67
N LEU A 330 11.78 -20.91 19.68
CA LEU A 330 11.51 -21.82 20.80
C LEU A 330 12.07 -21.26 22.11
N ILE A 331 13.27 -20.67 22.07
CA ILE A 331 13.86 -20.08 23.26
C ILE A 331 13.00 -18.93 23.77
N ILE A 332 12.52 -18.10 22.85
CA ILE A 332 11.63 -16.99 23.22
C ILE A 332 10.34 -17.54 23.84
N HIS A 333 9.81 -18.63 23.29
CA HIS A 333 8.59 -19.21 23.82
C HIS A 333 8.78 -19.72 25.24
N HIS A 334 9.87 -20.48 25.47
CA HIS A 334 10.13 -21.00 26.80
C HIS A 334 10.36 -19.88 27.80
N ASP A 335 11.25 -18.95 27.47
CA ASP A 335 11.66 -17.87 28.38
C ASP A 335 12.22 -18.41 29.69
N SER A 336 12.79 -19.61 29.64
CA SER A 336 13.32 -20.29 30.82
C SER A 336 14.81 -20.04 31.01
N GLU A 337 15.62 -20.45 30.04
CA GLU A 337 17.06 -20.33 30.15
C GLU A 337 17.50 -18.93 29.74
N PRO A 338 18.05 -18.12 30.64
CA PRO A 338 18.53 -16.79 30.25
C PRO A 338 19.82 -16.82 29.45
N ASN A 339 20.63 -17.88 29.58
CA ASN A 339 21.80 -18.03 28.73
C ASN A 339 21.40 -18.07 27.26
N LEU A 340 20.40 -18.90 26.93
CA LEU A 340 19.94 -18.99 25.56
C LEU A 340 19.30 -17.69 25.10
N LEU A 341 18.61 -16.99 26.00
CA LEU A 341 18.02 -15.69 25.65
C LEU A 341 19.10 -14.68 25.29
N VAL A 342 20.14 -14.57 26.12
CA VAL A 342 21.23 -13.62 25.85
C VAL A 342 21.98 -14.01 24.58
N ARG A 343 22.23 -15.30 24.38
CA ARG A 343 22.92 -15.74 23.17
C ARG A 343 22.11 -15.42 21.92
N ALA A 344 20.80 -15.68 21.96
CA ALA A 344 19.95 -15.36 20.82
C ALA A 344 19.92 -13.85 20.57
N CYS A 345 19.88 -13.06 21.64
CA CYS A 345 19.89 -11.61 21.46
C CYS A 345 21.19 -11.15 20.80
N ASN A 346 22.32 -11.68 21.26
CA ASN A 346 23.61 -11.31 20.66
C ASN A 346 23.67 -11.74 19.20
N GLN A 347 23.15 -12.93 18.88
CA GLN A 347 23.21 -13.41 17.51
C GLN A 347 22.31 -12.58 16.59
N LEU A 348 21.13 -12.20 17.08
CA LEU A 348 20.26 -11.33 16.30
C LEU A 348 20.89 -9.95 16.10
N GLY A 349 21.53 -9.41 17.14
CA GLY A 349 22.25 -8.16 16.98
C GLY A 349 23.37 -8.26 15.98
N GLN A 350 24.05 -9.41 15.95
CA GLN A 350 25.09 -9.64 14.94
C GLN A 350 24.49 -9.65 13.54
N PHE A 351 23.37 -10.37 13.37
CA PHE A 351 22.70 -10.42 12.07
C PHE A 351 22.16 -9.06 11.66
N LEU A 352 21.94 -8.14 12.60
CA LEU A 352 21.50 -6.79 12.26
C LEU A 352 22.49 -6.08 11.34
N GLN A 353 23.75 -6.53 11.29
CA GLN A 353 24.76 -5.95 10.43
C GLN A 353 25.09 -6.81 9.22
N HIS A 354 24.29 -7.84 8.95
CA HIS A 354 24.59 -8.77 7.88
C HIS A 354 24.41 -8.09 6.52
N ARG A 355 25.17 -8.59 5.53
CA ARG A 355 25.08 -8.04 4.18
C ARG A 355 23.79 -8.43 3.48
N GLU A 356 23.12 -9.48 3.94
CA GLU A 356 21.92 -9.99 3.30
C GLU A 356 20.69 -9.35 3.93
N THR A 357 19.85 -8.74 3.10
CA THR A 357 18.68 -8.04 3.61
C THR A 357 17.68 -8.99 4.28
N ASN A 358 17.65 -10.25 3.83
CA ASN A 358 16.76 -11.23 4.45
C ASN A 358 17.10 -11.42 5.93
N LEU A 359 18.39 -11.56 6.24
CA LEU A 359 18.79 -11.80 7.62
C LEU A 359 18.56 -10.58 8.50
N ARG A 360 18.81 -9.38 7.97
CA ARG A 360 18.49 -8.17 8.73
C ARG A 360 17.00 -8.08 9.02
N TYR A 361 16.17 -8.36 8.01
CA TYR A 361 14.72 -8.38 8.21
C TYR A 361 14.33 -9.35 9.32
N LEU A 362 14.82 -10.59 9.22
CA LEU A 362 14.42 -11.61 10.19
C LEU A 362 14.95 -11.31 11.59
N ALA A 363 16.12 -10.68 11.70
CA ALA A 363 16.64 -10.34 13.03
C ALA A 363 15.84 -9.20 13.65
N LEU A 364 15.53 -8.16 12.86
CA LEU A 364 14.66 -7.09 13.35
C LEU A 364 13.29 -7.64 13.74
N GLU A 365 12.84 -8.70 13.08
CA GLU A 365 11.56 -9.31 13.43
C GLU A 365 11.65 -10.17 14.69
N SER A 366 12.79 -10.86 14.88
CA SER A 366 12.92 -11.81 15.97
C SER A 366 13.21 -11.11 17.30
N MET A 367 14.15 -10.18 17.32
CA MET A 367 14.41 -9.55 18.60
C MET A 367 13.31 -8.57 18.99
N CYS A 368 12.43 -8.19 18.05
CA CYS A 368 11.22 -7.48 18.41
C CYS A 368 10.37 -8.31 19.37
N THR A 369 10.24 -9.61 19.10
CA THR A 369 9.54 -10.49 20.02
C THR A 369 10.39 -10.84 21.24
N LEU A 370 11.71 -10.88 21.07
CA LEU A 370 12.60 -11.05 22.22
C LEU A 370 12.42 -9.95 23.25
N ALA A 371 12.08 -8.74 22.80
CA ALA A 371 11.89 -7.62 23.71
C ALA A 371 10.77 -7.87 24.72
N SER A 372 9.90 -8.85 24.47
CA SER A 372 8.83 -9.14 25.42
C SER A 372 9.36 -9.76 26.70
N SER A 373 10.41 -10.56 26.61
CA SER A 373 10.96 -11.22 27.78
C SER A 373 11.53 -10.20 28.76
N GLU A 374 11.36 -10.49 30.06
CA GLU A 374 11.88 -9.58 31.08
C GLU A 374 13.40 -9.58 31.12
N PHE A 375 14.03 -10.73 30.85
CA PHE A 375 15.48 -10.84 31.02
C PHE A 375 16.24 -10.18 29.88
N SER A 376 15.76 -10.34 28.64
CA SER A 376 16.50 -9.88 27.47
C SER A 376 16.16 -8.46 27.05
N HIS A 377 15.25 -7.77 27.76
CA HIS A 377 14.78 -6.48 27.30
C HIS A 377 15.91 -5.44 27.28
N GLU A 378 16.76 -5.43 28.31
CA GLU A 378 17.89 -4.51 28.33
C GLU A 378 18.95 -4.92 27.30
N ALA A 379 19.23 -6.21 27.21
CA ALA A 379 20.14 -6.70 26.18
C ALA A 379 19.64 -6.31 24.78
N VAL A 380 18.32 -6.33 24.58
CA VAL A 380 17.77 -5.88 23.30
C VAL A 380 17.96 -4.37 23.15
N LYS A 381 17.73 -3.62 24.23
CA LYS A 381 17.92 -2.17 24.19
C LYS A 381 19.34 -1.78 23.84
N THR A 382 20.30 -2.69 24.02
CA THR A 382 21.67 -2.41 23.61
C THR A 382 21.77 -1.90 22.18
N HIS A 383 21.02 -2.50 21.26
CA HIS A 383 21.18 -2.26 19.82
C HIS A 383 20.32 -1.10 19.30
N ILE A 384 19.95 -0.15 20.15
CA ILE A 384 19.04 0.90 19.72
C ILE A 384 19.69 1.80 18.68
N GLU A 385 20.99 2.08 18.84
CA GLU A 385 21.68 2.94 17.88
C GLU A 385 21.71 2.30 16.50
N THR A 386 22.01 1.00 16.45
CA THR A 386 22.05 0.31 15.16
C THR A 386 20.65 0.16 14.56
N VAL A 387 19.62 0.03 15.40
CA VAL A 387 18.26 -0.06 14.87
C VAL A 387 17.83 1.29 14.30
N ILE A 388 18.21 2.39 14.97
CA ILE A 388 17.95 3.72 14.41
C ILE A 388 18.70 3.91 13.10
N ASN A 389 19.96 3.44 13.05
CA ASN A 389 20.73 3.51 11.81
C ASN A 389 20.05 2.74 10.69
N ALA A 390 19.47 1.58 11.01
CA ALA A 390 18.73 0.82 10.00
C ALA A 390 17.46 1.56 9.58
N LEU A 391 16.80 2.23 10.52
CA LEU A 391 15.60 2.99 10.21
C LEU A 391 15.91 4.16 9.28
N LYS A 392 17.09 4.75 9.40
CA LYS A 392 17.44 5.89 8.56
C LYS A 392 18.20 5.50 7.30
N THR A 393 18.75 4.28 7.23
CA THR A 393 19.65 3.87 6.16
C THR A 393 19.00 2.92 5.17
N GLU A 394 18.24 1.94 5.64
CA GLU A 394 17.76 0.87 4.78
C GLU A 394 16.79 1.39 3.74
N ARG A 395 16.86 0.83 2.54
CA ARG A 395 16.06 1.27 1.40
C ARG A 395 14.90 0.34 1.08
N ASP A 396 14.68 -0.69 1.88
CA ASP A 396 13.49 -1.53 1.77
C ASP A 396 12.52 -1.11 2.87
N VAL A 397 11.26 -0.90 2.50
CA VAL A 397 10.33 -0.32 3.45
C VAL A 397 9.86 -1.35 4.48
N SER A 398 9.87 -2.64 4.12
CA SER A 398 9.44 -3.67 5.07
C SER A 398 10.41 -3.79 6.24
N VAL A 399 11.71 -3.73 5.97
CA VAL A 399 12.68 -3.83 7.05
C VAL A 399 12.66 -2.56 7.90
N ARG A 400 12.33 -1.42 7.31
CA ARG A 400 12.14 -0.21 8.13
C ARG A 400 10.88 -0.32 9.00
N GLN A 401 9.84 -0.98 8.50
CA GLN A 401 8.68 -1.26 9.33
C GLN A 401 9.05 -2.15 10.51
N ARG A 402 9.87 -3.18 10.24
CA ARG A 402 10.34 -4.03 11.33
C ARG A 402 11.22 -3.26 12.31
N ALA A 403 12.00 -2.30 11.81
CA ALA A 403 12.81 -1.46 12.70
C ALA A 403 11.94 -0.58 13.58
N VAL A 404 10.87 -0.01 13.01
CA VAL A 404 9.91 0.75 13.82
C VAL A 404 9.29 -0.14 14.88
N ASP A 405 8.87 -1.34 14.48
CA ASP A 405 8.27 -2.28 15.42
C ASP A 405 9.24 -2.66 16.53
N LEU A 406 10.54 -2.73 16.22
CA LEU A 406 11.52 -3.06 17.25
C LEU A 406 11.77 -1.88 18.18
N LEU A 407 11.88 -0.67 17.64
CA LEU A 407 12.02 0.51 18.49
C LEU A 407 10.80 0.70 19.38
N TYR A 408 9.64 0.23 18.94
CA TYR A 408 8.43 0.29 19.75
C TYR A 408 8.31 -0.91 20.69
N ALA A 409 9.00 -2.01 20.38
CA ALA A 409 9.08 -3.13 21.30
C ALA A 409 10.01 -2.83 22.46
N MET A 410 11.05 -2.03 22.23
CA MET A 410 12.04 -1.72 23.24
C MET A 410 11.78 -0.39 23.94
N CYS A 411 10.63 0.23 23.70
CA CYS A 411 10.33 1.48 24.37
C CYS A 411 10.12 1.27 25.86
N ASP A 412 10.75 2.13 26.64
CA ASP A 412 10.59 2.20 28.08
C ASP A 412 10.81 3.66 28.47
N ARG A 413 10.79 3.93 29.77
CA ARG A 413 10.90 5.32 30.23
C ARG A 413 12.25 5.91 29.84
N SER A 414 13.32 5.12 29.88
CA SER A 414 14.63 5.63 29.50
C SER A 414 14.74 5.90 28.01
N ASN A 415 13.88 5.28 27.19
CA ASN A 415 13.94 5.39 25.74
C ASN A 415 13.02 6.45 25.16
N ALA A 416 11.88 6.69 25.82
CA ALA A 416 10.72 7.32 25.18
C ALA A 416 11.08 8.61 24.43
N GLN A 417 11.90 9.46 25.04
CA GLN A 417 12.24 10.73 24.42
C GLN A 417 12.92 10.52 23.07
N GLN A 418 14.05 9.82 23.08
CA GLN A 418 14.83 9.59 21.86
C GLN A 418 14.04 8.82 20.81
N ILE A 419 13.36 7.76 21.24
CA ILE A 419 12.63 6.91 20.30
C ILE A 419 11.48 7.68 19.66
N VAL A 420 10.76 8.48 20.46
CA VAL A 420 9.66 9.27 19.91
C VAL A 420 10.19 10.33 18.95
N ALA A 421 11.33 10.95 19.29
CA ALA A 421 11.92 11.93 18.39
C ALA A 421 12.29 11.30 17.05
N GLU A 422 12.89 10.11 17.08
CA GLU A 422 13.30 9.46 15.84
C GLU A 422 12.09 8.99 15.03
N MET A 423 11.06 8.48 15.70
CA MET A 423 9.84 8.12 15.00
C MET A 423 9.19 9.33 14.35
N LEU A 424 9.21 10.48 15.03
CA LEU A 424 8.69 11.70 14.45
C LEU A 424 9.47 12.11 13.21
N SER A 425 10.81 12.09 13.31
CA SER A 425 11.62 12.47 12.16
C SER A 425 11.41 11.52 10.98
N TYR A 426 11.19 10.23 11.27
CA TYR A 426 10.92 9.26 10.22
C TYR A 426 9.51 9.38 9.65
N LEU A 427 8.58 9.94 10.41
CA LEU A 427 7.20 10.04 9.94
C LEU A 427 7.02 11.06 8.83
N GLU A 428 7.84 12.11 8.80
CA GLU A 428 7.64 13.18 7.82
C GLU A 428 8.07 12.80 6.42
N THR A 429 8.88 11.74 6.27
CA THR A 429 9.31 11.27 4.96
C THR A 429 8.91 9.82 4.73
N ALA A 430 7.85 9.37 5.41
CA ALA A 430 7.43 7.98 5.38
C ALA A 430 6.35 7.76 4.32
N ASP A 431 6.27 6.52 3.83
CA ASP A 431 5.21 6.14 2.89
C ASP A 431 3.85 6.34 3.56
N TYR A 432 2.92 6.93 2.81
CA TYR A 432 1.62 7.27 3.38
C TYR A 432 0.79 6.03 3.73
N SER A 433 1.12 4.88 3.15
CA SER A 433 0.37 3.65 3.42
C SER A 433 0.50 3.18 4.86
N ILE A 434 1.44 3.72 5.63
CA ILE A 434 1.72 3.23 6.98
C ILE A 434 1.78 4.37 7.97
N ARG A 435 1.45 5.59 7.52
CA ARG A 435 1.59 6.76 8.38
C ARG A 435 0.66 6.71 9.58
N GLU A 436 -0.50 6.06 9.44
CA GLU A 436 -1.46 6.02 10.54
C GLU A 436 -0.97 5.12 11.67
N GLU A 437 -0.38 3.96 11.33
CA GLU A 437 0.12 3.06 12.37
C GLU A 437 1.25 3.71 13.15
N ILE A 438 2.12 4.45 12.47
CA ILE A 438 3.21 5.14 13.15
C ILE A 438 2.65 6.20 14.10
N VAL A 439 1.61 6.92 13.66
CA VAL A 439 1.00 7.92 14.52
C VAL A 439 0.37 7.27 15.75
N LEU A 440 -0.32 6.14 15.55
CA LEU A 440 -0.94 5.43 16.67
C LEU A 440 0.13 4.97 17.66
N LYS A 441 1.22 4.39 17.15
CA LYS A 441 2.27 3.90 18.03
C LYS A 441 2.97 5.03 18.77
N VAL A 442 3.15 6.18 18.11
CA VAL A 442 3.78 7.31 18.77
C VAL A 442 2.88 7.86 19.86
N ALA A 443 1.58 7.97 19.59
CA ALA A 443 0.64 8.41 20.63
C ALA A 443 0.63 7.43 21.80
N ILE A 444 0.69 6.13 21.50
CA ILE A 444 0.67 5.12 22.56
C ILE A 444 1.92 5.23 23.43
N LEU A 445 3.09 5.38 22.80
CA LEU A 445 4.33 5.51 23.56
C LEU A 445 4.34 6.82 24.37
N ALA A 446 3.84 7.91 23.78
CA ALA A 446 3.84 9.19 24.47
C ALA A 446 2.90 9.17 25.67
N GLU A 447 1.76 8.50 25.56
CA GLU A 447 0.85 8.40 26.70
C GLU A 447 1.36 7.41 27.74
N LYS A 448 2.05 6.36 27.30
CA LYS A 448 2.43 5.27 28.20
C LYS A 448 3.69 5.58 29.00
N TYR A 449 4.61 6.38 28.44
CA TYR A 449 5.87 6.70 29.10
C TYR A 449 6.05 8.19 29.28
N ALA A 450 4.95 8.91 29.50
CA ALA A 450 5.02 10.35 29.74
C ALA A 450 5.53 10.60 31.15
N VAL A 451 6.78 11.07 31.25
CA VAL A 451 7.29 11.55 32.52
C VAL A 451 6.94 13.02 32.75
N ASP A 452 6.57 13.73 31.70
CA ASP A 452 6.25 15.16 31.77
C ASP A 452 5.19 15.42 30.72
N TYR A 453 3.94 15.63 31.16
CA TYR A 453 2.82 15.65 30.23
C TYR A 453 2.88 16.82 29.26
N THR A 454 3.64 17.87 29.59
CA THR A 454 3.93 18.90 28.60
C THR A 454 4.62 18.28 27.38
N TRP A 455 5.45 17.27 27.59
CA TRP A 455 6.06 16.56 26.48
C TRP A 455 5.03 15.75 25.71
N TYR A 456 4.02 15.19 26.40
CA TYR A 456 2.97 14.45 25.71
C TYR A 456 2.20 15.36 24.76
N VAL A 457 1.74 16.51 25.26
CA VAL A 457 0.97 17.42 24.42
C VAL A 457 1.84 17.95 23.28
N ASP A 458 3.10 18.30 23.58
CA ASP A 458 4.01 18.72 22.52
C ASP A 458 4.19 17.63 21.47
N THR A 459 4.34 16.38 21.90
CA THR A 459 4.62 15.28 20.98
C THR A 459 3.47 15.05 20.02
N ILE A 460 2.25 14.97 20.54
CA ILE A 460 1.18 14.67 19.59
C ILE A 460 0.70 15.92 18.86
N LEU A 461 1.03 17.12 19.35
CA LEU A 461 0.86 18.29 18.51
C LEU A 461 1.86 18.27 17.35
N ASN A 462 3.06 17.75 17.60
CA ASN A 462 4.02 17.52 16.51
C ASN A 462 3.44 16.53 15.51
N LEU A 463 2.82 15.45 16.01
CA LEU A 463 2.09 14.51 15.16
C LEU A 463 1.08 15.23 14.28
N ILE A 464 0.27 16.12 14.87
CA ILE A 464 -0.75 16.80 14.10
C ILE A 464 -0.14 17.71 13.05
N ARG A 465 0.96 18.38 13.41
CA ARG A 465 1.66 19.24 12.44
C ARG A 465 2.13 18.43 11.23
N ILE A 466 2.88 17.35 11.48
CA ILE A 466 3.44 16.55 10.40
C ILE A 466 2.34 15.81 9.67
N ALA A 467 1.71 14.88 10.39
CA ALA A 467 0.54 14.12 9.99
C ALA A 467 -0.68 14.99 10.21
N GLY A 468 -1.82 14.36 10.50
CA GLY A 468 -3.06 15.04 10.80
C GLY A 468 -4.20 14.52 9.95
N ASP A 469 -3.88 14.06 8.76
CA ASP A 469 -4.74 13.18 8.00
C ASP A 469 -4.60 11.75 8.50
N TYR A 470 -3.56 11.50 9.29
CA TYR A 470 -3.21 10.19 9.80
C TYR A 470 -3.31 10.11 11.31
N VAL A 471 -3.69 11.19 11.98
CA VAL A 471 -4.04 11.13 13.38
C VAL A 471 -5.53 10.87 13.46
N SER A 472 -5.89 9.84 14.22
CA SER A 472 -7.27 9.38 14.19
C SER A 472 -8.13 10.19 15.14
N GLU A 473 -9.43 9.89 15.10
CA GLU A 473 -10.36 10.42 16.08
C GLU A 473 -9.88 10.15 17.49
N GLU A 474 -9.47 8.91 17.75
CA GLU A 474 -9.11 8.48 19.09
C GLU A 474 -7.90 9.25 19.63
N VAL A 475 -6.95 9.58 18.76
CA VAL A 475 -5.74 10.27 19.22
C VAL A 475 -6.06 11.69 19.68
N TRP A 476 -6.79 12.44 18.87
CA TRP A 476 -7.11 13.79 19.28
C TRP A 476 -8.25 13.85 20.30
N TYR A 477 -9.00 12.76 20.49
CA TYR A 477 -9.84 12.68 21.69
C TYR A 477 -8.98 12.52 22.94
N ARG A 478 -8.01 11.62 22.88
CA ARG A 478 -7.19 11.31 24.05
C ARG A 478 -6.42 12.53 24.52
N VAL A 479 -5.97 13.38 23.59
CA VAL A 479 -5.28 14.58 24.05
C VAL A 479 -6.21 15.45 24.90
N ILE A 480 -7.47 15.60 24.48
CA ILE A 480 -8.41 16.43 25.22
C ILE A 480 -8.73 15.79 26.57
N GLN A 481 -8.93 14.48 26.59
CA GLN A 481 -9.20 13.78 27.84
C GLN A 481 -8.06 13.99 28.84
N ILE A 482 -6.81 13.85 28.37
CA ILE A 482 -5.67 13.98 29.26
C ILE A 482 -5.49 15.43 29.72
N VAL A 483 -5.79 16.40 28.86
CA VAL A 483 -5.73 17.80 29.29
C VAL A 483 -6.78 18.08 30.35
N ILE A 484 -7.98 17.53 30.19
CA ILE A 484 -9.03 17.73 31.19
C ILE A 484 -8.63 17.10 32.51
N ASN A 485 -8.05 15.90 32.48
CA ASN A 485 -7.73 15.19 33.71
C ASN A 485 -6.49 15.74 34.40
N ARG A 486 -5.50 16.23 33.64
CA ARG A 486 -4.26 16.75 34.20
C ARG A 486 -4.43 18.24 34.46
N ASP A 487 -4.59 18.61 35.73
CA ASP A 487 -4.87 20.00 36.08
C ASP A 487 -3.67 20.92 35.89
N ASP A 488 -2.45 20.39 35.92
CA ASP A 488 -1.24 21.21 35.98
C ASP A 488 -0.60 21.46 34.62
N VAL A 489 -1.24 21.05 33.53
CA VAL A 489 -0.68 21.29 32.20
C VAL A 489 -1.73 21.98 31.32
N GLN A 490 -2.81 22.44 31.93
CA GLN A 490 -3.89 23.05 31.18
C GLN A 490 -3.48 24.40 30.58
N GLY A 491 -2.84 25.24 31.38
CA GLY A 491 -2.39 26.53 30.88
C GLY A 491 -1.34 26.40 29.79
N TYR A 492 -0.41 25.45 29.96
CA TYR A 492 0.57 25.19 28.91
C TYR A 492 -0.11 24.76 27.62
N ALA A 493 -1.07 23.83 27.73
CA ALA A 493 -1.79 23.38 26.54
C ALA A 493 -2.48 24.55 25.85
N ALA A 494 -3.12 25.43 26.63
CA ALA A 494 -3.81 26.58 26.04
C ALA A 494 -2.83 27.48 25.30
N LYS A 495 -1.75 27.89 25.97
CA LYS A 495 -0.77 28.77 25.34
C LYS A 495 -0.17 28.15 24.08
N THR A 496 0.27 26.89 24.20
CA THR A 496 0.95 26.23 23.09
C THR A 496 0.00 26.03 21.90
N VAL A 497 -1.25 25.67 22.16
CA VAL A 497 -2.17 25.44 21.05
C VAL A 497 -2.63 26.76 20.45
N PHE A 498 -2.66 27.84 21.23
CA PHE A 498 -2.87 29.17 20.65
C PHE A 498 -1.75 29.51 19.68
N GLU A 499 -0.51 29.33 20.11
CA GLU A 499 0.62 29.60 19.23
C GLU A 499 0.59 28.71 17.99
N ALA A 500 0.20 27.45 18.15
CA ALA A 500 0.11 26.54 17.01
C ALA A 500 -0.99 26.97 16.04
N LEU A 501 -2.10 27.48 16.57
CA LEU A 501 -3.16 27.99 15.72
C LEU A 501 -2.70 29.24 14.97
N GLN A 502 -1.83 30.05 15.58
CA GLN A 502 -1.32 31.23 14.89
C GLN A 502 -0.34 30.89 13.77
N ALA A 503 -0.05 29.60 13.54
CA ALA A 503 0.83 29.21 12.43
C ALA A 503 0.18 29.59 11.10
N PRO A 504 0.99 29.78 10.05
CA PRO A 504 0.41 30.15 8.75
C PRO A 504 -0.61 29.15 8.24
N ALA A 505 -0.24 27.88 8.14
CA ALA A 505 -1.16 26.81 7.74
C ALA A 505 -1.23 25.78 8.86
N CYS A 506 -2.41 25.63 9.45
CA CYS A 506 -2.62 24.68 10.52
C CYS A 506 -3.67 23.65 10.10
N HIS A 507 -3.56 22.45 10.64
CA HIS A 507 -4.42 21.36 10.24
C HIS A 507 -5.81 21.50 10.86
N GLU A 508 -6.80 20.91 10.19
CA GLU A 508 -8.17 20.95 10.70
C GLU A 508 -8.29 20.22 12.04
N ASN A 509 -7.49 19.16 12.25
CA ASN A 509 -7.48 18.49 13.54
C ASN A 509 -6.87 19.39 14.62
N LEU A 510 -5.84 20.17 14.24
CA LEU A 510 -5.34 21.18 15.16
C LEU A 510 -6.42 22.21 15.47
N VAL A 511 -7.24 22.55 14.48
CA VAL A 511 -8.35 23.47 14.73
C VAL A 511 -9.32 22.85 15.74
N LYS A 512 -9.66 21.57 15.57
CA LYS A 512 -10.52 20.88 16.52
C LYS A 512 -9.95 20.96 17.94
N VAL A 513 -8.71 20.48 18.11
CA VAL A 513 -8.10 20.39 19.43
C VAL A 513 -7.96 21.77 20.05
N GLY A 514 -7.51 22.75 19.27
CA GLY A 514 -7.30 24.09 19.81
C GLY A 514 -8.59 24.78 20.15
N GLY A 515 -9.59 24.68 19.27
CA GLY A 515 -10.90 25.23 19.59
C GLY A 515 -11.46 24.68 20.89
N TYR A 516 -11.32 23.37 21.11
CA TYR A 516 -11.81 22.83 22.36
C TYR A 516 -11.00 23.33 23.55
N ILE A 517 -9.67 23.17 23.48
CA ILE A 517 -8.81 23.55 24.60
C ILE A 517 -9.07 25.01 24.98
N LEU A 518 -9.28 25.86 23.97
CA LEU A 518 -9.55 27.27 24.24
C LEU A 518 -10.95 27.51 24.76
N GLY A 519 -11.98 26.94 24.14
CA GLY A 519 -13.31 27.09 24.71
C GLY A 519 -13.42 26.63 26.15
N GLU A 520 -12.48 25.82 26.62
CA GLU A 520 -12.51 25.35 28.01
C GLU A 520 -11.54 26.10 28.92
N PHE A 521 -10.29 26.26 28.50
CA PHE A 521 -9.21 26.86 29.29
C PHE A 521 -8.56 28.04 28.57
N GLY A 522 -9.33 28.79 27.80
CA GLY A 522 -8.79 29.98 27.19
C GLY A 522 -8.82 31.17 28.09
N ASN A 523 -9.51 31.02 29.23
CA ASN A 523 -9.40 32.00 30.29
C ASN A 523 -7.99 31.99 30.89
N LEU A 524 -7.30 30.84 30.82
CA LEU A 524 -5.97 30.71 31.39
C LEU A 524 -4.93 31.57 30.69
N ILE A 525 -5.28 32.20 29.56
CA ILE A 525 -4.38 33.11 28.86
C ILE A 525 -5.06 34.40 28.45
N ALA A 526 -6.34 34.58 28.77
CA ALA A 526 -7.12 35.67 28.17
C ALA A 526 -6.66 37.05 28.62
N GLY A 527 -6.05 37.15 29.81
CA GLY A 527 -5.58 38.44 30.28
C GLY A 527 -4.51 39.07 29.41
N ASP A 528 -3.79 38.26 28.64
CA ASP A 528 -2.76 38.77 27.74
C ASP A 528 -3.41 39.41 26.52
N PRO A 529 -2.92 40.56 26.07
CA PRO A 529 -3.54 41.21 24.90
C PRO A 529 -3.41 40.40 23.62
N ARG A 530 -2.26 39.75 23.41
CA ARG A 530 -2.13 38.89 22.23
C ARG A 530 -3.03 37.67 22.34
N SER A 531 -3.30 37.21 23.57
CA SER A 531 -4.23 36.11 23.81
C SER A 531 -5.60 36.60 24.27
N SER A 532 -5.98 37.82 23.87
CA SER A 532 -7.21 38.42 24.33
C SER A 532 -8.41 37.66 23.78
N PRO A 533 -9.59 37.81 24.40
CA PRO A 533 -10.77 37.07 23.91
C PRO A 533 -11.11 37.35 22.47
N LEU A 534 -11.12 38.62 22.06
CA LEU A 534 -11.49 38.95 20.68
C LEU A 534 -10.43 38.47 19.69
N ILE A 535 -9.15 38.51 20.08
CA ILE A 535 -8.11 37.94 19.23
C ILE A 535 -8.35 36.45 19.02
N GLN A 536 -8.68 35.74 20.10
CA GLN A 536 -8.95 34.31 19.98
C GLN A 536 -10.16 34.04 19.10
N PHE A 537 -11.23 34.83 19.25
CA PHE A 537 -12.42 34.60 18.46
C PHE A 537 -12.15 34.87 16.98
N ASN A 538 -11.41 35.93 16.67
CA ASN A 538 -11.06 36.21 15.28
C ASN A 538 -10.15 35.13 14.71
N LEU A 539 -9.22 34.61 15.53
CA LEU A 539 -8.34 33.55 15.06
C LEU A 539 -9.11 32.27 14.79
N LEU A 540 -10.12 31.98 15.61
CA LEU A 540 -10.93 30.78 15.39
C LEU A 540 -11.84 30.93 14.18
N HIS A 541 -12.47 32.10 14.03
CA HIS A 541 -13.37 32.32 12.90
C HIS A 541 -12.62 32.53 11.60
N SER A 542 -11.32 32.82 11.66
CA SER A 542 -10.50 32.85 10.45
C SER A 542 -10.31 31.46 9.85
N LYS A 543 -10.60 30.41 10.61
CA LYS A 543 -10.52 29.04 10.14
C LYS A 543 -11.87 28.34 10.17
N PHE A 544 -12.94 29.07 10.48
CA PHE A 544 -14.25 28.44 10.66
C PHE A 544 -14.78 27.87 9.34
N HIS A 545 -14.67 28.64 8.26
CA HIS A 545 -15.23 28.20 6.98
C HIS A 545 -14.30 27.28 6.21
N LEU A 546 -13.02 27.23 6.58
CA LEU A 546 -12.10 26.31 5.91
C LEU A 546 -12.39 24.86 6.29
N CYS A 547 -13.00 24.64 7.45
CA CYS A 547 -13.19 23.31 8.01
C CYS A 547 -14.60 22.80 7.69
N SER A 548 -14.76 21.49 7.82
CA SER A 548 -16.03 20.84 7.50
C SER A 548 -17.00 20.96 8.67
N VAL A 549 -18.18 20.34 8.51
CA VAL A 549 -19.28 20.58 9.45
C VAL A 549 -18.99 20.12 10.87
N PRO A 550 -18.31 18.99 11.14
CA PRO A 550 -18.07 18.65 12.55
C PRO A 550 -17.18 19.65 13.27
N THR A 551 -16.12 20.10 12.60
CA THR A 551 -15.27 21.13 13.19
C THR A 551 -16.03 22.43 13.40
N ARG A 552 -16.95 22.76 12.49
CA ARG A 552 -17.74 23.97 12.66
C ARG A 552 -18.70 23.84 13.84
N ALA A 553 -19.24 22.64 14.09
CA ALA A 553 -20.11 22.46 15.25
C ALA A 553 -19.31 22.54 16.55
N LEU A 554 -18.13 21.92 16.57
CA LEU A 554 -17.24 22.06 17.72
C LEU A 554 -16.90 23.54 17.95
N LEU A 555 -16.70 24.30 16.87
CA LEU A 555 -16.39 25.71 17.01
C LEU A 555 -17.60 26.52 17.48
N LEU A 556 -18.81 26.10 17.12
CA LEU A 556 -20.00 26.76 17.66
C LEU A 556 -20.10 26.54 19.17
N SER A 557 -19.81 25.32 19.62
CA SER A 557 -19.73 25.09 21.06
C SER A 557 -18.66 25.98 21.69
N THR A 558 -17.49 26.08 21.06
CA THR A 558 -16.44 26.95 21.55
C THR A 558 -16.90 28.41 21.61
N TYR A 559 -17.71 28.83 20.64
CA TYR A 559 -18.14 30.22 20.58
C TYR A 559 -19.15 30.54 21.67
N ILE A 560 -20.07 29.63 21.94
CA ILE A 560 -20.99 29.90 23.06
C ILE A 560 -20.21 29.86 24.38
N LYS A 561 -19.20 29.00 24.48
CA LYS A 561 -18.34 29.02 25.66
C LYS A 561 -17.61 30.36 25.78
N PHE A 562 -17.21 30.95 24.65
CA PHE A 562 -16.57 32.26 24.70
C PHE A 562 -17.55 33.34 25.11
N VAL A 563 -18.80 33.23 24.66
CA VAL A 563 -19.84 34.18 25.07
C VAL A 563 -20.01 34.15 26.58
N ASN A 564 -20.05 32.94 27.16
CA ASN A 564 -20.19 32.85 28.60
C ASN A 564 -18.92 33.30 29.32
N LEU A 565 -17.75 32.94 28.82
CA LEU A 565 -16.50 33.17 29.53
C LEU A 565 -16.07 34.64 29.48
N PHE A 566 -16.29 35.30 28.35
CA PHE A 566 -15.88 36.69 28.19
C PHE A 566 -17.08 37.54 27.79
N PRO A 567 -17.53 38.47 28.64
CA PRO A 567 -18.76 39.21 28.31
C PRO A 567 -18.60 40.14 27.11
N GLU A 568 -17.43 40.77 26.95
CA GLU A 568 -17.29 41.82 25.94
C GLU A 568 -17.56 41.30 24.53
N VAL A 569 -17.17 40.05 24.25
CA VAL A 569 -17.34 39.49 22.92
C VAL A 569 -18.78 39.08 22.65
N LYS A 570 -19.62 39.04 23.69
CA LYS A 570 -21.00 38.60 23.56
C LYS A 570 -21.70 39.26 22.37
N ALA A 571 -21.81 40.60 22.40
CA ALA A 571 -22.55 41.32 21.37
C ALA A 571 -21.99 41.05 19.99
N THR A 572 -20.69 40.73 19.88
CA THR A 572 -20.13 40.45 18.56
C THR A 572 -20.47 39.02 18.12
N ILE A 573 -20.38 38.06 19.03
CA ILE A 573 -20.57 36.66 18.63
C ILE A 573 -22.01 36.40 18.25
N GLN A 574 -22.96 37.08 18.91
CA GLN A 574 -24.35 36.99 18.49
C GLN A 574 -24.52 37.48 17.05
N ASP A 575 -23.70 38.44 16.62
CA ASP A 575 -23.74 38.87 15.23
C ASP A 575 -23.47 37.69 14.29
N VAL A 576 -22.59 36.79 14.69
CA VAL A 576 -22.33 35.60 13.89
C VAL A 576 -23.44 34.57 14.07
N LEU A 577 -24.14 34.59 15.20
CA LEU A 577 -25.11 33.55 15.49
C LEU A 577 -26.39 33.73 14.69
N ARG A 578 -26.97 34.95 14.70
CA ARG A 578 -28.14 35.22 13.87
C ARG A 578 -27.78 35.65 12.46
N SER A 579 -26.50 35.57 12.08
CA SER A 579 -26.12 35.75 10.69
C SER A 579 -26.81 34.68 9.85
N ASP A 580 -27.36 35.10 8.70
CA ASP A 580 -28.17 34.21 7.88
C ASP A 580 -27.43 32.94 7.48
N SER A 581 -26.09 32.97 7.43
CA SER A 581 -25.35 31.76 7.14
C SER A 581 -25.47 30.73 8.26
N GLN A 582 -25.58 31.20 9.51
CA GLN A 582 -25.69 30.31 10.65
C GLN A 582 -27.14 29.98 10.99
N LEU A 583 -28.05 30.95 10.84
CA LEU A 583 -29.46 30.69 11.12
C LEU A 583 -30.12 29.87 10.02
N LYS A 584 -29.67 30.01 8.79
CA LYS A 584 -30.26 29.31 7.64
C LYS A 584 -29.34 28.23 7.09
N ASN A 585 -28.44 27.70 7.94
CA ASN A 585 -27.55 26.65 7.53
C ASN A 585 -28.34 25.40 7.15
N ALA A 586 -27.83 24.64 6.19
CA ALA A 586 -28.56 23.45 5.75
C ALA A 586 -28.09 22.17 6.43
N ASP A 587 -27.04 22.21 7.24
CA ASP A 587 -26.74 21.09 8.12
C ASP A 587 -27.55 21.28 9.40
N VAL A 588 -28.37 20.29 9.74
CA VAL A 588 -29.31 20.45 10.84
C VAL A 588 -28.56 20.62 12.16
N GLU A 589 -27.42 19.95 12.32
CA GLU A 589 -26.66 20.07 13.55
C GLU A 589 -26.11 21.49 13.72
N LEU A 590 -25.48 22.02 12.67
CA LEU A 590 -24.96 23.38 12.73
C LEU A 590 -26.08 24.39 13.00
N GLN A 591 -27.20 24.24 12.28
CA GLN A 591 -28.31 25.17 12.45
C GLN A 591 -28.89 25.12 13.86
N GLN A 592 -29.08 23.91 14.40
CA GLN A 592 -29.68 23.79 15.72
C GLN A 592 -28.72 24.26 16.80
N ARG A 593 -27.43 23.99 16.65
CA ARG A 593 -26.46 24.55 17.60
C ARG A 593 -26.48 26.06 17.56
N ALA A 594 -26.51 26.64 16.36
CA ALA A 594 -26.55 28.10 16.24
C ALA A 594 -27.79 28.67 16.91
N VAL A 595 -28.96 28.09 16.63
CA VAL A 595 -30.21 28.60 17.18
C VAL A 595 -30.22 28.46 18.70
N GLU A 596 -29.84 27.28 19.19
CA GLU A 596 -29.85 27.02 20.63
C GLU A 596 -28.92 27.97 21.36
N TYR A 597 -27.69 28.11 20.85
CA TYR A 597 -26.70 28.95 21.51
C TYR A 597 -27.10 30.43 21.42
N LEU A 598 -27.69 30.84 20.29
CA LEU A 598 -28.20 32.19 20.17
C LEU A 598 -29.28 32.48 21.19
N ARG A 599 -30.26 31.59 21.32
CA ARG A 599 -31.31 31.82 22.31
C ARG A 599 -30.77 31.76 23.73
N LEU A 600 -29.68 31.04 23.96
CA LEU A 600 -29.00 31.14 25.24
C LEU A 600 -28.36 32.52 25.41
N SER A 601 -27.95 33.16 24.31
CA SER A 601 -27.42 34.52 24.44
C SER A 601 -28.53 35.54 24.68
N THR A 602 -29.74 35.31 24.16
CA THR A 602 -30.84 36.26 24.31
C THR A 602 -31.91 35.80 25.28
N VAL A 603 -32.57 34.67 25.00
CA VAL A 603 -33.83 34.37 25.69
C VAL A 603 -33.58 33.96 27.13
N ALA A 604 -32.46 33.30 27.41
CA ALA A 604 -32.20 32.73 28.72
C ALA A 604 -31.65 33.77 29.68
N SER A 605 -31.65 33.41 30.96
CA SER A 605 -31.04 34.23 31.98
C SER A 605 -29.52 34.20 31.83
N THR A 606 -28.87 35.30 32.24
CA THR A 606 -27.42 35.30 32.28
C THR A 606 -26.89 34.25 33.24
N ASP A 607 -27.65 34.01 34.32
CA ASP A 607 -27.31 32.98 35.30
C ASP A 607 -27.22 31.59 34.67
N ILE A 608 -28.24 31.19 33.91
CA ILE A 608 -28.30 29.81 33.45
C ILE A 608 -27.36 29.53 32.30
N LEU A 609 -26.87 30.55 31.59
CA LEU A 609 -25.79 30.30 30.65
C LEU A 609 -24.54 29.84 31.39
N ALA A 610 -24.23 30.50 32.52
CA ALA A 610 -23.10 30.06 33.33
C ALA A 610 -23.31 28.66 33.88
N THR A 611 -24.56 28.30 34.18
CA THR A 611 -24.82 26.97 34.72
C THR A 611 -24.70 25.90 33.63
N VAL A 612 -25.35 26.13 32.49
CA VAL A 612 -25.28 25.20 31.37
C VAL A 612 -23.84 25.01 30.91
N LEU A 613 -23.03 26.07 30.98
CA LEU A 613 -21.66 26.06 30.49
C LEU A 613 -20.64 25.99 31.62
N GLU A 614 -21.01 25.38 32.73
CA GLU A 614 -20.07 25.19 33.84
C GLU A 614 -18.89 24.33 33.38
N GLU A 615 -17.79 24.43 34.13
CA GLU A 615 -16.57 23.68 33.81
C GLU A 615 -16.90 22.21 33.57
N MET A 616 -16.25 21.64 32.56
CA MET A 616 -16.56 20.25 32.20
C MET A 616 -15.87 19.29 33.16
N PRO A 617 -16.56 18.25 33.60
CA PRO A 617 -15.99 17.33 34.59
C PRO A 617 -14.84 16.54 34.00
N PRO A 618 -14.00 15.92 34.86
CA PRO A 618 -12.91 15.11 34.33
C PRO A 618 -13.42 13.90 33.57
N PHE A 619 -12.59 13.42 32.65
CA PHE A 619 -12.93 12.23 31.87
C PHE A 619 -12.74 10.98 32.72
N PRO A 620 -13.71 10.07 32.73
CA PRO A 620 -13.54 8.84 33.52
C PRO A 620 -12.39 7.99 32.98
N GLU A 621 -11.69 7.32 33.89
CA GLU A 621 -10.61 6.44 33.50
C GLU A 621 -11.15 5.28 32.67
N ARG A 622 -10.66 5.13 31.45
CA ARG A 622 -11.20 4.19 30.50
C ARG A 622 -10.05 3.50 29.75
N GLU A 623 -10.39 2.42 29.05
CA GLU A 623 -9.41 1.75 28.21
C GLU A 623 -9.04 2.64 27.02
N SER A 624 -7.76 2.63 26.66
CA SER A 624 -7.28 3.45 25.56
C SER A 624 -7.81 2.90 24.25
N SER A 625 -8.65 3.69 23.57
CA SER A 625 -9.17 3.29 22.27
C SER A 625 -8.11 3.35 21.17
N ILE A 626 -6.96 3.96 21.43
CA ILE A 626 -5.88 3.97 20.45
C ILE A 626 -5.30 2.58 20.28
N LEU A 627 -5.14 1.84 21.38
CA LEU A 627 -4.64 0.47 21.30
C LEU A 627 -5.60 -0.43 20.54
N ALA A 628 -6.91 -0.22 20.73
CA ALA A 628 -7.89 -0.98 19.97
C ALA A 628 -7.81 -0.65 18.49
N LYS A 629 -7.59 0.62 18.16
CA LYS A 629 -7.40 1.02 16.76
C LYS A 629 -6.18 0.36 16.17
N LEU A 630 -5.10 0.24 16.94
CA LEU A 630 -3.92 -0.46 16.45
C LEU A 630 -4.20 -1.94 16.23
N LYS A 631 -4.87 -2.58 17.19
CA LYS A 631 -5.06 -4.03 17.12
C LYS A 631 -6.11 -4.45 16.10
N LYS A 632 -7.02 -3.54 15.72
CA LYS A 632 -7.98 -3.89 14.67
C LYS A 632 -7.33 -3.96 13.29
N LYS A 633 -6.09 -3.49 13.15
CA LYS A 633 -5.39 -3.51 11.87
C LYS A 633 -4.38 -4.65 11.83
N MET B 1 1.09 -23.10 8.14
CA MET B 1 0.81 -23.96 7.00
C MET B 1 0.92 -23.18 5.70
N ILE B 2 1.16 -23.89 4.60
CA ILE B 2 1.23 -23.29 3.28
C ILE B 2 -0.19 -23.02 2.79
N ARG B 3 -0.51 -21.75 2.57
CA ARG B 3 -1.86 -21.43 2.11
C ARG B 3 -2.01 -21.69 0.61
N PHE B 4 -0.96 -21.42 -0.17
CA PHE B 4 -0.95 -21.90 -1.56
C PHE B 4 0.45 -21.77 -2.13
N ILE B 5 0.62 -22.32 -3.34
CA ILE B 5 1.88 -22.28 -4.07
C ILE B 5 1.58 -21.89 -5.51
N LEU B 6 2.32 -20.92 -6.03
CA LEU B 6 2.14 -20.43 -7.38
C LEU B 6 3.48 -20.41 -8.11
N ILE B 7 3.46 -20.78 -9.38
CA ILE B 7 4.59 -20.62 -10.28
C ILE B 7 4.08 -19.82 -11.45
N GLN B 8 4.59 -18.60 -11.60
CA GLN B 8 4.15 -17.66 -12.61
C GLN B 8 5.31 -17.24 -13.49
N ASN B 9 5.01 -16.46 -14.52
CA ASN B 9 6.07 -15.85 -15.31
C ASN B 9 5.95 -14.33 -15.28
N ARG B 10 7.06 -13.69 -15.62
CA ARG B 10 7.14 -12.23 -15.60
C ARG B 10 6.07 -11.60 -16.48
N ALA B 11 5.64 -12.29 -17.54
CA ALA B 11 4.56 -11.79 -18.37
C ALA B 11 3.23 -11.80 -17.63
N GLY B 12 2.98 -12.85 -16.85
CA GLY B 12 1.78 -12.90 -16.04
C GLY B 12 0.99 -14.18 -16.12
N LYS B 13 1.55 -15.23 -16.71
CA LYS B 13 0.85 -16.49 -16.89
C LYS B 13 1.25 -17.50 -15.81
N THR B 14 0.28 -18.27 -15.36
CA THR B 14 0.45 -19.19 -14.24
C THR B 14 0.88 -20.55 -14.76
N ARG B 15 2.09 -20.96 -14.40
CA ARG B 15 2.56 -22.29 -14.74
C ARG B 15 2.18 -23.33 -13.70
N LEU B 16 1.88 -22.92 -12.48
CA LEU B 16 1.42 -23.86 -11.48
C LEU B 16 0.60 -23.12 -10.43
N ALA B 17 -0.47 -23.75 -9.97
CA ALA B 17 -1.31 -23.16 -8.93
C ALA B 17 -1.84 -24.32 -8.08
N LYS B 18 -1.26 -24.50 -6.90
CA LYS B 18 -1.70 -25.51 -5.95
C LYS B 18 -2.28 -24.79 -4.74
N TRP B 19 -3.60 -24.92 -4.57
CA TRP B 19 -4.32 -24.26 -3.49
C TRP B 19 -4.55 -25.23 -2.35
N TYR B 20 -4.25 -24.78 -1.13
CA TYR B 20 -4.43 -25.59 0.07
C TYR B 20 -5.54 -25.08 0.97
N MET B 21 -6.34 -24.13 0.50
CA MET B 21 -7.55 -23.69 1.18
C MET B 21 -8.70 -23.70 0.18
N GLN B 22 -9.88 -23.28 0.63
CA GLN B 22 -11.06 -23.18 -0.22
C GLN B 22 -11.26 -21.72 -0.59
N PHE B 23 -10.91 -21.37 -1.83
CA PHE B 23 -11.06 -20.02 -2.35
C PHE B 23 -12.17 -19.99 -3.39
N ASP B 24 -12.93 -18.91 -3.41
CA ASP B 24 -13.82 -18.66 -4.52
C ASP B 24 -12.99 -18.46 -5.79
N ASP B 25 -13.55 -18.86 -6.93
CA ASP B 25 -12.78 -18.79 -8.18
C ASP B 25 -12.37 -17.35 -8.48
N ASP B 26 -13.24 -16.38 -8.22
CA ASP B 26 -12.84 -14.98 -8.37
C ASP B 26 -11.82 -14.59 -7.31
N GLU B 27 -11.92 -15.13 -6.10
CA GLU B 27 -10.87 -14.90 -5.12
C GLU B 27 -9.53 -15.41 -5.62
N LYS B 28 -9.52 -16.62 -6.20
CA LYS B 28 -8.31 -17.16 -6.80
C LYS B 28 -7.75 -16.21 -7.85
N GLN B 29 -8.62 -15.70 -8.74
CA GLN B 29 -8.15 -14.84 -9.81
C GLN B 29 -7.55 -13.55 -9.27
N LYS B 30 -8.25 -12.88 -8.35
CA LYS B 30 -7.71 -11.65 -7.79
C LYS B 30 -6.42 -11.91 -7.04
N LEU B 31 -6.35 -13.02 -6.31
CA LEU B 31 -5.12 -13.39 -5.62
C LEU B 31 -3.97 -13.48 -6.61
N ILE B 32 -4.16 -14.21 -7.70
CA ILE B 32 -3.12 -14.38 -8.70
C ILE B 32 -2.69 -13.04 -9.27
N GLU B 33 -3.66 -12.20 -9.64
CA GLU B 33 -3.34 -10.88 -10.19
C GLU B 33 -2.49 -10.07 -9.22
N GLU B 34 -2.91 -10.02 -7.95
CA GLU B 34 -2.24 -9.13 -7.02
C GLU B 34 -0.89 -9.68 -6.53
N VAL B 35 -0.74 -11.01 -6.42
CA VAL B 35 0.58 -11.52 -6.08
C VAL B 35 1.55 -11.24 -7.23
N HIS B 36 1.09 -11.37 -8.48
CA HIS B 36 1.97 -11.05 -9.59
C HIS B 36 2.36 -9.58 -9.58
N ALA B 37 1.38 -8.70 -9.32
CA ALA B 37 1.67 -7.27 -9.24
C ALA B 37 2.70 -6.97 -8.17
N VAL B 38 2.59 -7.61 -7.00
CA VAL B 38 3.48 -7.26 -5.90
C VAL B 38 4.87 -7.87 -6.06
N VAL B 39 5.00 -9.03 -6.74
CA VAL B 39 6.32 -9.63 -6.84
C VAL B 39 7.08 -9.23 -8.10
N THR B 40 6.41 -8.76 -9.15
CA THR B 40 7.14 -8.40 -10.36
C THR B 40 7.72 -7.00 -10.34
N VAL B 41 7.72 -6.33 -9.18
CA VAL B 41 8.21 -4.96 -9.07
C VAL B 41 9.55 -4.86 -8.37
N ARG B 42 9.91 -5.85 -7.56
CA ARG B 42 11.03 -5.78 -6.62
C ARG B 42 12.35 -6.14 -7.30
N ASP B 43 13.44 -5.68 -6.69
CA ASP B 43 14.78 -5.80 -7.27
C ASP B 43 15.75 -6.17 -6.15
N ALA B 44 17.05 -5.98 -6.42
CA ALA B 44 18.10 -6.47 -5.53
C ALA B 44 17.95 -5.97 -4.10
N ARG B 45 17.52 -4.72 -3.94
CA ARG B 45 17.40 -4.16 -2.59
C ARG B 45 16.29 -4.82 -1.77
N HIS B 46 15.42 -5.61 -2.41
CA HIS B 46 14.25 -6.16 -1.73
C HIS B 46 14.54 -7.53 -1.14
N THR B 47 13.84 -7.83 -0.05
CA THR B 47 13.88 -9.16 0.53
C THR B 47 12.95 -10.10 -0.25
N ASN B 48 13.19 -11.40 -0.07
CA ASN B 48 12.40 -12.42 -0.76
C ASN B 48 11.08 -12.71 -0.06
N PHE B 49 10.69 -11.89 0.90
CA PHE B 49 9.42 -12.05 1.62
C PHE B 49 8.62 -10.77 1.49
N VAL B 50 7.31 -10.91 1.27
CA VAL B 50 6.41 -9.76 1.20
C VAL B 50 5.21 -10.01 2.10
N GLU B 51 4.88 -9.02 2.93
CA GLU B 51 3.74 -9.06 3.83
C GLU B 51 2.53 -8.47 3.13
N PHE B 52 1.47 -9.27 2.97
CA PHE B 52 0.27 -8.72 2.34
C PHE B 52 -0.93 -9.61 2.66
N ARG B 53 -2.09 -8.97 2.68
CA ARG B 53 -3.39 -9.64 2.85
C ARG B 53 -3.34 -10.73 3.92
N ASN B 54 -2.90 -10.33 5.11
CA ASN B 54 -2.93 -11.17 6.32
C ASN B 54 -2.04 -12.41 6.22
N PHE B 55 -1.08 -12.45 5.30
CA PHE B 55 -0.12 -13.55 5.29
C PHE B 55 1.17 -13.07 4.61
N LYS B 56 2.07 -14.03 4.36
CA LYS B 56 3.37 -13.77 3.78
C LYS B 56 3.51 -14.52 2.47
N ILE B 57 4.28 -13.95 1.55
CA ILE B 57 4.79 -14.68 0.39
C ILE B 57 6.30 -14.78 0.52
N ILE B 58 6.82 -15.98 0.28
CA ILE B 58 8.25 -16.21 0.14
C ILE B 58 8.46 -16.60 -1.32
N TYR B 59 9.13 -15.74 -2.08
CA TYR B 59 9.25 -15.93 -3.52
C TYR B 59 10.72 -15.98 -3.93
N ARG B 60 10.98 -16.69 -5.03
CA ARG B 60 12.29 -16.71 -5.65
C ARG B 60 12.13 -16.73 -7.17
N ARG B 61 12.90 -15.93 -7.88
CA ARG B 61 12.86 -15.89 -9.34
C ARG B 61 13.97 -16.71 -9.98
N TYR B 62 13.57 -17.58 -10.90
CA TYR B 62 14.45 -18.45 -11.68
C TYR B 62 13.95 -18.16 -13.09
N ALA B 63 14.75 -18.34 -14.14
CA ALA B 63 15.04 -17.25 -15.12
C ALA B 63 13.78 -16.40 -15.30
N GLY B 64 12.69 -16.91 -15.82
CA GLY B 64 11.59 -16.08 -16.30
C GLY B 64 10.36 -16.29 -15.44
N LEU B 65 10.59 -17.09 -14.41
CA LEU B 65 9.58 -17.76 -13.62
C LEU B 65 9.73 -17.40 -12.15
N TYR B 66 8.63 -17.00 -11.54
CA TYR B 66 8.58 -16.63 -10.14
C TYR B 66 7.93 -17.77 -9.38
N PHE B 67 8.65 -18.30 -8.38
CA PHE B 67 8.16 -19.37 -7.52
C PHE B 67 7.75 -18.70 -6.20
N CYS B 68 6.45 -18.62 -5.96
CA CYS B 68 5.90 -17.99 -4.76
C CYS B 68 5.23 -19.03 -3.89
N ILE B 69 5.60 -19.06 -2.61
CA ILE B 69 4.95 -19.88 -1.61
C ILE B 69 4.27 -18.93 -0.63
N CYS B 70 2.93 -18.92 -0.62
CA CYS B 70 2.16 -18.07 0.26
C CYS B 70 1.77 -18.86 1.50
N VAL B 71 2.28 -18.41 2.65
CA VAL B 71 2.12 -19.10 3.93
C VAL B 71 1.62 -18.10 4.97
N ASP B 72 1.36 -18.62 6.16
CA ASP B 72 0.89 -17.80 7.28
C ASP B 72 2.02 -16.93 7.81
N VAL B 73 1.64 -15.96 8.65
CA VAL B 73 2.60 -15.03 9.22
C VAL B 73 3.51 -15.66 10.27
N ASN B 74 3.21 -16.89 10.70
CA ASN B 74 3.97 -17.55 11.75
C ASN B 74 4.74 -18.76 11.23
N ASP B 75 5.09 -18.74 9.95
CA ASP B 75 5.89 -19.80 9.34
C ASP B 75 7.31 -19.30 9.12
N ASN B 76 8.27 -20.23 9.11
CA ASN B 76 9.66 -19.87 8.94
C ASN B 76 9.92 -19.43 7.49
N ASN B 77 10.54 -18.26 7.33
CA ASN B 77 10.75 -17.70 6.01
C ASN B 77 11.88 -18.41 5.28
N LEU B 78 13.04 -18.57 5.92
CA LEU B 78 14.17 -19.21 5.27
C LEU B 78 13.88 -20.68 4.97
N ALA B 79 13.09 -21.34 5.83
CA ALA B 79 12.74 -22.74 5.58
C ALA B 79 12.02 -22.90 4.24
N TYR B 80 10.99 -22.09 4.00
CA TYR B 80 10.28 -22.19 2.72
C TYR B 80 11.11 -21.62 1.58
N LEU B 81 11.95 -20.62 1.86
CA LEU B 81 12.83 -20.07 0.83
C LEU B 81 13.77 -21.14 0.29
N GLU B 82 14.24 -22.04 1.16
CA GLU B 82 15.07 -23.14 0.71
C GLU B 82 14.28 -24.35 0.24
N ALA B 83 13.03 -24.51 0.71
CA ALA B 83 12.17 -25.54 0.13
C ALA B 83 11.90 -25.25 -1.33
N ILE B 84 11.75 -23.96 -1.68
CA ILE B 84 11.62 -23.58 -3.08
C ILE B 84 12.78 -24.12 -3.90
N HIS B 85 14.01 -23.86 -3.45
CA HIS B 85 15.17 -24.25 -4.22
C HIS B 85 15.37 -25.76 -4.22
N ASN B 86 15.05 -26.43 -3.12
CA ASN B 86 15.09 -27.89 -3.09
C ASN B 86 14.16 -28.49 -4.13
N PHE B 87 12.92 -27.96 -4.19
CA PHE B 87 11.97 -28.40 -5.21
C PHE B 87 12.47 -28.11 -6.61
N VAL B 88 13.07 -26.94 -6.82
CA VAL B 88 13.59 -26.60 -8.14
C VAL B 88 14.73 -27.53 -8.53
N GLU B 89 15.55 -27.94 -7.56
CA GLU B 89 16.66 -28.84 -7.87
C GLU B 89 16.16 -30.24 -8.23
N VAL B 90 15.13 -30.72 -7.52
CA VAL B 90 14.59 -32.02 -7.94
C VAL B 90 13.92 -31.89 -9.31
N LEU B 91 13.33 -30.74 -9.62
CA LEU B 91 12.79 -30.51 -10.96
C LEU B 91 13.90 -30.56 -12.00
N ASN B 92 15.05 -29.97 -11.69
CA ASN B 92 16.18 -29.97 -12.62
C ASN B 92 16.69 -31.38 -12.86
N GLU B 93 16.83 -32.17 -11.79
CA GLU B 93 17.32 -33.53 -11.96
C GLU B 93 16.29 -34.42 -12.65
N TYR B 94 14.99 -34.12 -12.48
CA TYR B 94 13.96 -34.93 -13.12
C TYR B 94 13.80 -34.60 -14.59
N PHE B 95 13.89 -33.32 -14.95
CA PHE B 95 13.70 -32.88 -16.31
C PHE B 95 15.02 -32.66 -17.07
N HIS B 96 16.16 -32.95 -16.44
CA HIS B 96 17.46 -32.88 -17.11
C HIS B 96 17.72 -31.48 -17.67
N ASN B 97 18.00 -30.57 -16.72
CA ASN B 97 18.13 -29.13 -16.98
C ASN B 97 16.80 -28.53 -17.40
N VAL B 98 15.84 -28.55 -16.47
CA VAL B 98 14.49 -28.03 -16.63
C VAL B 98 14.52 -26.58 -17.12
N CYS B 99 13.54 -26.23 -17.96
CA CYS B 99 13.25 -24.85 -18.34
C CYS B 99 11.74 -24.63 -18.23
N GLU B 100 11.31 -23.41 -18.53
CA GLU B 100 9.88 -23.10 -18.40
C GLU B 100 9.03 -23.96 -19.32
N LEU B 101 9.53 -24.22 -20.54
CA LEU B 101 8.77 -25.04 -21.49
C LEU B 101 8.44 -26.40 -20.91
N ASP B 102 9.37 -26.98 -20.15
CA ASP B 102 9.12 -28.28 -19.53
C ASP B 102 7.88 -28.24 -18.64
N LEU B 103 7.69 -27.13 -17.91
CA LEU B 103 6.54 -27.00 -17.04
C LEU B 103 5.25 -26.70 -17.78
N VAL B 104 5.32 -26.49 -19.10
CA VAL B 104 4.13 -26.28 -19.92
C VAL B 104 3.74 -27.53 -20.68
N PHE B 105 4.71 -28.17 -21.34
CA PHE B 105 4.43 -29.38 -22.09
C PHE B 105 4.29 -30.60 -21.17
N ASN B 106 4.96 -30.59 -20.02
CA ASN B 106 4.88 -31.68 -19.05
C ASN B 106 4.20 -31.21 -17.77
N PHE B 107 3.14 -30.41 -17.90
CA PHE B 107 2.51 -29.77 -16.75
C PHE B 107 1.91 -30.80 -15.79
N TYR B 108 1.49 -31.96 -16.30
CA TYR B 108 0.79 -32.91 -15.45
C TYR B 108 1.73 -33.61 -14.47
N LYS B 109 3.02 -33.70 -14.79
CA LYS B 109 3.98 -34.31 -13.87
C LYS B 109 4.42 -33.33 -12.79
N VAL B 110 4.35 -32.04 -13.07
CA VAL B 110 4.71 -31.03 -12.06
C VAL B 110 3.78 -31.15 -10.87
N TYR B 111 2.51 -31.47 -11.11
CA TYR B 111 1.58 -31.63 -10.00
C TYR B 111 1.92 -32.85 -9.16
N THR B 112 2.31 -33.95 -9.80
CA THR B 112 2.73 -35.13 -9.05
C THR B 112 3.97 -34.83 -8.22
N VAL B 113 4.91 -34.07 -8.78
CA VAL B 113 6.14 -33.81 -8.02
C VAL B 113 5.89 -32.83 -6.88
N VAL B 114 4.97 -31.87 -7.04
CA VAL B 114 4.66 -30.98 -5.92
C VAL B 114 3.88 -31.74 -4.85
N ASP B 115 3.02 -32.69 -5.26
CA ASP B 115 2.32 -33.50 -4.27
C ASP B 115 3.29 -34.42 -3.53
N GLU B 116 4.37 -34.83 -4.19
CA GLU B 116 5.40 -35.61 -3.52
C GLU B 116 6.22 -34.75 -2.56
N MET B 117 6.45 -33.48 -2.90
CA MET B 117 7.27 -32.63 -2.05
C MET B 117 6.46 -31.84 -1.02
N PHE B 118 5.18 -31.58 -1.30
CA PHE B 118 4.32 -30.88 -0.34
C PHE B 118 2.94 -31.51 -0.38
N LEU B 119 2.27 -31.52 0.77
CA LEU B 119 0.98 -32.17 0.87
C LEU B 119 0.17 -31.55 2.01
N ALA B 120 -1.11 -31.28 1.74
CA ALA B 120 -2.07 -30.78 2.73
C ALA B 120 -1.67 -29.42 3.31
N GLY B 121 -0.74 -28.72 2.67
CA GLY B 121 -0.30 -27.43 3.15
C GLY B 121 0.98 -27.44 3.97
N GLU B 122 1.69 -28.56 4.01
CA GLU B 122 2.95 -28.66 4.72
C GLU B 122 3.96 -29.39 3.84
N ILE B 123 5.21 -29.45 4.31
CA ILE B 123 6.26 -30.16 3.60
C ILE B 123 6.14 -31.65 3.90
N ARG B 124 6.16 -32.46 2.85
CA ARG B 124 6.07 -33.91 2.99
C ARG B 124 7.43 -34.58 2.98
N GLU B 125 8.18 -34.41 1.89
CA GLU B 125 9.47 -35.07 1.73
C GLU B 125 10.48 -34.07 1.19
N THR B 126 11.68 -34.07 1.78
CA THR B 126 12.74 -33.16 1.38
C THR B 126 13.94 -33.87 0.79
N SER B 127 14.03 -35.19 0.91
CA SER B 127 15.18 -35.94 0.43
C SER B 127 15.13 -36.02 -1.09
N GLN B 128 16.09 -35.36 -1.75
CA GLN B 128 16.15 -35.42 -3.21
C GLN B 128 16.30 -36.85 -3.71
N THR B 129 17.13 -37.64 -3.03
CA THR B 129 17.34 -39.03 -3.43
C THR B 129 16.02 -39.80 -3.44
N LYS B 130 15.25 -39.70 -2.36
CA LYS B 130 14.03 -40.49 -2.23
C LYS B 130 12.98 -40.08 -3.26
N VAL B 131 12.75 -38.78 -3.41
CA VAL B 131 11.71 -38.32 -4.33
C VAL B 131 12.12 -38.59 -5.78
N LEU B 132 13.42 -38.43 -6.09
CA LEU B 132 13.89 -38.73 -7.44
C LEU B 132 13.76 -40.22 -7.75
N LYS B 133 14.12 -41.09 -6.81
CA LYS B 133 13.94 -42.52 -7.03
C LYS B 133 12.48 -42.89 -7.15
N GLN B 134 11.60 -42.21 -6.40
CA GLN B 134 10.16 -42.47 -6.53
C GLN B 134 9.66 -42.08 -7.92
N LEU B 135 10.04 -40.90 -8.40
CA LEU B 135 9.65 -40.48 -9.74
C LEU B 135 10.18 -41.42 -10.81
N LEU B 136 11.43 -41.87 -10.65
CA LEU B 136 12.00 -42.81 -11.62
C LEU B 136 11.30 -44.16 -11.57
N MET B 137 10.80 -44.55 -10.38
CA MET B 137 9.97 -45.74 -10.29
C MET B 137 8.66 -45.55 -11.04
N LEU B 138 8.02 -44.39 -10.85
CA LEU B 138 6.73 -44.15 -11.49
C LEU B 138 6.87 -44.03 -13.01
N GLN B 139 8.02 -43.59 -13.50
CA GLN B 139 8.22 -43.47 -14.94
C GLN B 139 8.16 -44.83 -15.63
N SER B 140 8.88 -45.82 -15.08
CA SER B 140 8.83 -47.16 -15.64
C SER B 140 7.48 -47.82 -15.43
N LEU B 141 6.65 -47.30 -14.54
CA LEU B 141 5.39 -47.95 -14.19
C LEU B 141 4.36 -47.71 -15.28
N GLU B 142 3.49 -48.70 -15.47
CA GLU B 142 2.41 -48.63 -16.47
C GLU B 142 1.52 -47.41 -16.26
N SER C 14 58.85 -16.28 8.48
CA SER C 14 57.58 -16.97 8.77
C SER C 14 57.64 -18.50 8.62
N ARG C 15 56.52 -19.14 8.98
CA ARG C 15 56.37 -20.58 9.18
C ARG C 15 55.85 -21.33 7.94
N ASP C 16 55.28 -22.53 8.10
CA ASP C 16 54.53 -23.19 7.02
C ASP C 16 53.27 -23.90 7.51
N LEU C 17 52.35 -23.19 8.18
CA LEU C 17 51.04 -23.77 8.55
C LEU C 17 50.88 -24.79 9.66
N GLU C 18 50.62 -24.23 10.85
CA GLU C 18 50.15 -24.95 12.02
C GLU C 18 48.95 -24.24 12.68
N LYS C 19 48.35 -24.89 13.69
CA LYS C 19 47.23 -24.32 14.46
C LYS C 19 47.63 -23.00 15.08
N HIS C 20 46.96 -21.91 14.68
CA HIS C 20 47.38 -20.56 15.01
C HIS C 20 46.43 -19.48 14.50
N ASN C 27 45.19 -21.62 10.12
CA ASN C 27 44.50 -22.02 11.35
C ASN C 27 44.09 -23.51 11.39
N THR C 28 42.79 -23.79 11.41
CA THR C 28 42.25 -25.15 11.40
C THR C 28 40.75 -25.05 11.09
N ALA C 29 40.08 -26.20 11.05
CA ALA C 29 38.72 -26.23 10.50
C ALA C 29 37.68 -25.55 11.39
N ALA C 30 38.00 -25.32 12.65
CA ALA C 30 37.08 -24.67 13.58
C ALA C 30 37.40 -23.21 13.83
N ASN C 31 38.49 -22.69 13.27
CA ASN C 31 38.79 -21.27 13.38
C ASN C 31 39.16 -20.60 12.07
N ASN C 32 39.45 -21.36 11.01
CA ASN C 32 39.80 -20.82 9.70
C ASN C 32 38.73 -21.22 8.70
N ALA C 33 38.09 -20.23 8.07
CA ALA C 33 36.91 -20.50 7.25
C ALA C 33 37.27 -21.32 6.02
N ALA C 34 38.41 -21.04 5.39
CA ALA C 34 38.81 -21.80 4.20
C ALA C 34 39.12 -23.25 4.55
N CYS C 35 39.67 -23.50 5.75
CA CYS C 35 39.96 -24.86 6.17
C CYS C 35 38.69 -25.67 6.35
N ALA C 36 37.67 -25.08 7.01
CA ALA C 36 36.40 -25.77 7.18
C ALA C 36 35.74 -26.06 5.85
N TRP C 37 35.94 -25.19 4.86
CA TRP C 37 35.35 -25.37 3.54
C TRP C 37 36.20 -26.26 2.64
N LEU C 38 37.53 -26.29 2.85
CA LEU C 38 38.38 -27.14 2.05
C LEU C 38 38.30 -28.60 2.51
N GLU C 39 38.31 -28.83 3.82
CA GLU C 39 38.24 -30.20 4.32
C GLU C 39 36.87 -30.84 4.10
N ALA C 40 35.87 -30.08 3.68
CA ALA C 40 34.54 -30.60 3.45
C ALA C 40 34.29 -30.98 2.00
N GLN C 41 35.14 -30.55 1.07
CA GLN C 41 34.94 -30.86 -0.34
C GLN C 41 35.34 -32.30 -0.64
N GLU C 42 34.52 -32.97 -1.43
CA GLU C 42 34.75 -34.36 -1.81
C GLU C 42 35.24 -34.43 -3.25
N GLU C 43 36.19 -35.34 -3.50
CA GLU C 43 36.73 -35.50 -4.85
C GLU C 43 35.68 -36.03 -5.82
N GLU C 44 34.75 -36.85 -5.33
CA GLU C 44 33.70 -37.39 -6.18
C GLU C 44 32.64 -36.35 -6.53
N GLU C 45 32.62 -35.21 -5.83
CA GLU C 45 31.62 -34.18 -6.08
C GLU C 45 32.10 -33.14 -7.09
N VAL C 46 33.40 -32.85 -7.13
CA VAL C 46 33.92 -31.80 -7.99
C VAL C 46 34.32 -32.34 -9.36
N GLY C 47 35.04 -33.45 -9.38
CA GLY C 47 35.49 -34.05 -10.63
C GLY C 47 37.00 -34.23 -10.74
N PHE C 48 37.77 -33.80 -9.75
CA PHE C 48 39.22 -33.97 -9.76
C PHE C 48 39.70 -34.06 -8.32
N PRO C 49 40.89 -34.62 -8.09
CA PRO C 49 41.38 -34.75 -6.71
C PRO C 49 41.53 -33.38 -6.04
N VAL C 50 41.22 -33.34 -4.75
CA VAL C 50 41.29 -32.10 -3.98
C VAL C 50 42.63 -32.01 -3.27
N THR C 51 43.57 -32.85 -3.68
CA THR C 51 44.92 -32.79 -3.11
C THR C 51 45.87 -32.05 -4.04
N PRO C 52 46.80 -31.26 -3.50
CA PRO C 52 47.68 -30.49 -4.38
C PRO C 52 48.72 -31.36 -5.05
N GLN C 53 49.00 -31.07 -6.33
CA GLN C 53 50.07 -31.75 -7.04
C GLN C 53 51.42 -31.09 -6.75
N VAL C 54 51.46 -29.76 -6.77
CA VAL C 54 52.64 -28.99 -6.39
C VAL C 54 52.63 -28.86 -4.87
N PRO C 55 53.78 -28.85 -4.20
CA PRO C 55 53.79 -28.59 -2.76
C PRO C 55 53.00 -27.34 -2.39
N LEU C 56 52.37 -27.39 -1.21
CA LEU C 56 51.52 -26.29 -0.77
C LEU C 56 52.30 -24.99 -0.64
N ARG C 57 51.74 -23.91 -1.17
CA ARG C 57 52.42 -22.62 -1.24
C ARG C 57 51.36 -21.53 -1.38
N PRO C 58 51.69 -20.29 -0.99
CA PRO C 58 50.70 -19.21 -1.06
C PRO C 58 50.74 -18.47 -2.38
N MET C 59 49.66 -17.73 -2.63
CA MET C 59 49.53 -16.93 -3.84
C MET C 59 50.32 -15.64 -3.71
N THR C 60 51.09 -15.33 -4.75
CA THR C 60 51.94 -14.13 -4.79
C THR C 60 51.40 -13.14 -5.82
N TYR C 61 52.12 -12.03 -5.97
CA TYR C 61 51.78 -11.04 -6.99
C TYR C 61 52.00 -11.60 -8.39
N LYS C 62 53.19 -12.15 -8.64
CA LYS C 62 53.52 -12.64 -9.97
C LYS C 62 52.61 -13.78 -10.38
N ALA C 63 52.34 -14.71 -9.46
CA ALA C 63 51.44 -15.82 -9.77
C ALA C 63 50.05 -15.31 -10.13
N ALA C 64 49.55 -14.33 -9.38
CA ALA C 64 48.22 -13.81 -9.64
C ALA C 64 48.15 -13.09 -10.99
N VAL C 65 49.18 -12.30 -11.33
CA VAL C 65 49.19 -11.61 -12.62
C VAL C 65 49.27 -12.62 -13.75
N ASP C 66 50.17 -13.60 -13.63
CA ASP C 66 50.31 -14.61 -14.67
C ASP C 66 49.01 -15.38 -14.86
N LEU C 67 48.33 -15.71 -13.76
CA LEU C 67 47.07 -16.45 -13.85
C LEU C 67 45.98 -15.59 -14.47
N SER C 68 45.96 -14.29 -14.16
CA SER C 68 44.98 -13.40 -14.76
C SER C 68 45.15 -13.34 -16.28
N HIS C 69 46.40 -13.20 -16.73
CA HIS C 69 46.63 -13.18 -18.17
C HIS C 69 46.31 -14.52 -18.82
N PHE C 70 46.71 -15.62 -18.18
CA PHE C 70 46.36 -16.95 -18.68
C PHE C 70 44.85 -17.11 -18.82
N LEU C 71 44.08 -16.60 -17.86
CA LEU C 71 42.64 -16.80 -17.89
C LEU C 71 41.94 -15.87 -18.88
N LYS C 72 42.46 -14.67 -19.09
CA LYS C 72 41.83 -13.77 -20.03
C LYS C 72 42.17 -14.15 -21.48
N GLU C 73 43.45 -14.35 -21.78
CA GLU C 73 43.91 -14.33 -23.16
C GLU C 73 43.32 -15.44 -24.03
N LYS C 74 42.76 -16.49 -23.41
CA LYS C 74 42.28 -17.64 -24.18
C LYS C 74 40.80 -17.92 -23.92
N GLY C 75 40.05 -16.93 -23.45
CA GLY C 75 38.61 -17.03 -23.33
C GLY C 75 38.11 -18.02 -22.30
N GLY C 76 38.68 -17.98 -21.10
CA GLY C 76 38.21 -18.84 -20.03
C GLY C 76 37.31 -18.15 -19.03
N LEU C 77 37.72 -16.96 -18.58
CA LEU C 77 37.01 -16.24 -17.53
C LEU C 77 36.44 -14.90 -17.95
N GLU C 78 36.94 -14.29 -19.02
CA GLU C 78 36.48 -12.98 -19.43
C GLU C 78 35.04 -13.04 -19.93
N GLY C 79 34.22 -12.12 -19.44
CA GLY C 79 32.82 -12.12 -19.80
C GLY C 79 32.00 -13.22 -19.16
N LEU C 80 32.57 -13.98 -18.23
CA LEU C 80 31.87 -15.10 -17.62
C LEU C 80 30.98 -14.60 -16.48
N ILE C 81 29.76 -15.10 -16.43
CA ILE C 81 28.83 -14.65 -15.39
C ILE C 81 29.19 -15.34 -14.07
N HIS C 82 29.23 -14.56 -13.00
CA HIS C 82 29.69 -15.05 -11.71
C HIS C 82 28.67 -16.01 -11.08
N SER C 83 29.20 -17.04 -10.43
CA SER C 83 28.45 -18.05 -9.71
C SER C 83 29.27 -18.45 -8.49
N GLN C 84 28.60 -18.88 -7.41
CA GLN C 84 29.34 -19.39 -6.27
C GLN C 84 29.97 -20.74 -6.62
N ARG C 85 29.26 -21.58 -7.39
CA ARG C 85 29.86 -22.82 -7.87
C ARG C 85 31.11 -22.52 -8.70
N ARG C 86 30.99 -21.54 -9.60
CA ARG C 86 32.09 -21.18 -10.48
C ARG C 86 33.32 -20.77 -9.70
N GLN C 87 33.15 -19.79 -8.80
CA GLN C 87 34.26 -19.35 -7.96
C GLN C 87 34.86 -20.51 -7.21
N ASP C 88 34.01 -21.37 -6.64
CA ASP C 88 34.49 -22.48 -5.86
C ASP C 88 35.40 -23.37 -6.69
N ILE C 89 34.94 -23.79 -7.88
CA ILE C 89 35.76 -24.74 -8.62
C ILE C 89 36.98 -24.02 -9.22
N LEU C 90 36.92 -22.71 -9.38
CA LEU C 90 38.13 -22.00 -9.80
C LEU C 90 39.17 -22.06 -8.70
N ASP C 91 38.76 -21.77 -7.46
CA ASP C 91 39.63 -21.94 -6.31
C ASP C 91 40.18 -23.36 -6.26
N LEU C 92 39.29 -24.35 -6.43
CA LEU C 92 39.66 -25.75 -6.30
C LEU C 92 40.64 -26.18 -7.38
N TRP C 93 40.37 -25.81 -8.64
CA TRP C 93 41.22 -26.21 -9.74
C TRP C 93 42.59 -25.56 -9.63
N ILE C 94 42.64 -24.27 -9.23
CA ILE C 94 43.94 -23.63 -9.09
C ILE C 94 44.70 -24.22 -7.90
N TYR C 95 44.00 -24.53 -6.81
CA TYR C 95 44.66 -25.15 -5.67
C TYR C 95 45.17 -26.55 -5.99
N HIS C 96 44.45 -27.28 -6.86
CA HIS C 96 44.86 -28.63 -7.21
C HIS C 96 46.01 -28.65 -8.20
N THR C 97 45.97 -27.78 -9.20
CA THR C 97 46.99 -27.78 -10.25
C THR C 97 48.21 -26.94 -9.90
N GLN C 98 48.13 -26.06 -8.91
CA GLN C 98 49.23 -25.16 -8.59
C GLN C 98 49.62 -25.16 -7.12
N GLY C 99 48.79 -25.70 -6.23
CA GLY C 99 49.12 -25.72 -4.81
C GLY C 99 48.87 -24.42 -4.09
N TYR C 100 48.08 -23.52 -4.66
CA TYR C 100 47.80 -22.22 -4.06
C TYR C 100 46.56 -22.34 -3.18
N PHE C 101 46.70 -21.99 -1.92
CA PHE C 101 45.61 -22.25 -1.00
C PHE C 101 44.49 -21.24 -1.19
N PRO C 102 43.22 -21.70 -1.16
CA PRO C 102 42.09 -20.81 -1.48
C PRO C 102 41.81 -19.75 -0.43
N ASP C 103 42.84 -18.96 -0.14
CA ASP C 103 42.77 -17.81 0.75
C ASP C 103 42.69 -16.49 -0.01
N TRP C 104 42.52 -16.56 -1.33
CA TRP C 104 42.96 -15.47 -2.19
C TRP C 104 41.90 -14.84 -3.08
N GLN C 105 40.83 -15.54 -3.43
CA GLN C 105 39.85 -14.97 -4.36
C GLN C 105 38.70 -14.31 -3.60
N ASN C 106 39.02 -13.17 -2.99
CA ASN C 106 38.02 -12.37 -2.30
C ASN C 106 37.89 -11.01 -2.96
N TYR C 107 36.69 -10.43 -2.85
CA TYR C 107 36.36 -9.20 -3.52
C TYR C 107 35.63 -8.28 -2.56
N THR C 108 35.61 -6.98 -2.90
CA THR C 108 35.05 -5.98 -1.99
C THR C 108 33.53 -6.11 -1.93
N PRO C 109 32.93 -5.87 -0.76
CA PRO C 109 31.47 -5.91 -0.65
C PRO C 109 30.80 -4.68 -1.24
N GLY C 110 29.48 -4.57 -1.06
CA GLY C 110 28.75 -3.39 -1.46
C GLY C 110 28.30 -3.45 -2.91
N PRO C 111 27.19 -2.78 -3.21
CA PRO C 111 26.72 -2.73 -4.61
C PRO C 111 27.73 -2.03 -5.50
N GLY C 112 27.83 -2.51 -6.73
CA GLY C 112 28.76 -1.98 -7.70
C GLY C 112 29.88 -2.96 -8.02
N VAL C 113 30.98 -2.39 -8.54
CA VAL C 113 32.11 -3.21 -8.96
C VAL C 113 32.82 -3.78 -7.74
N ARG C 114 33.15 -5.07 -7.82
CA ARG C 114 33.88 -5.76 -6.76
C ARG C 114 35.36 -5.83 -7.14
N TYR C 115 36.21 -5.19 -6.35
CA TYR C 115 37.62 -5.19 -6.71
C TYR C 115 38.37 -6.27 -5.94
N PRO C 116 39.40 -6.86 -6.55
CA PRO C 116 40.09 -7.99 -5.92
C PRO C 116 40.92 -7.53 -4.72
N LEU C 117 40.67 -8.18 -3.58
CA LEU C 117 41.45 -7.85 -2.37
C LEU C 117 42.91 -8.26 -2.52
N THR C 118 43.19 -9.30 -3.31
CA THR C 118 44.56 -9.73 -3.54
C THR C 118 45.19 -8.83 -4.60
N PHE C 119 46.26 -8.14 -4.22
CA PHE C 119 46.96 -7.28 -5.17
C PHE C 119 47.76 -8.14 -6.14
N GLY C 120 47.52 -7.94 -7.43
CA GLY C 120 48.08 -8.75 -8.48
C GLY C 120 47.07 -9.61 -9.20
N TRP C 121 45.94 -9.90 -8.56
CA TRP C 121 44.85 -10.62 -9.20
C TRP C 121 44.05 -9.63 -10.05
N CYS C 122 44.23 -9.69 -11.37
CA CYS C 122 43.67 -8.68 -12.26
C CYS C 122 42.29 -9.07 -12.77
N TYR C 123 41.35 -9.19 -11.82
CA TYR C 123 39.98 -9.53 -12.17
C TYR C 123 39.03 -8.84 -11.21
N LYS C 124 38.06 -8.12 -11.77
CA LYS C 124 37.00 -7.49 -11.00
C LYS C 124 35.66 -8.08 -11.41
N LEU C 125 34.65 -7.83 -10.58
CA LEU C 125 33.30 -8.30 -10.81
C LEU C 125 32.41 -7.09 -11.06
N VAL C 126 31.95 -6.93 -12.30
CA VAL C 126 31.11 -5.79 -12.65
C VAL C 126 29.65 -6.24 -12.72
N PRO C 127 28.70 -5.42 -12.30
CA PRO C 127 27.29 -5.79 -12.44
C PRO C 127 26.80 -5.63 -13.87
N VAL C 128 25.92 -6.54 -14.26
CA VAL C 128 25.34 -6.53 -15.60
C VAL C 128 24.13 -5.62 -15.60
N GLU C 129 23.93 -4.90 -16.71
CA GLU C 129 22.82 -3.96 -16.80
C GLU C 129 21.50 -4.72 -16.76
N PRO C 130 20.46 -4.16 -16.13
CA PRO C 130 19.18 -4.87 -16.03
C PRO C 130 18.56 -5.18 -17.39
N ASP C 131 18.73 -4.31 -18.37
CA ASP C 131 18.18 -4.57 -19.71
C ASP C 131 18.80 -5.82 -20.31
N LYS C 132 20.14 -5.95 -20.22
CA LYS C 132 20.79 -7.14 -20.76
C LYS C 132 20.50 -8.38 -19.93
N VAL C 133 20.32 -8.22 -18.61
CA VAL C 133 19.94 -9.36 -17.77
C VAL C 133 18.56 -9.88 -18.19
N GLU C 134 17.61 -8.98 -18.45
CA GLU C 134 16.30 -9.41 -18.90
C GLU C 134 16.34 -9.95 -20.32
N GLU C 135 17.21 -9.41 -21.17
CA GLU C 135 17.37 -9.92 -22.53
C GLU C 135 18.04 -11.29 -22.55
N ALA C 136 18.74 -11.66 -21.47
CA ALA C 136 19.30 -13.00 -21.35
C ALA C 136 18.29 -14.00 -20.79
N ASN C 137 17.26 -13.53 -20.11
CA ASN C 137 16.21 -14.39 -19.56
C ASN C 137 14.94 -14.35 -20.42
N LYS C 138 14.99 -13.70 -21.58
CA LYS C 138 13.86 -13.76 -22.50
C LYS C 138 13.78 -15.14 -23.13
N GLY C 139 12.57 -15.53 -23.52
CA GLY C 139 12.37 -16.86 -24.05
C GLY C 139 12.19 -17.89 -22.95
N GLU C 140 11.33 -18.88 -23.19
CA GLU C 140 10.98 -19.86 -22.17
C GLU C 140 11.80 -21.14 -22.28
N ASN C 141 12.90 -21.11 -23.02
CA ASN C 141 13.80 -22.25 -23.14
C ASN C 141 15.06 -22.10 -22.31
N THR C 142 15.14 -21.03 -21.51
CA THR C 142 16.34 -20.77 -20.72
C THR C 142 16.42 -21.73 -19.54
N SER C 143 17.62 -22.26 -19.30
CA SER C 143 17.83 -23.16 -18.17
C SER C 143 17.62 -22.42 -16.86
N LEU C 144 16.91 -23.07 -15.93
CA LEU C 144 16.47 -22.38 -14.72
C LEU C 144 17.58 -22.23 -13.69
N LEU C 145 18.58 -23.11 -13.69
CA LEU C 145 19.64 -23.08 -12.70
C LEU C 145 20.96 -22.56 -13.27
N HIS C 146 20.91 -21.86 -14.39
CA HIS C 146 22.11 -21.25 -14.95
C HIS C 146 22.47 -19.98 -14.16
N PRO C 147 23.76 -19.68 -14.02
CA PRO C 147 24.15 -18.46 -13.28
C PRO C 147 23.46 -17.19 -13.73
N VAL C 148 23.18 -17.05 -15.03
CA VAL C 148 22.45 -15.87 -15.52
C VAL C 148 20.97 -15.96 -15.19
N SER C 149 20.48 -17.12 -14.75
CA SER C 149 19.09 -17.30 -14.38
C SER C 149 18.84 -17.13 -12.88
N LEU C 150 19.88 -16.85 -12.09
CA LEU C 150 19.76 -16.83 -10.64
C LEU C 150 19.46 -15.44 -10.08
N HIS C 151 19.67 -14.39 -10.86
CA HIS C 151 19.34 -13.02 -10.45
C HIS C 151 20.06 -12.64 -9.16
N GLY C 152 21.37 -12.87 -9.14
CA GLY C 152 22.16 -12.53 -7.97
C GLY C 152 21.87 -13.39 -6.76
N MET C 153 21.42 -14.63 -6.96
CA MET C 153 21.11 -15.50 -5.84
C MET C 153 22.32 -15.75 -4.97
N ASP C 154 23.49 -15.92 -5.59
CA ASP C 154 24.72 -16.16 -4.85
C ASP C 154 25.35 -14.88 -4.31
N ASP C 155 24.74 -13.72 -4.56
CA ASP C 155 25.29 -12.44 -4.15
C ASP C 155 24.55 -11.90 -2.94
N PRO C 156 25.25 -11.46 -1.89
CA PRO C 156 24.54 -10.82 -0.78
C PRO C 156 23.78 -9.57 -1.17
N GLU C 157 24.26 -8.84 -2.17
CA GLU C 157 23.57 -7.66 -2.68
C GLU C 157 22.68 -7.97 -3.88
N ARG C 158 22.51 -9.26 -4.21
CA ARG C 158 21.58 -9.72 -5.24
C ARG C 158 21.85 -9.06 -6.60
N GLU C 159 23.11 -8.95 -6.96
CA GLU C 159 23.51 -8.41 -8.26
C GLU C 159 24.03 -9.52 -9.15
N VAL C 160 23.75 -9.39 -10.45
CA VAL C 160 24.26 -10.31 -11.46
C VAL C 160 25.65 -9.83 -11.86
N LEU C 161 26.68 -10.55 -11.43
CA LEU C 161 28.06 -10.13 -11.60
C LEU C 161 28.70 -10.80 -12.81
N GLU C 162 29.80 -10.21 -13.27
CA GLU C 162 30.50 -10.69 -14.46
C GLU C 162 32.00 -10.47 -14.26
N TRP C 163 32.78 -11.49 -14.56
CA TRP C 163 34.24 -11.39 -14.48
C TRP C 163 34.77 -10.51 -15.60
N ARG C 164 35.61 -9.53 -15.25
CA ARG C 164 36.24 -8.68 -16.24
C ARG C 164 37.69 -8.43 -15.85
N PHE C 165 38.57 -8.47 -16.86
CA PHE C 165 39.99 -8.24 -16.66
C PHE C 165 40.28 -6.75 -16.68
N ASP C 166 41.23 -6.32 -15.86
CA ASP C 166 41.66 -4.92 -15.81
C ASP C 166 43.16 -4.88 -15.57
N SER C 167 43.89 -4.20 -16.46
CA SER C 167 45.33 -4.08 -16.30
C SER C 167 45.68 -3.21 -15.11
N ARG C 168 44.89 -2.15 -14.87
CA ARG C 168 45.19 -1.20 -13.79
C ARG C 168 45.19 -1.87 -12.42
N LEU C 169 44.54 -3.03 -12.28
CA LEU C 169 44.55 -3.75 -11.01
C LEU C 169 45.94 -4.28 -10.67
N ALA C 170 46.82 -4.43 -11.65
CA ALA C 170 48.18 -4.91 -11.38
C ALA C 170 49.06 -3.81 -10.79
N PHE C 171 48.77 -2.54 -11.11
CA PHE C 171 49.55 -1.42 -10.59
C PHE C 171 48.82 -0.61 -9.53
N HIS C 172 47.48 -0.64 -9.51
CA HIS C 172 46.69 0.10 -8.53
C HIS C 172 45.95 -0.89 -7.65
N HIS C 173 46.24 -0.85 -6.35
CA HIS C 173 45.57 -1.72 -5.39
C HIS C 173 44.27 -1.06 -4.93
N VAL C 174 43.30 -1.08 -5.85
CA VAL C 174 42.04 -0.39 -5.65
C VAL C 174 41.30 -0.91 -4.42
N ALA C 175 41.42 -2.21 -4.14
CA ALA C 175 40.74 -2.79 -2.98
C ALA C 175 41.17 -2.12 -1.69
N ARG C 176 42.49 -2.10 -1.43
CA ARG C 176 42.99 -1.45 -0.21
C ARG C 176 42.61 0.02 -0.17
N GLU C 177 42.77 0.72 -1.30
CA GLU C 177 42.52 2.15 -1.33
C GLU C 177 41.07 2.48 -1.00
N LEU C 178 40.12 1.69 -1.52
CA LEU C 178 38.72 1.90 -1.20
C LEU C 178 38.41 1.51 0.24
N HIS C 179 38.80 0.30 0.63
CA HIS C 179 38.36 -0.29 1.89
C HIS C 179 39.61 -0.68 2.69
N PRO C 180 40.26 0.28 3.34
CA PRO C 180 41.54 -0.05 4.02
C PRO C 180 41.39 -0.90 5.27
N GLU C 181 40.16 -1.11 5.76
CA GLU C 181 39.96 -1.71 7.07
C GLU C 181 40.45 -3.15 7.14
N TYR C 182 40.41 -3.89 6.02
CA TYR C 182 40.80 -5.30 6.11
C TYR C 182 42.29 -5.46 6.37
N PHE C 183 43.11 -4.60 5.76
CA PHE C 183 44.54 -4.64 5.99
C PHE C 183 44.97 -3.53 6.94
N GLY D 37 47.66 -28.53 -15.47
CA GLY D 37 46.37 -28.03 -15.91
C GLY D 37 46.47 -27.01 -17.03
N GLU D 38 45.44 -26.97 -17.89
CA GLU D 38 45.38 -26.08 -19.03
C GLU D 38 44.01 -25.42 -19.06
N ILE D 39 43.86 -24.40 -19.90
CA ILE D 39 42.58 -23.69 -19.94
C ILE D 39 41.48 -24.58 -20.50
N SER D 40 41.82 -25.44 -21.47
CA SER D 40 40.85 -26.38 -22.00
C SER D 40 40.23 -27.20 -20.86
N GLU D 41 41.06 -27.76 -20.00
CA GLU D 41 40.55 -28.52 -18.87
C GLU D 41 39.80 -27.63 -17.89
N LEU D 42 40.22 -26.37 -17.74
CA LEU D 42 39.53 -25.48 -16.82
C LEU D 42 38.25 -24.93 -17.42
N LYS D 43 38.29 -24.53 -18.69
CA LYS D 43 37.09 -23.98 -19.33
C LYS D 43 35.98 -25.02 -19.43
N ALA D 44 36.35 -26.31 -19.50
CA ALA D 44 35.34 -27.37 -19.52
C ALA D 44 34.52 -27.37 -18.24
N GLU D 45 35.19 -27.25 -17.09
CA GLU D 45 34.48 -27.23 -15.81
C GLU D 45 33.67 -25.94 -15.65
N LEU D 46 34.33 -24.80 -15.84
CA LEU D 46 33.69 -23.52 -15.54
C LEU D 46 32.47 -23.26 -16.41
N ASN D 47 32.43 -23.82 -17.62
CA ASN D 47 31.35 -23.49 -18.54
C ASN D 47 30.08 -24.25 -18.19
N ASN D 48 28.98 -23.51 -18.06
CA ASN D 48 27.66 -24.06 -17.75
C ASN D 48 26.82 -23.99 -19.01
N GLU D 49 26.19 -25.11 -19.37
CA GLU D 49 25.30 -25.13 -20.53
C GLU D 49 24.40 -26.35 -20.51
N ASN D 113 34.44 26.33 -9.76
CA ASN D 113 33.61 25.55 -10.67
C ASN D 113 33.66 26.15 -12.08
N SER D 114 33.23 25.35 -13.06
CA SER D 114 33.22 25.81 -14.45
C SER D 114 32.02 26.68 -14.78
N PHE D 115 30.92 26.54 -14.03
CA PHE D 115 29.72 27.31 -14.34
C PHE D 115 29.85 28.77 -13.91
N VAL D 116 30.69 29.05 -12.91
CA VAL D 116 30.91 30.43 -12.49
C VAL D 116 31.73 31.19 -13.53
N LYS D 117 32.64 30.48 -14.23
CA LYS D 117 33.46 31.11 -15.26
C LYS D 117 32.65 31.54 -16.48
N ASP D 118 31.40 31.10 -16.60
CA ASP D 118 30.55 31.42 -17.73
C ASP D 118 29.70 32.67 -17.50
N CYS D 119 30.04 33.48 -16.49
CA CYS D 119 29.30 34.72 -16.26
C CYS D 119 29.47 35.68 -17.44
N GLU D 120 30.70 35.85 -17.90
CA GLU D 120 30.99 36.67 -19.07
C GLU D 120 31.13 35.86 -20.34
N ASP D 121 30.55 34.66 -20.37
CA ASP D 121 30.68 33.79 -21.53
C ASP D 121 29.95 34.40 -22.73
N PRO D 122 30.57 34.39 -23.91
CA PRO D 122 29.93 35.03 -25.07
C PRO D 122 28.63 34.38 -25.50
N ASN D 123 28.56 33.05 -25.50
CA ASN D 123 27.40 32.36 -26.05
C ASN D 123 26.22 32.41 -25.09
N PRO D 124 25.13 33.10 -25.46
CA PRO D 124 23.98 33.17 -24.55
C PRO D 124 23.26 31.85 -24.39
N LEU D 125 23.24 31.00 -25.42
CA LEU D 125 22.63 29.68 -25.29
C LEU D 125 23.33 28.87 -24.20
N ILE D 126 24.67 28.88 -24.20
CA ILE D 126 25.37 28.11 -23.18
C ILE D 126 25.34 28.81 -21.83
N ARG D 127 25.23 30.15 -21.81
CA ARG D 127 24.97 30.84 -20.55
C ARG D 127 23.67 30.36 -19.92
N ALA D 128 22.61 30.29 -20.73
CA ALA D 128 21.32 29.82 -20.23
C ALA D 128 21.39 28.36 -19.83
N LEU D 129 22.11 27.54 -20.59
CA LEU D 129 22.26 26.12 -20.22
C LEU D 129 22.98 25.98 -18.88
N ALA D 130 24.02 26.78 -18.64
CA ALA D 130 24.73 26.73 -17.38
C ALA D 130 23.82 27.15 -16.22
N VAL D 131 23.10 28.27 -16.39
CA VAL D 131 22.23 28.71 -15.30
C VAL D 131 21.01 27.84 -15.14
N ARG D 132 20.69 27.00 -16.13
CA ARG D 132 19.63 26.01 -15.98
C ARG D 132 20.13 24.79 -15.22
N THR D 133 21.35 24.34 -15.50
CA THR D 133 21.92 23.21 -14.77
C THR D 133 22.28 23.58 -13.34
N MET D 134 22.55 24.87 -13.07
CA MET D 134 22.81 25.30 -11.70
C MET D 134 21.62 25.03 -10.79
N GLY D 135 20.40 25.25 -11.29
CA GLY D 135 19.23 24.96 -10.51
C GLY D 135 18.94 23.49 -10.33
N CYS D 136 19.51 22.64 -11.18
CA CYS D 136 19.31 21.21 -11.08
C CYS D 136 20.34 20.53 -10.17
N ILE D 137 21.57 21.03 -10.13
CA ILE D 137 22.55 20.46 -9.23
C ILE D 137 22.18 20.83 -7.79
N ARG D 138 21.96 19.82 -6.96
CA ARG D 138 21.53 20.01 -5.58
C ARG D 138 22.75 19.89 -4.67
N VAL D 139 23.16 21.02 -4.07
CA VAL D 139 24.23 21.04 -3.09
C VAL D 139 24.17 22.39 -2.39
N ASP D 140 24.71 22.47 -1.17
CA ASP D 140 24.81 23.73 -0.45
C ASP D 140 26.07 24.51 -0.81
N LYS D 141 26.73 24.15 -1.91
CA LYS D 141 27.95 24.82 -2.35
C LYS D 141 27.68 26.17 -3.02
N ILE D 142 26.42 26.55 -3.20
CA ILE D 142 26.11 27.76 -3.97
C ILE D 142 25.58 28.87 -3.07
N GLU D 148 28.94 37.74 -7.76
CA GLU D 148 27.98 38.17 -8.76
C GLU D 148 27.58 37.07 -9.78
N PRO D 149 27.52 35.78 -9.36
CA PRO D 149 27.35 34.71 -10.35
C PRO D 149 26.05 34.78 -11.12
N LEU D 150 24.92 34.79 -10.41
CA LEU D 150 23.62 34.96 -11.04
C LEU D 150 23.24 36.42 -11.19
N ARG D 151 23.82 37.30 -10.38
CA ARG D 151 23.57 38.74 -10.53
C ARG D 151 24.03 39.23 -11.90
N LYS D 152 25.14 38.70 -12.41
CA LYS D 152 25.59 39.11 -13.74
C LYS D 152 24.79 38.45 -14.85
N CYS D 153 24.33 37.21 -14.65
CA CYS D 153 23.45 36.60 -15.64
C CYS D 153 22.08 37.28 -15.68
N LEU D 154 21.71 38.00 -14.62
CA LEU D 154 20.55 38.88 -14.67
C LEU D 154 20.89 40.26 -15.22
N LYS D 155 22.14 40.72 -15.02
CA LYS D 155 22.63 41.91 -15.72
C LYS D 155 22.71 41.69 -17.23
N ASP D 156 22.70 40.42 -17.66
CA ASP D 156 22.74 40.06 -19.07
C ASP D 156 21.74 40.87 -19.88
N GLU D 157 22.08 41.09 -21.15
CA GLU D 157 21.22 41.84 -22.06
C GLU D 157 20.36 40.95 -22.94
N ASP D 158 20.52 39.62 -22.87
CA ASP D 158 19.71 38.72 -23.67
C ASP D 158 18.47 38.30 -22.88
N PRO D 159 17.26 38.61 -23.36
CA PRO D 159 16.05 38.34 -22.56
C PRO D 159 15.80 36.86 -22.30
N TYR D 160 16.21 35.98 -23.21
CA TYR D 160 16.10 34.55 -22.93
C TYR D 160 16.91 34.17 -21.70
N VAL D 161 18.17 34.63 -21.64
CA VAL D 161 18.98 34.44 -20.45
C VAL D 161 18.29 34.98 -19.22
N ARG D 162 17.62 36.13 -19.35
CA ARG D 162 16.95 36.72 -18.19
C ARG D 162 15.80 35.84 -17.67
N LYS D 163 14.92 35.43 -18.58
CA LYS D 163 13.76 34.64 -18.16
C LYS D 163 14.22 33.33 -17.55
N THR D 164 15.28 32.76 -18.14
CA THR D 164 15.84 31.52 -17.61
C THR D 164 16.43 31.75 -16.21
N ALA D 165 17.10 32.89 -16.00
CA ALA D 165 17.73 33.17 -14.71
C ALA D 165 16.69 33.47 -13.64
N ALA D 166 15.60 34.13 -14.03
CA ALA D 166 14.50 34.39 -13.10
C ALA D 166 13.91 33.09 -12.58
N VAL D 167 13.71 32.11 -13.47
CA VAL D 167 13.20 30.83 -12.99
C VAL D 167 14.26 30.07 -12.18
N CYS D 168 15.55 30.23 -12.51
CA CYS D 168 16.58 29.61 -11.69
C CYS D 168 16.55 30.14 -10.26
N VAL D 169 16.21 31.42 -10.11
CA VAL D 169 16.02 32.02 -8.78
C VAL D 169 15.08 31.18 -7.95
N ALA D 170 13.90 30.87 -8.50
CA ALA D 170 12.94 30.04 -7.76
C ALA D 170 13.50 28.65 -7.53
N LYS D 171 14.11 28.07 -8.57
CA LYS D 171 14.71 26.74 -8.46
C LYS D 171 15.59 26.63 -7.21
N LEU D 172 16.39 27.66 -6.94
CA LEU D 172 17.35 27.53 -5.84
C LEU D 172 16.99 28.38 -4.62
N HIS D 173 15.82 29.01 -4.61
CA HIS D 173 15.22 29.45 -3.34
C HIS D 173 14.22 28.41 -2.85
N ASP D 174 14.07 27.32 -3.60
CA ASP D 174 13.35 26.16 -3.08
C ASP D 174 14.23 25.33 -2.13
N ILE D 175 15.47 25.01 -2.52
CA ILE D 175 16.35 24.26 -1.64
C ILE D 175 16.84 25.14 -0.48
N ASN D 176 17.10 26.41 -0.76
CA ASN D 176 17.63 27.36 0.22
C ASN D 176 16.80 28.64 0.13
N ALA D 177 15.83 28.78 1.03
CA ALA D 177 14.98 29.97 1.02
C ALA D 177 15.76 31.22 1.40
N GLN D 178 16.69 31.10 2.35
CA GLN D 178 17.45 32.24 2.82
C GLN D 178 18.74 32.41 2.03
N ARG D 190 11.43 43.03 -8.89
CA ARG D 190 10.72 44.31 -8.96
C ARG D 190 11.15 45.10 -10.20
N ASP D 191 12.46 45.16 -10.42
CA ASP D 191 12.99 45.85 -11.59
C ASP D 191 12.74 45.08 -12.88
N LEU D 192 12.44 43.78 -12.77
CA LEU D 192 12.39 42.93 -13.95
C LEU D 192 11.14 43.18 -14.78
N ILE D 193 10.00 43.46 -14.13
CA ILE D 193 8.74 43.62 -14.84
C ILE D 193 8.72 44.94 -15.60
N ALA D 194 9.76 45.75 -15.42
CA ALA D 194 9.94 46.96 -16.21
C ALA D 194 10.75 46.71 -17.47
N ASP D 195 11.17 45.47 -17.72
CA ASP D 195 11.94 45.19 -18.91
C ASP D 195 11.07 45.26 -20.15
N SER D 196 11.72 45.09 -21.31
CA SER D 196 11.03 45.23 -22.58
C SER D 196 10.41 43.93 -23.08
N ASN D 197 10.78 42.77 -22.51
CA ASN D 197 10.30 41.50 -23.05
C ASN D 197 9.13 40.99 -22.21
N PRO D 198 7.95 40.84 -22.83
CA PRO D 198 6.81 40.25 -22.10
C PRO D 198 7.10 38.88 -21.53
N MET D 199 7.94 38.09 -22.19
CA MET D 199 8.28 36.77 -21.67
C MET D 199 8.99 36.86 -20.32
N VAL D 200 9.96 37.78 -20.20
CA VAL D 200 10.64 37.90 -18.92
C VAL D 200 9.72 38.53 -17.87
N VAL D 201 8.89 39.49 -18.29
CA VAL D 201 7.99 40.10 -17.29
C VAL D 201 6.88 39.14 -16.87
N ALA D 202 6.64 38.08 -17.63
CA ALA D 202 5.69 37.05 -17.22
C ALA D 202 6.35 35.98 -16.36
N ASN D 203 7.58 35.58 -16.70
CA ASN D 203 8.29 34.63 -15.85
C ASN D 203 8.57 35.24 -14.48
N ALA D 204 8.79 36.55 -14.42
CA ALA D 204 8.97 37.21 -13.13
C ALA D 204 7.75 37.06 -12.24
N VAL D 205 6.56 37.32 -12.79
CA VAL D 205 5.35 37.20 -11.98
C VAL D 205 5.07 35.74 -11.63
N ALA D 206 5.41 34.81 -12.53
CA ALA D 206 5.25 33.39 -12.20
C ALA D 206 6.12 33.01 -11.00
N ALA D 207 7.40 33.40 -11.04
CA ALA D 207 8.30 33.08 -9.94
C ALA D 207 7.83 33.74 -8.65
N LEU D 208 7.38 35.00 -8.73
CA LEU D 208 6.95 35.69 -7.52
C LEU D 208 5.69 35.07 -6.95
N SER D 209 4.75 34.64 -7.80
CA SER D 209 3.55 33.98 -7.32
C SER D 209 3.88 32.64 -6.66
N GLU D 210 4.86 31.92 -7.22
CA GLU D 210 5.26 30.66 -6.59
C GLU D 210 5.93 30.90 -5.25
N ILE D 211 6.75 31.96 -5.14
CA ILE D 211 7.41 32.26 -3.88
C ILE D 211 6.40 32.75 -2.84
N SER D 212 5.36 33.45 -3.27
CA SER D 212 4.32 33.96 -2.37
C SER D 212 4.92 34.91 -1.33
N ASN D 224 1.68 47.68 -7.30
CA ASN D 224 1.34 49.09 -7.48
C ASN D 224 0.59 49.30 -8.80
N PRO D 225 -0.29 50.30 -8.85
CA PRO D 225 -1.09 50.52 -10.06
C PRO D 225 -0.34 51.15 -11.22
N GLN D 226 0.83 51.76 -10.99
CA GLN D 226 1.51 52.50 -12.04
C GLN D 226 2.57 51.68 -12.78
N ASN D 227 3.18 50.70 -12.12
CA ASN D 227 4.14 49.85 -12.80
C ASN D 227 3.49 48.70 -13.55
N ILE D 228 2.19 48.50 -13.38
CA ILE D 228 1.44 47.49 -14.14
C ILE D 228 0.78 48.19 -15.33
N ASN D 229 1.18 49.44 -15.58
CA ASN D 229 0.62 50.17 -16.71
C ASN D 229 0.91 49.48 -18.04
N LYS D 230 2.06 48.81 -18.14
CA LYS D 230 2.42 48.05 -19.32
C LYS D 230 2.45 46.55 -19.08
N LEU D 231 2.13 46.10 -17.86
CA LEU D 231 1.93 44.67 -17.64
C LEU D 231 0.76 44.16 -18.46
N LEU D 232 -0.32 44.93 -18.54
CA LEU D 232 -1.49 44.53 -19.31
C LEU D 232 -1.29 44.62 -20.81
N THR D 233 -0.17 45.21 -21.27
CA THR D 233 0.21 45.20 -22.69
C THR D 233 1.23 44.12 -23.01
N ALA D 234 2.19 43.90 -22.12
CA ALA D 234 2.99 42.68 -22.19
C ALA D 234 2.09 41.45 -22.15
N LEU D 235 0.94 41.55 -21.48
CA LEU D 235 -0.08 40.51 -21.57
C LEU D 235 -0.47 40.20 -23.00
N ASN D 236 -0.86 41.23 -23.76
CA ASN D 236 -1.28 41.01 -25.14
C ASN D 236 -0.11 40.63 -26.04
N GLU D 237 1.11 41.00 -25.68
CA GLU D 237 2.28 40.65 -26.47
C GLU D 237 2.85 39.27 -26.12
N CYS D 238 2.47 38.69 -24.99
CA CYS D 238 2.98 37.39 -24.57
C CYS D 238 2.38 36.25 -25.39
N THR D 239 2.90 35.05 -25.14
CA THR D 239 2.27 33.83 -25.59
C THR D 239 1.20 33.40 -24.58
N GLU D 240 0.61 32.23 -24.81
CA GLU D 240 -0.52 31.79 -23.99
C GLU D 240 -0.08 31.54 -22.54
N TRP D 241 1.06 30.89 -22.35
CA TRP D 241 1.52 30.59 -20.99
C TRP D 241 1.87 31.86 -20.23
N GLY D 242 2.51 32.83 -20.90
CA GLY D 242 2.78 34.10 -20.27
C GLY D 242 1.51 34.86 -19.93
N GLN D 243 0.50 34.75 -20.81
CA GLN D 243 -0.79 35.38 -20.50
C GLN D 243 -1.41 34.77 -19.25
N ILE D 244 -1.39 33.43 -19.14
CA ILE D 244 -1.91 32.77 -17.94
C ILE D 244 -1.13 33.24 -16.71
N PHE D 245 0.18 33.35 -16.83
CA PHE D 245 1.01 33.76 -15.69
C PHE D 245 0.63 35.17 -15.24
N ILE D 246 0.54 36.11 -16.18
CA ILE D 246 0.21 37.49 -15.83
C ILE D 246 -1.20 37.57 -15.27
N LEU D 247 -2.13 36.77 -15.78
CA LEU D 247 -3.49 36.75 -15.25
C LEU D 247 -3.51 36.25 -13.82
N ASP D 248 -2.81 35.14 -13.55
CA ASP D 248 -2.74 34.61 -12.19
C ASP D 248 -2.11 35.61 -11.24
N CYS D 249 -1.12 36.37 -11.71
CA CYS D 249 -0.49 37.37 -10.86
C CYS D 249 -1.43 38.54 -10.57
N LEU D 250 -2.08 39.06 -11.61
CA LEU D 250 -2.92 40.24 -11.44
C LEU D 250 -4.24 39.92 -10.75
N SER D 251 -4.66 38.66 -10.71
CA SER D 251 -5.91 38.33 -10.05
C SER D 251 -5.85 38.59 -8.55
N ASN D 252 -4.69 38.39 -7.93
CA ASN D 252 -4.54 38.60 -6.49
C ASN D 252 -4.42 40.07 -6.11
N TYR D 253 -4.43 40.98 -7.08
CA TYR D 253 -4.33 42.41 -6.83
C TYR D 253 -5.70 43.02 -6.51
N ASN D 254 -5.68 44.13 -5.76
CA ASN D 254 -6.90 44.83 -5.35
C ASN D 254 -6.79 46.29 -5.76
N PRO D 255 -7.83 46.88 -6.36
CA PRO D 255 -7.74 48.28 -6.78
C PRO D 255 -8.13 49.19 -5.64
N LYS D 256 -7.50 50.35 -5.61
CA LYS D 256 -7.85 51.29 -4.56
C LYS D 256 -9.06 52.11 -4.97
N ASP D 257 -9.02 52.75 -6.13
CA ASP D 257 -10.09 53.62 -6.61
C ASP D 257 -10.75 52.99 -7.82
N ASP D 258 -12.04 52.65 -7.68
CA ASP D 258 -12.75 51.93 -8.74
C ASP D 258 -12.95 52.80 -9.98
N ARG D 259 -13.31 54.07 -9.78
CA ARG D 259 -13.57 54.95 -10.91
C ARG D 259 -12.40 55.06 -11.87
N GLU D 260 -11.18 54.80 -11.41
CA GLU D 260 -10.01 54.84 -12.27
C GLU D 260 -9.36 53.48 -12.48
N ALA D 261 -9.79 52.44 -11.76
CA ALA D 261 -9.27 51.10 -12.00
C ALA D 261 -10.25 50.18 -12.73
N GLN D 262 -11.45 50.66 -13.08
CA GLN D 262 -12.31 49.88 -13.95
C GLN D 262 -11.74 49.76 -15.36
N SER D 263 -10.82 50.66 -15.73
CA SER D 263 -10.10 50.49 -16.97
C SER D 263 -9.32 49.18 -16.99
N ILE D 264 -8.99 48.63 -15.82
CA ILE D 264 -8.32 47.33 -15.78
C ILE D 264 -9.23 46.27 -16.40
N CYS D 265 -10.47 46.15 -15.90
CA CYS D 265 -11.45 45.24 -16.51
C CYS D 265 -11.65 45.55 -17.98
N GLU D 266 -11.74 46.84 -18.32
CA GLU D 266 -11.92 47.19 -19.72
C GLU D 266 -10.79 46.59 -20.55
N ARG D 267 -9.55 47.00 -20.29
CA ARG D 267 -8.41 46.63 -21.10
C ARG D 267 -7.92 45.24 -20.70
N VAL D 268 -8.75 44.48 -20.00
CA VAL D 268 -8.46 43.08 -19.80
C VAL D 268 -9.53 42.19 -20.42
N THR D 269 -10.65 42.78 -20.87
CA THR D 269 -11.69 41.95 -21.49
C THR D 269 -11.31 41.20 -22.77
N PRO D 270 -10.47 41.75 -23.67
CA PRO D 270 -10.15 41.00 -24.91
C PRO D 270 -9.59 39.61 -24.70
N ARG D 271 -8.89 39.35 -23.58
CA ARG D 271 -8.40 38.01 -23.32
C ARG D 271 -9.49 36.97 -23.22
N LEU D 272 -10.75 37.38 -23.11
CA LEU D 272 -11.85 36.44 -23.09
C LEU D 272 -11.90 35.66 -24.40
N SER D 273 -12.13 34.36 -24.30
CA SER D 273 -12.25 33.47 -25.46
C SER D 273 -10.93 33.42 -26.26
N HIS D 274 -9.82 33.35 -25.55
CA HIS D 274 -8.55 32.99 -26.17
C HIS D 274 -8.51 31.47 -26.32
N ALA D 275 -7.82 31.00 -27.37
CA ALA D 275 -7.83 29.59 -27.73
C ALA D 275 -7.52 28.68 -26.54
N ASN D 276 -6.67 29.14 -25.62
CA ASN D 276 -6.36 28.38 -24.42
C ASN D 276 -7.48 28.54 -23.39
N SER D 277 -7.76 27.47 -22.65
CA SER D 277 -8.80 27.56 -21.63
C SER D 277 -8.28 28.20 -20.34
N ALA D 278 -6.97 28.10 -20.09
CA ALA D 278 -6.43 28.67 -18.86
C ALA D 278 -6.54 30.19 -18.86
N VAL D 279 -6.29 30.83 -20.01
CA VAL D 279 -6.39 32.28 -20.07
C VAL D 279 -7.83 32.74 -19.88
N VAL D 280 -8.79 32.04 -20.48
CA VAL D 280 -10.18 32.47 -20.30
C VAL D 280 -10.62 32.23 -18.86
N LEU D 281 -10.16 31.14 -18.23
CA LEU D 281 -10.49 30.91 -16.82
C LEU D 281 -9.90 31.99 -15.92
N SER D 282 -8.63 32.35 -16.15
CA SER D 282 -8.00 33.36 -15.30
C SER D 282 -8.54 34.76 -15.58
N ALA D 283 -8.94 35.03 -16.82
CA ALA D 283 -9.59 36.30 -17.12
C ALA D 283 -10.95 36.38 -16.45
N VAL D 284 -11.71 35.28 -16.46
CA VAL D 284 -12.97 35.25 -15.72
C VAL D 284 -12.71 35.42 -14.23
N LYS D 285 -11.64 34.82 -13.71
CA LYS D 285 -11.30 35.00 -12.30
C LYS D 285 -11.09 36.47 -11.98
N VAL D 286 -10.21 37.13 -12.73
CA VAL D 286 -9.87 38.52 -12.44
C VAL D 286 -11.11 39.40 -12.63
N LEU D 287 -11.93 39.12 -13.66
CA LEU D 287 -13.12 39.92 -13.91
C LEU D 287 -14.18 39.70 -12.83
N MET D 288 -14.43 38.44 -12.45
CA MET D 288 -15.35 38.15 -11.36
C MET D 288 -14.93 38.85 -10.08
N LYS D 289 -13.65 38.78 -9.74
CA LYS D 289 -13.17 39.47 -8.58
C LYS D 289 -13.42 40.96 -8.69
N PHE D 290 -13.13 41.55 -9.85
CA PHE D 290 -13.08 42.99 -9.95
C PHE D 290 -14.42 43.61 -10.29
N LEU D 291 -15.40 42.80 -10.62
CA LEU D 291 -16.69 43.28 -11.06
C LEU D 291 -17.49 43.98 -9.96
N GLU D 292 -16.94 44.15 -8.76
CA GLU D 292 -17.65 44.85 -7.70
C GLU D 292 -17.48 46.35 -7.90
N LEU D 293 -18.41 46.89 -8.68
CA LEU D 293 -18.55 48.30 -9.01
C LEU D 293 -20.02 48.65 -8.87
N LEU D 294 -20.44 49.85 -9.29
CA LEU D 294 -21.82 50.28 -9.07
C LEU D 294 -22.78 49.40 -9.88
N PRO D 295 -23.77 48.77 -9.26
CA PRO D 295 -24.44 47.61 -9.88
C PRO D 295 -25.40 47.92 -11.02
N LYS D 296 -25.75 49.18 -11.29
CA LYS D 296 -26.33 49.56 -12.58
C LYS D 296 -25.50 50.73 -13.07
N ASP D 297 -24.63 50.48 -14.05
CA ASP D 297 -23.44 51.27 -14.29
C ASP D 297 -23.47 51.93 -15.66
N SER D 298 -24.65 52.41 -16.08
CA SER D 298 -24.93 52.62 -17.50
C SER D 298 -24.67 51.30 -18.23
N ASP D 299 -25.06 50.22 -17.55
CA ASP D 299 -24.93 48.85 -18.01
C ASP D 299 -23.52 48.47 -18.43
N TYR D 300 -22.48 49.09 -17.87
CA TYR D 300 -21.19 48.41 -17.95
C TYR D 300 -21.23 47.12 -17.14
N TYR D 301 -21.83 47.19 -15.95
CA TYR D 301 -22.02 45.98 -15.14
C TYR D 301 -22.74 44.92 -15.95
N ASN D 302 -23.83 45.29 -16.62
CA ASN D 302 -24.59 44.32 -17.39
C ASN D 302 -23.85 43.87 -18.66
N MET D 303 -23.09 44.77 -19.30
CA MET D 303 -22.32 44.38 -20.47
C MET D 303 -21.25 43.37 -20.10
N LEU D 304 -20.59 43.56 -18.96
CA LEU D 304 -19.59 42.58 -18.54
C LEU D 304 -20.28 41.28 -18.12
N LEU D 305 -21.42 41.41 -17.42
CA LEU D 305 -22.24 40.26 -17.05
C LEU D 305 -22.63 39.44 -18.28
N LYS D 306 -22.98 40.10 -19.37
CA LYS D 306 -23.40 39.42 -20.59
C LYS D 306 -22.21 38.94 -21.42
N LYS D 307 -21.07 39.64 -21.35
CA LYS D 307 -19.88 39.23 -22.08
C LYS D 307 -19.24 38.00 -21.47
N LEU D 308 -19.37 37.82 -20.15
CA LEU D 308 -18.75 36.67 -19.50
C LEU D 308 -19.34 35.34 -19.91
N ALA D 309 -20.57 35.32 -20.44
CA ALA D 309 -21.28 34.05 -20.65
C ALA D 309 -20.83 33.25 -21.87
N PRO D 310 -20.67 33.86 -23.05
CA PRO D 310 -20.32 33.08 -24.25
C PRO D 310 -18.99 32.33 -24.12
N PRO D 311 -17.94 32.91 -23.51
CA PRO D 311 -16.71 32.12 -23.39
C PRO D 311 -16.86 30.92 -22.46
N LEU D 312 -17.56 31.10 -21.34
CA LEU D 312 -17.83 29.97 -20.45
C LEU D 312 -18.64 28.90 -21.16
N VAL D 313 -19.56 29.29 -22.04
CA VAL D 313 -20.38 28.28 -22.71
C VAL D 313 -19.61 27.61 -23.84
N THR D 314 -18.65 28.31 -24.46
CA THR D 314 -17.82 27.69 -25.49
C THR D 314 -16.73 26.81 -24.90
N LEU D 315 -16.37 27.02 -23.63
CA LEU D 315 -15.38 26.17 -22.99
C LEU D 315 -15.79 24.70 -22.98
N LEU D 316 -17.08 24.39 -23.17
CA LEU D 316 -17.51 23.00 -23.24
C LEU D 316 -17.06 22.31 -24.53
N SER D 317 -16.56 23.06 -25.51
CA SER D 317 -16.10 22.46 -26.76
C SER D 317 -14.77 21.75 -26.59
N GLY D 318 -14.02 22.05 -25.54
CA GLY D 318 -12.74 21.43 -25.32
C GLY D 318 -12.85 19.97 -24.95
N GLU D 319 -11.70 19.37 -24.65
CA GLU D 319 -11.63 17.98 -24.25
C GLU D 319 -12.33 17.77 -22.91
N PRO D 320 -12.57 16.52 -22.51
CA PRO D 320 -13.30 16.28 -21.26
C PRO D 320 -12.67 16.92 -20.03
N GLU D 321 -11.34 16.91 -19.91
CA GLU D 321 -10.70 17.42 -18.70
C GLU D 321 -10.89 18.93 -18.57
N VAL D 322 -10.65 19.67 -19.66
CA VAL D 322 -10.84 21.11 -19.62
C VAL D 322 -12.31 21.46 -19.43
N GLN D 323 -13.22 20.71 -20.07
CA GLN D 323 -14.62 21.03 -19.88
C GLN D 323 -15.10 20.69 -18.47
N TYR D 324 -14.47 19.70 -17.82
CA TYR D 324 -14.84 19.39 -16.44
C TYR D 324 -14.34 20.46 -15.47
N VAL D 325 -13.11 20.93 -15.65
CA VAL D 325 -12.66 22.03 -14.78
C VAL D 325 -13.51 23.27 -15.04
N ALA D 326 -13.91 23.50 -16.29
CA ALA D 326 -14.80 24.62 -16.59
C ALA D 326 -16.16 24.43 -15.94
N LEU D 327 -16.68 23.20 -15.89
CA LEU D 327 -17.97 22.95 -15.26
C LEU D 327 -17.91 23.18 -13.75
N ARG D 328 -16.82 22.75 -13.12
CA ARG D 328 -16.61 23.06 -11.70
C ARG D 328 -16.63 24.57 -11.47
N ASN D 329 -15.90 25.30 -12.30
CA ASN D 329 -15.87 26.75 -12.15
C ASN D 329 -17.22 27.38 -12.45
N ILE D 330 -17.98 26.82 -13.40
CA ILE D 330 -19.30 27.36 -13.70
C ILE D 330 -20.26 27.13 -12.54
N ASN D 331 -20.16 25.96 -11.89
CA ASN D 331 -20.93 25.73 -10.67
C ASN D 331 -20.62 26.79 -9.62
N LEU D 332 -19.32 27.03 -9.38
CA LEU D 332 -18.89 28.07 -8.45
C LEU D 332 -19.49 29.44 -8.80
N ILE D 333 -19.27 29.87 -10.04
CA ILE D 333 -19.75 31.17 -10.49
C ILE D 333 -21.27 31.27 -10.58
N VAL D 334 -21.98 30.16 -10.80
CA VAL D 334 -23.43 30.27 -10.85
C VAL D 334 -24.00 30.34 -9.44
N GLN D 335 -23.30 29.73 -8.46
CA GLN D 335 -23.62 30.00 -7.07
C GLN D 335 -23.40 31.48 -6.76
N LYS D 336 -22.28 32.04 -7.20
CA LYS D 336 -21.95 33.42 -6.84
C LYS D 336 -22.87 34.42 -7.55
N ARG D 337 -22.79 34.49 -8.88
CA ARG D 337 -23.58 35.40 -9.70
C ARG D 337 -24.47 34.56 -10.60
N PRO D 338 -25.64 34.14 -10.10
CA PRO D 338 -26.50 33.23 -10.88
C PRO D 338 -27.04 33.85 -12.16
N GLU D 339 -26.92 35.16 -12.34
CA GLU D 339 -27.54 35.82 -13.49
C GLU D 339 -26.83 35.48 -14.80
N ILE D 340 -25.50 35.35 -14.75
CA ILE D 340 -24.68 35.36 -15.97
C ILE D 340 -25.21 34.37 -16.99
N LEU D 341 -25.67 33.20 -16.53
CA LEU D 341 -26.07 32.12 -17.42
C LEU D 341 -27.51 31.68 -17.19
N LYS D 342 -28.37 32.64 -16.79
CA LYS D 342 -29.76 32.33 -16.46
C LYS D 342 -30.44 31.45 -17.51
N GLN D 343 -30.10 31.65 -18.78
CA GLN D 343 -30.82 31.01 -19.88
C GLN D 343 -30.12 29.78 -20.44
N GLU D 344 -29.01 29.32 -19.84
CA GLU D 344 -28.18 28.30 -20.46
C GLU D 344 -28.40 26.92 -19.85
N ILE D 345 -29.56 26.72 -19.23
CA ILE D 345 -29.82 25.44 -18.60
C ILE D 345 -29.99 24.33 -19.64
N LYS D 346 -30.56 24.63 -20.81
CA LYS D 346 -30.60 23.60 -21.84
C LYS D 346 -29.22 23.29 -22.38
N VAL D 347 -28.32 24.28 -22.40
CA VAL D 347 -26.94 24.00 -22.79
C VAL D 347 -26.32 22.99 -21.84
N PHE D 348 -26.67 23.07 -20.57
CA PHE D 348 -26.08 22.14 -19.60
C PHE D 348 -26.84 20.82 -19.42
N PHE D 349 -27.64 20.40 -20.40
CA PHE D 349 -28.32 19.11 -20.28
C PHE D 349 -27.32 17.96 -20.45
N VAL D 350 -27.70 16.81 -19.90
CA VAL D 350 -26.86 15.61 -19.97
C VAL D 350 -27.07 14.90 -21.30
N LYS D 351 -25.99 14.37 -21.85
CA LYS D 351 -25.98 13.73 -23.16
C LYS D 351 -25.14 12.46 -23.04
N TYR D 352 -25.47 11.46 -23.86
CA TYR D 352 -24.85 10.13 -23.74
C TYR D 352 -23.34 10.21 -23.65
N ASN D 353 -22.70 10.84 -24.63
CA ASN D 353 -21.26 10.72 -24.77
C ASN D 353 -20.49 11.56 -23.76
N ASP D 354 -21.20 12.25 -22.88
CA ASP D 354 -20.59 12.96 -21.77
C ASP D 354 -20.01 11.96 -20.77
N PRO D 355 -18.79 12.19 -20.28
CA PRO D 355 -18.25 11.30 -19.23
C PRO D 355 -18.94 11.54 -17.89
N ILE D 356 -18.66 10.66 -16.93
CA ILE D 356 -19.45 10.61 -15.69
C ILE D 356 -19.24 11.85 -14.82
N TYR D 357 -17.99 12.24 -14.62
CA TYR D 357 -17.72 13.42 -13.80
C TYR D 357 -18.38 14.68 -14.39
N VAL D 358 -18.31 14.84 -15.71
CA VAL D 358 -18.96 16.00 -16.30
C VAL D 358 -20.47 15.84 -16.28
N LYS D 359 -20.97 14.60 -16.29
CA LYS D 359 -22.42 14.38 -16.17
C LYS D 359 -22.93 14.87 -14.82
N LEU D 360 -22.20 14.54 -13.75
CA LEU D 360 -22.53 15.04 -12.42
C LEU D 360 -22.49 16.57 -12.39
N GLU D 361 -21.46 17.16 -12.98
CA GLU D 361 -21.36 18.63 -12.99
C GLU D 361 -22.50 19.26 -13.77
N LYS D 362 -22.87 18.67 -14.91
CA LYS D 362 -24.00 19.19 -15.68
C LYS D 362 -25.29 19.10 -14.89
N LEU D 363 -25.49 17.99 -14.18
CA LEU D 363 -26.68 17.85 -13.34
C LEU D 363 -26.75 18.97 -12.30
N ASP D 364 -25.62 19.23 -11.65
CA ASP D 364 -25.59 20.27 -10.62
C ASP D 364 -25.91 21.64 -11.21
N ILE D 365 -25.31 21.97 -12.35
CA ILE D 365 -25.53 23.31 -12.92
C ILE D 365 -26.94 23.42 -13.52
N MET D 366 -27.50 22.31 -14.00
CA MET D 366 -28.87 22.29 -14.48
C MET D 366 -29.84 22.60 -13.35
N ILE D 367 -29.62 22.00 -12.17
CA ILE D 367 -30.51 22.31 -11.06
C ILE D 367 -30.26 23.72 -10.54
N ARG D 368 -29.03 24.24 -10.69
CA ARG D 368 -28.80 25.65 -10.41
C ARG D 368 -29.72 26.53 -11.24
N LEU D 369 -29.66 26.36 -12.56
CA LEU D 369 -30.30 27.29 -13.48
C LEU D 369 -31.77 26.98 -13.74
N ALA D 370 -32.31 25.89 -13.17
CA ALA D 370 -33.73 25.61 -13.30
C ALA D 370 -34.58 26.79 -12.79
N SER D 371 -35.72 26.99 -13.44
CA SER D 371 -36.65 28.06 -13.12
C SER D 371 -38.05 27.49 -12.88
N GLN D 372 -38.98 28.40 -12.55
CA GLN D 372 -40.35 28.02 -12.26
C GLN D 372 -41.01 27.32 -13.44
N ALA D 373 -40.61 27.66 -14.66
CA ALA D 373 -41.10 26.96 -15.84
C ALA D 373 -40.16 25.86 -16.30
N ASN D 374 -38.86 25.97 -15.99
CA ASN D 374 -37.91 24.94 -16.39
C ASN D 374 -38.12 23.64 -15.65
N ILE D 375 -38.66 23.69 -14.43
CA ILE D 375 -38.73 22.50 -13.59
C ILE D 375 -39.42 21.34 -14.30
N ALA D 376 -40.42 21.63 -15.13
CA ALA D 376 -41.10 20.56 -15.85
C ALA D 376 -40.14 19.78 -16.74
N GLN D 377 -39.41 20.49 -17.61
CA GLN D 377 -38.46 19.83 -18.51
C GLN D 377 -37.32 19.18 -17.74
N VAL D 378 -36.84 19.84 -16.68
CA VAL D 378 -35.70 19.30 -15.97
C VAL D 378 -36.09 18.02 -15.24
N LEU D 379 -37.32 17.95 -14.71
CA LEU D 379 -37.75 16.71 -14.06
C LEU D 379 -38.07 15.64 -15.09
N ALA D 380 -38.58 16.02 -16.26
CA ALA D 380 -38.76 15.04 -17.33
C ALA D 380 -37.44 14.37 -17.68
N GLU D 381 -36.36 15.16 -17.71
CA GLU D 381 -35.04 14.58 -17.98
C GLU D 381 -34.47 13.82 -16.78
N LEU D 382 -34.74 14.29 -15.56
CA LEU D 382 -34.22 13.61 -14.37
C LEU D 382 -34.87 12.25 -14.16
N LYS D 383 -36.16 12.14 -14.49
CA LYS D 383 -36.83 10.84 -14.42
C LYS D 383 -36.16 9.83 -15.32
N GLU D 384 -35.77 10.25 -16.53
CA GLU D 384 -35.08 9.35 -17.44
C GLU D 384 -33.65 9.05 -16.95
N TYR D 385 -32.98 10.05 -16.38
CA TYR D 385 -31.67 9.82 -15.80
C TYR D 385 -31.73 8.77 -14.70
N ALA D 386 -32.80 8.77 -13.92
CA ALA D 386 -32.93 7.87 -12.77
C ALA D 386 -32.96 6.41 -13.15
N THR D 387 -32.94 6.10 -14.45
CA THR D 387 -32.93 4.72 -14.92
C THR D 387 -31.53 4.23 -15.27
N GLU D 388 -30.51 5.04 -15.06
CA GLU D 388 -29.16 4.72 -15.52
C GLU D 388 -28.56 3.60 -14.69
N VAL D 389 -27.29 3.28 -14.99
CA VAL D 389 -26.59 2.18 -14.34
C VAL D 389 -25.62 2.73 -13.30
N ASP D 390 -25.08 3.93 -13.54
CA ASP D 390 -24.09 4.49 -12.64
C ASP D 390 -24.76 4.90 -11.33
N VAL D 391 -24.27 4.33 -10.22
CA VAL D 391 -24.86 4.59 -8.91
C VAL D 391 -24.69 6.05 -8.52
N ASP D 392 -23.49 6.60 -8.72
CA ASP D 392 -23.25 8.01 -8.39
C ASP D 392 -24.23 8.91 -9.14
N PHE D 393 -24.38 8.68 -10.45
CA PHE D 393 -25.32 9.47 -11.25
C PHE D 393 -26.74 9.35 -10.74
N VAL D 394 -27.22 8.11 -10.53
CA VAL D 394 -28.60 7.92 -10.12
C VAL D 394 -28.86 8.56 -8.76
N ARG D 395 -27.88 8.47 -7.85
CA ARG D 395 -28.05 9.05 -6.53
C ARG D 395 -28.12 10.57 -6.62
N LYS D 396 -27.20 11.18 -7.38
CA LYS D 396 -27.26 12.63 -7.56
C LYS D 396 -28.54 13.06 -8.27
N ALA D 397 -29.05 12.23 -9.19
CA ALA D 397 -30.25 12.58 -9.93
C ALA D 397 -31.47 12.59 -9.02
N VAL D 398 -31.58 11.62 -8.12
CA VAL D 398 -32.72 11.66 -7.21
C VAL D 398 -32.54 12.76 -6.17
N ARG D 399 -31.30 13.02 -5.75
CA ARG D 399 -31.05 14.18 -4.91
C ARG D 399 -31.55 15.45 -5.58
N ALA D 400 -31.36 15.57 -6.89
CA ALA D 400 -31.78 16.76 -7.62
C ALA D 400 -33.30 16.83 -7.78
N ILE D 401 -33.94 15.70 -8.08
CA ILE D 401 -35.40 15.72 -8.20
C ILE D 401 -36.03 16.04 -6.85
N GLY D 402 -35.31 15.77 -5.76
CA GLY D 402 -35.74 16.26 -4.45
C GLY D 402 -35.50 17.74 -4.29
N ARG D 403 -34.29 18.18 -4.65
CA ARG D 403 -33.86 19.56 -4.43
C ARG D 403 -34.77 20.57 -5.13
N CYS D 404 -35.34 20.20 -6.29
CA CYS D 404 -36.18 21.10 -7.09
C CYS D 404 -37.20 21.89 -6.27
N ALA D 405 -37.70 21.27 -5.20
CA ALA D 405 -38.69 21.89 -4.35
C ALA D 405 -38.18 23.12 -3.62
N ILE D 406 -36.87 23.44 -3.72
CA ILE D 406 -36.38 24.64 -3.05
C ILE D 406 -36.82 25.88 -3.81
N LYS D 407 -36.75 25.82 -5.14
CA LYS D 407 -37.17 26.96 -5.95
C LYS D 407 -38.64 26.88 -6.36
N VAL D 408 -39.18 25.67 -6.56
CA VAL D 408 -40.54 25.55 -7.06
C VAL D 408 -41.34 24.63 -6.14
N GLU D 409 -42.51 25.12 -5.71
CA GLU D 409 -43.38 24.41 -4.79
C GLU D 409 -44.52 23.67 -5.46
N GLN D 410 -45.01 24.16 -6.60
CA GLN D 410 -46.08 23.47 -7.31
C GLN D 410 -45.64 22.10 -7.78
N SER D 411 -44.35 21.93 -8.09
CA SER D 411 -43.82 20.61 -8.39
C SER D 411 -43.68 19.77 -7.13
N ALA D 412 -43.41 20.41 -6.00
CA ALA D 412 -43.03 19.69 -4.78
C ALA D 412 -43.84 18.41 -4.58
N GLU D 413 -45.16 18.51 -4.52
CA GLU D 413 -45.98 17.36 -4.19
C GLU D 413 -45.71 16.19 -5.13
N ARG D 414 -45.77 16.44 -6.44
CA ARG D 414 -45.54 15.35 -7.37
C ARG D 414 -44.10 14.86 -7.31
N CYS D 415 -43.16 15.77 -7.04
CA CYS D 415 -41.80 15.32 -6.77
C CYS D 415 -41.84 14.26 -5.70
N VAL D 416 -42.50 14.60 -4.60
CA VAL D 416 -42.64 13.69 -3.46
C VAL D 416 -43.20 12.36 -3.94
N SER D 417 -44.24 12.44 -4.79
CA SER D 417 -44.88 11.22 -5.26
C SER D 417 -43.86 10.33 -5.96
N THR D 418 -43.12 10.92 -6.89
CA THR D 418 -42.10 10.17 -7.60
C THR D 418 -41.14 9.55 -6.60
N LEU D 419 -40.72 10.34 -5.62
CA LEU D 419 -39.74 9.84 -4.66
C LEU D 419 -40.31 8.66 -3.90
N LEU D 420 -41.60 8.73 -3.58
CA LEU D 420 -42.22 7.64 -2.84
C LEU D 420 -42.21 6.37 -3.70
N ASP D 421 -42.50 6.54 -4.98
CA ASP D 421 -42.47 5.36 -5.84
C ASP D 421 -41.05 4.81 -5.93
N LEU D 422 -40.04 5.67 -5.83
CA LEU D 422 -38.68 5.16 -5.84
C LEU D 422 -38.38 4.41 -4.55
N ILE D 423 -38.90 4.92 -3.44
CA ILE D 423 -38.80 4.22 -2.17
C ILE D 423 -39.45 2.85 -2.31
N GLN D 424 -40.47 2.76 -3.17
CA GLN D 424 -41.12 1.48 -3.41
C GLN D 424 -40.26 0.58 -4.30
N THR D 425 -39.57 1.17 -5.27
CA THR D 425 -38.62 0.42 -6.08
C THR D 425 -37.58 -0.25 -5.19
N LYS D 426 -37.21 0.44 -4.12
CA LYS D 426 -36.47 -0.15 -2.99
C LYS D 426 -35.02 -0.48 -3.34
N VAL D 427 -34.43 0.20 -4.32
CA VAL D 427 -32.99 0.07 -4.55
C VAL D 427 -32.31 0.97 -3.54
N ASN D 428 -31.54 0.37 -2.62
CA ASN D 428 -31.14 1.08 -1.41
C ASN D 428 -30.34 2.35 -1.71
N TYR D 429 -29.43 2.28 -2.69
CA TYR D 429 -28.56 3.43 -2.94
C TYR D 429 -29.35 4.64 -3.41
N VAL D 430 -30.45 4.43 -4.12
CA VAL D 430 -31.29 5.55 -4.55
C VAL D 430 -32.28 5.94 -3.46
N VAL D 431 -32.79 4.94 -2.71
CA VAL D 431 -33.80 5.19 -1.70
C VAL D 431 -33.25 6.06 -0.58
N GLN D 432 -32.00 5.85 -0.20
CA GLN D 432 -31.48 6.58 0.95
C GLN D 432 -31.15 8.03 0.61
N GLU D 433 -30.64 8.27 -0.60
CA GLU D 433 -30.47 9.65 -1.05
C GLU D 433 -31.81 10.36 -1.19
N ALA D 434 -32.85 9.61 -1.63
CA ALA D 434 -34.18 10.19 -1.69
C ALA D 434 -34.70 10.57 -0.32
N ILE D 435 -34.44 9.73 0.69
CA ILE D 435 -34.92 10.05 2.03
C ILE D 435 -34.16 11.25 2.61
N VAL D 436 -32.87 11.38 2.30
CA VAL D 436 -32.14 12.58 2.69
C VAL D 436 -32.79 13.84 2.09
N VAL D 437 -33.13 13.78 0.80
CA VAL D 437 -33.69 14.99 0.19
C VAL D 437 -35.09 15.27 0.71
N ILE D 438 -35.86 14.23 1.04
CA ILE D 438 -37.17 14.52 1.62
C ILE D 438 -37.07 15.04 3.05
N ARG D 439 -36.01 14.71 3.79
CA ARG D 439 -35.76 15.42 5.05
C ARG D 439 -35.51 16.90 4.79
N ASP D 440 -34.68 17.22 3.81
CA ASP D 440 -34.46 18.63 3.47
C ASP D 440 -35.77 19.28 3.00
N ILE D 441 -36.60 18.53 2.29
CA ILE D 441 -37.87 19.08 1.81
C ILE D 441 -38.87 19.25 2.96
N PHE D 442 -38.83 18.36 3.96
CA PHE D 442 -39.59 18.56 5.18
C PHE D 442 -39.17 19.84 5.87
N ARG D 443 -37.86 20.07 5.93
CA ARG D 443 -37.32 21.28 6.52
C ARG D 443 -37.84 22.53 5.80
N LYS D 444 -37.91 22.48 4.47
CA LYS D 444 -38.37 23.64 3.70
C LYS D 444 -39.90 23.77 3.65
N HIS D 445 -40.64 22.67 3.80
CA HIS D 445 -42.10 22.68 3.73
C HIS D 445 -42.64 22.04 5.01
N PRO D 446 -42.73 22.80 6.09
CA PRO D 446 -43.23 22.23 7.35
C PRO D 446 -44.68 21.78 7.24
N ASN D 447 -44.94 20.57 7.77
CA ASN D 447 -46.25 19.92 7.84
C ASN D 447 -47.11 20.13 6.60
N LYS D 448 -46.50 20.02 5.41
CA LYS D 448 -47.26 19.90 4.17
C LYS D 448 -47.33 18.47 3.67
N TYR D 449 -46.30 17.67 3.95
CA TYR D 449 -46.22 16.28 3.53
C TYR D 449 -46.08 15.36 4.73
N GLU D 450 -46.70 15.76 5.84
CA GLU D 450 -46.74 14.99 7.08
C GLU D 450 -47.39 13.63 6.90
N SER D 451 -48.10 13.41 5.79
CA SER D 451 -48.80 12.14 5.58
C SER D 451 -47.88 11.02 5.12
N ILE D 452 -46.77 11.36 4.45
CA ILE D 452 -45.86 10.33 3.95
C ILE D 452 -44.99 9.74 5.05
N ILE D 453 -44.85 10.43 6.18
CA ILE D 453 -43.98 10.01 7.28
C ILE D 453 -44.15 8.52 7.53
N ALA D 454 -45.40 8.07 7.65
CA ALA D 454 -45.65 6.67 8.00
C ALA D 454 -45.06 5.72 6.96
N THR D 455 -45.38 5.94 5.69
CA THR D 455 -44.80 5.05 4.68
C THR D 455 -43.28 5.09 4.76
N LEU D 456 -42.72 6.24 5.12
CA LEU D 456 -41.26 6.34 5.24
C LEU D 456 -40.77 5.47 6.38
N CYS D 457 -41.47 5.52 7.51
CA CYS D 457 -41.16 4.67 8.64
C CYS D 457 -41.29 3.21 8.27
N GLY D 458 -42.08 2.94 7.24
CA GLY D 458 -42.22 1.57 6.76
C GLY D 458 -40.88 0.92 6.43
N ASN D 459 -39.90 1.72 6.03
CA ASN D 459 -38.57 1.22 5.71
C ASN D 459 -37.64 1.37 6.93
N LEU D 460 -37.90 0.52 7.93
CA LEU D 460 -37.16 0.61 9.18
C LEU D 460 -35.74 0.09 9.02
N ASP D 461 -35.59 -1.19 8.69
CA ASP D 461 -34.32 -1.87 8.74
C ASP D 461 -33.48 -1.70 7.47
N SER D 462 -34.06 -1.16 6.40
CA SER D 462 -33.34 -0.97 5.15
C SER D 462 -32.42 0.24 5.17
N LEU D 463 -32.43 1.03 6.24
CA LEU D 463 -31.61 2.23 6.33
C LEU D 463 -30.27 1.88 6.96
N ASP D 464 -29.17 2.11 6.23
CA ASP D 464 -27.84 1.79 6.71
C ASP D 464 -26.82 2.91 6.57
N GLU D 465 -27.06 3.90 5.70
CA GLU D 465 -26.07 4.97 5.61
C GLU D 465 -26.31 6.01 6.72
N PRO D 466 -25.24 6.59 7.25
CA PRO D 466 -25.41 7.53 8.38
C PRO D 466 -26.26 8.73 8.05
N ASP D 467 -26.11 9.31 6.85
CA ASP D 467 -26.89 10.48 6.49
C ASP D 467 -28.38 10.16 6.44
N ALA D 468 -28.76 9.03 5.84
CA ALA D 468 -30.17 8.66 5.77
C ALA D 468 -30.72 8.33 7.15
N ARG D 469 -29.94 7.63 7.98
CA ARG D 469 -30.40 7.34 9.34
C ARG D 469 -30.64 8.62 10.11
N ALA D 470 -29.71 9.58 10.01
CA ALA D 470 -29.87 10.84 10.73
C ALA D 470 -31.03 11.65 10.18
N ALA D 471 -31.27 11.61 8.87
CA ALA D 471 -32.40 12.31 8.29
C ALA D 471 -33.72 11.77 8.86
N MET D 472 -33.86 10.44 8.88
CA MET D 472 -35.07 9.84 9.44
C MET D 472 -35.20 10.16 10.93
N ILE D 473 -34.09 10.13 11.66
CA ILE D 473 -34.13 10.41 13.10
C ILE D 473 -34.56 11.86 13.33
N TRP D 474 -34.05 12.79 12.53
CA TRP D 474 -34.43 14.18 12.73
C TRP D 474 -35.89 14.41 12.38
N ILE D 475 -36.39 13.78 11.31
CA ILE D 475 -37.79 14.03 10.97
C ILE D 475 -38.72 13.41 12.02
N VAL D 476 -38.34 12.28 12.60
CA VAL D 476 -39.20 11.72 13.65
C VAL D 476 -39.12 12.57 14.91
N GLY D 477 -37.93 13.08 15.25
CA GLY D 477 -37.83 13.98 16.39
C GLY D 477 -38.61 15.26 16.19
N GLU D 478 -38.74 15.73 14.95
CA GLU D 478 -39.45 16.97 14.71
C GLU D 478 -40.96 16.77 14.62
N TYR D 479 -41.43 15.62 14.16
CA TYR D 479 -42.86 15.39 13.99
C TYR D 479 -43.39 14.31 14.93
N ALA D 480 -42.71 14.09 16.06
CA ALA D 480 -43.27 13.29 17.14
C ALA D 480 -44.67 13.73 17.58
N GLU D 481 -45.11 14.94 17.21
CA GLU D 481 -46.49 15.33 17.52
C GLU D 481 -47.47 14.44 16.78
N ARG D 482 -47.24 14.21 15.49
CA ARG D 482 -48.08 13.30 14.72
C ARG D 482 -47.69 11.84 14.97
N ILE D 483 -46.40 11.57 15.11
CA ILE D 483 -45.91 10.22 15.28
C ILE D 483 -46.20 9.76 16.71
N ASP D 484 -47.13 8.81 16.85
CA ASP D 484 -47.53 8.33 18.16
C ASP D 484 -46.46 7.46 18.82
N ASN D 485 -45.60 6.82 18.03
CA ASN D 485 -44.60 5.89 18.55
C ASN D 485 -43.18 6.39 18.29
N ALA D 486 -43.00 7.71 18.31
CA ALA D 486 -41.68 8.29 18.14
C ALA D 486 -40.73 7.84 19.24
N ASP D 487 -41.25 7.63 20.45
CA ASP D 487 -40.41 7.16 21.55
C ASP D 487 -39.78 5.81 21.20
N GLU D 488 -40.60 4.86 20.73
CA GLU D 488 -40.06 3.55 20.36
C GLU D 488 -39.16 3.66 19.14
N LEU D 489 -39.54 4.49 18.17
CA LEU D 489 -38.72 4.66 16.96
C LEU D 489 -37.32 5.14 17.31
N LEU D 490 -37.21 6.09 18.24
CA LEU D 490 -35.90 6.61 18.62
C LEU D 490 -35.19 5.72 19.64
N GLU D 491 -35.93 4.94 20.44
CA GLU D 491 -35.30 3.96 21.31
C GLU D 491 -34.61 2.87 20.49
N SER D 492 -35.20 2.50 19.36
CA SER D 492 -34.62 1.47 18.50
C SER D 492 -33.18 1.79 18.10
N PHE D 493 -32.77 3.06 18.15
CA PHE D 493 -31.42 3.45 17.80
C PHE D 493 -30.48 3.56 18.99
N LEU D 494 -31.01 3.76 20.20
CA LEU D 494 -30.16 3.88 21.38
C LEU D 494 -29.36 2.60 21.65
N GLU D 495 -29.78 1.47 21.08
CA GLU D 495 -29.14 0.19 21.36
C GLU D 495 -27.86 -0.02 20.57
N GLY D 496 -27.72 0.63 19.41
CA GLY D 496 -26.46 0.62 18.67
C GLY D 496 -25.82 2.00 18.68
N PHE D 497 -25.87 2.64 19.85
CA PHE D 497 -25.46 4.04 19.95
C PHE D 497 -23.97 4.22 19.72
N HIS D 498 -23.15 3.32 20.25
CA HIS D 498 -21.71 3.45 20.09
C HIS D 498 -21.22 2.93 18.74
N ASP D 499 -22.02 2.11 18.05
CA ASP D 499 -21.67 1.67 16.72
C ASP D 499 -22.14 2.63 15.64
N GLU D 500 -23.12 3.48 15.95
CA GLU D 500 -23.45 4.57 15.04
C GLU D 500 -22.30 5.59 15.01
N SER D 501 -22.33 6.45 14.00
CA SER D 501 -21.33 7.50 13.86
C SER D 501 -21.65 8.66 14.79
N THR D 502 -20.68 9.56 14.95
CA THR D 502 -20.88 10.74 15.80
C THR D 502 -21.95 11.64 15.21
N GLN D 503 -21.98 11.75 13.88
CA GLN D 503 -22.99 12.56 13.20
C GLN D 503 -24.39 12.03 13.48
N VAL D 504 -24.53 10.72 13.61
CA VAL D 504 -25.83 10.13 13.94
C VAL D 504 -26.13 10.30 15.42
N GLN D 505 -25.11 10.15 16.28
CA GLN D 505 -25.32 10.24 17.72
C GLN D 505 -25.79 11.63 18.13
N LEU D 506 -25.20 12.67 17.55
CA LEU D 506 -25.61 14.03 17.89
C LEU D 506 -27.06 14.28 17.50
N THR D 507 -27.44 13.86 16.29
CA THR D 507 -28.81 14.06 15.84
C THR D 507 -29.78 13.25 16.68
N LEU D 508 -29.39 12.04 17.10
CA LEU D 508 -30.27 11.23 17.94
C LEU D 508 -30.47 11.86 19.30
N LEU D 509 -29.40 12.40 19.89
CA LEU D 509 -29.52 13.11 21.16
C LEU D 509 -30.47 14.29 21.03
N THR D 510 -30.32 15.07 19.96
CA THR D 510 -31.19 16.23 19.76
C THR D 510 -32.64 15.79 19.54
N ALA D 511 -32.85 14.75 18.74
CA ALA D 511 -34.20 14.26 18.49
C ALA D 511 -34.85 13.76 19.78
N ILE D 512 -34.09 13.09 20.62
CA ILE D 512 -34.66 12.56 21.86
C ILE D 512 -34.98 13.69 22.83
N VAL D 513 -34.15 14.73 22.89
CA VAL D 513 -34.48 15.83 23.79
C VAL D 513 -35.71 16.58 23.29
N LYS D 514 -35.86 16.71 21.97
CA LYS D 514 -37.08 17.31 21.43
C LYS D 514 -38.31 16.45 21.73
N LEU D 515 -38.19 15.14 21.55
CA LEU D 515 -39.30 14.25 21.86
C LEU D 515 -39.65 14.29 23.35
N PHE D 516 -38.64 14.42 24.21
CA PHE D 516 -38.90 14.54 25.64
C PHE D 516 -39.66 15.82 25.96
N LEU D 517 -39.22 16.95 25.39
CA LEU D 517 -39.94 18.19 25.63
C LEU D 517 -41.36 18.15 25.07
N LYS D 518 -41.59 17.36 24.02
CA LYS D 518 -42.94 17.25 23.48
C LYS D 518 -43.82 16.33 24.33
N LYS D 519 -43.27 15.23 24.84
CA LYS D 519 -44.01 14.30 25.70
C LYS D 519 -43.21 14.03 26.99
N PRO D 520 -43.20 15.02 27.90
CA PRO D 520 -42.37 14.92 29.10
C PRO D 520 -42.95 14.04 30.19
N SER D 521 -44.18 13.54 30.03
CA SER D 521 -44.77 12.61 30.99
C SER D 521 -44.61 11.16 30.55
N GLU D 522 -44.02 10.91 29.39
CA GLU D 522 -43.81 9.55 28.92
C GLU D 522 -42.40 9.30 28.38
N THR D 523 -41.52 10.32 28.32
CA THR D 523 -40.22 10.13 27.68
C THR D 523 -39.02 10.36 28.63
N GLN D 524 -39.26 10.26 29.94
CA GLN D 524 -38.17 10.52 30.90
C GLN D 524 -37.08 9.46 30.83
N GLU D 525 -37.49 8.18 30.84
CA GLU D 525 -36.51 7.09 30.72
C GLU D 525 -35.61 7.30 29.50
N LEU D 526 -36.23 7.65 28.37
CA LEU D 526 -35.51 7.75 27.11
C LEU D 526 -34.49 8.88 27.13
N VAL D 527 -34.93 10.07 27.55
CA VAL D 527 -34.00 11.18 27.51
C VAL D 527 -32.87 10.97 28.52
N GLN D 528 -33.19 10.36 29.68
CA GLN D 528 -32.14 10.11 30.65
C GLN D 528 -31.14 9.09 30.13
N GLN D 529 -31.61 8.06 29.43
CA GLN D 529 -30.70 7.07 28.88
C GLN D 529 -29.77 7.69 27.86
N VAL D 530 -30.30 8.50 26.94
CA VAL D 530 -29.41 9.05 25.93
C VAL D 530 -28.42 10.03 26.58
N LEU D 531 -28.87 10.77 27.61
CA LEU D 531 -27.97 11.71 28.28
C LEU D 531 -26.87 10.99 29.03
N SER D 532 -27.20 9.88 29.70
CA SER D 532 -26.19 9.07 30.38
C SER D 532 -25.22 8.46 29.38
N LEU D 533 -25.72 7.93 28.27
CA LEU D 533 -24.83 7.41 27.25
C LEU D 533 -23.84 8.50 26.83
N ALA D 534 -24.36 9.62 26.32
CA ALA D 534 -23.51 10.70 25.82
C ALA D 534 -22.54 11.21 26.88
N THR D 535 -22.97 11.30 28.14
CA THR D 535 -22.12 11.90 29.15
C THR D 535 -21.07 10.95 29.67
N GLN D 536 -21.42 9.67 29.88
CA GLN D 536 -20.63 8.77 30.67
C GLN D 536 -19.78 7.86 29.78
N ASP D 537 -20.38 7.25 28.75
CA ASP D 537 -19.63 6.24 28.01
C ASP D 537 -18.91 6.80 26.79
N SER D 538 -19.18 8.05 26.42
CA SER D 538 -18.68 8.60 25.17
C SER D 538 -17.21 8.97 25.28
N ASP D 539 -16.48 8.70 24.19
CA ASP D 539 -15.09 9.09 24.05
C ASP D 539 -14.93 10.42 23.32
N ASN D 540 -15.98 10.92 22.68
CA ASN D 540 -15.91 12.13 21.89
C ASN D 540 -16.09 13.34 22.80
N PRO D 541 -15.11 14.24 22.91
CA PRO D 541 -15.29 15.42 23.76
C PRO D 541 -16.45 16.30 23.32
N ASP D 542 -16.64 16.48 22.01
CA ASP D 542 -17.73 17.32 21.53
C ASP D 542 -19.09 16.74 21.90
N LEU D 543 -19.27 15.43 21.65
CA LEU D 543 -20.53 14.78 22.01
C LEU D 543 -20.75 14.80 23.52
N ARG D 544 -19.69 14.58 24.29
CA ARG D 544 -19.81 14.60 25.74
C ARG D 544 -20.22 15.98 26.24
N ASP D 545 -19.62 17.03 25.69
CA ASP D 545 -20.00 18.38 26.07
C ASP D 545 -21.43 18.71 25.67
N ARG D 546 -21.85 18.26 24.48
CA ARG D 546 -23.22 18.51 24.06
C ARG D 546 -24.21 17.80 24.98
N GLY D 547 -23.90 16.57 25.37
CA GLY D 547 -24.75 15.85 26.31
C GLY D 547 -24.81 16.53 27.66
N TYR D 548 -23.66 16.98 28.17
CA TYR D 548 -23.64 17.71 29.44
C TYR D 548 -24.47 18.99 29.34
N ILE D 549 -24.35 19.72 28.23
CA ILE D 549 -25.10 20.95 28.03
C ILE D 549 -26.60 20.66 28.08
N TYR D 550 -27.04 19.66 27.31
CA TYR D 550 -28.45 19.30 27.29
C TYR D 550 -28.94 18.90 28.67
N TRP D 551 -28.16 18.07 29.37
CA TRP D 551 -28.55 17.58 30.68
C TRP D 551 -28.71 18.74 31.66
N ARG D 552 -27.72 19.64 31.70
CA ARG D 552 -27.76 20.73 32.66
C ARG D 552 -28.87 21.71 32.35
N LEU D 553 -29.12 21.99 31.06
CA LEU D 553 -30.22 22.87 30.70
C LEU D 553 -31.56 22.27 31.10
N LEU D 554 -31.75 20.96 30.84
CA LEU D 554 -33.01 20.32 31.18
C LEU D 554 -33.20 20.26 32.69
N SER D 555 -32.11 20.06 33.45
CA SER D 555 -32.23 19.98 34.90
C SER D 555 -32.49 21.35 35.51
N THR D 556 -31.96 22.41 34.91
CA THR D 556 -32.14 23.74 35.48
C THR D 556 -33.51 24.32 35.12
N ASP D 557 -33.80 24.47 33.82
CA ASP D 557 -35.00 25.17 33.39
C ASP D 557 -35.66 24.42 32.24
N PRO D 558 -36.75 23.70 32.51
CA PRO D 558 -37.41 22.95 31.42
C PRO D 558 -38.13 23.85 30.43
N VAL D 559 -38.85 24.86 30.90
CA VAL D 559 -39.53 25.77 29.99
C VAL D 559 -38.50 26.52 29.13
N THR D 560 -37.38 26.93 29.74
CA THR D 560 -36.35 27.62 28.96
C THR D 560 -35.66 26.66 28.00
N ALA D 561 -35.48 25.40 28.38
CA ALA D 561 -34.93 24.42 27.46
C ALA D 561 -35.83 24.24 26.25
N LYS D 562 -37.14 24.19 26.49
CA LYS D 562 -38.09 24.16 25.38
C LYS D 562 -37.91 25.38 24.49
N GLU D 563 -38.00 26.57 25.08
CA GLU D 563 -37.75 27.81 24.35
C GLU D 563 -36.50 27.72 23.48
N VAL D 564 -35.43 27.17 24.03
CA VAL D 564 -34.14 27.15 23.34
C VAL D 564 -34.18 26.20 22.15
N VAL D 565 -34.63 24.97 22.35
CA VAL D 565 -34.40 23.91 21.37
C VAL D 565 -35.63 23.69 20.46
N LEU D 566 -36.85 23.74 21.00
CA LEU D 566 -38.03 23.53 20.17
C LEU D 566 -38.54 24.82 19.54
N SER D 567 -37.67 25.82 19.40
CA SER D 567 -38.06 27.12 18.91
C SER D 567 -38.38 27.06 17.42
N GLU D 568 -38.83 28.20 16.88
CA GLU D 568 -39.05 28.35 15.45
C GLU D 568 -37.71 28.64 14.76
N LYS D 569 -37.40 27.89 13.73
CA LYS D 569 -36.07 28.04 13.14
C LYS D 569 -36.12 28.70 11.77
N PRO D 570 -35.16 29.53 11.46
CA PRO D 570 -35.14 30.12 10.12
C PRO D 570 -35.20 29.09 8.99
N LEU D 571 -36.26 29.10 8.19
CA LEU D 571 -36.51 28.01 7.26
C LEU D 571 -35.38 27.92 6.22
N ILE D 572 -34.99 26.69 5.87
CA ILE D 572 -33.90 26.54 4.91
C ILE D 572 -34.35 27.16 3.61
N SER D 573 -33.47 27.95 3.00
CA SER D 573 -33.81 28.45 1.68
C SER D 573 -32.56 28.94 0.99
N GLU D 574 -32.12 28.21 -0.04
CA GLU D 574 -31.48 28.73 -1.25
C GLU D 574 -30.68 27.65 -1.98
N GLU D 575 -29.62 28.11 -2.62
CA GLU D 575 -28.70 27.31 -3.42
C GLU D 575 -28.17 26.10 -2.63
N THR D 576 -28.65 24.91 -3.05
CA THR D 576 -28.63 23.72 -2.21
C THR D 576 -27.21 23.26 -1.85
N ASP D 577 -26.31 23.12 -2.83
CA ASP D 577 -24.98 22.59 -2.52
C ASP D 577 -24.16 23.57 -1.68
N LEU D 578 -24.53 24.85 -1.74
CA LEU D 578 -24.24 25.80 -0.69
C LEU D 578 -22.75 25.83 -0.34
N ILE D 579 -21.90 26.06 -1.33
CA ILE D 579 -20.53 26.33 -0.92
C ILE D 579 -20.55 27.59 -0.06
N GLU D 580 -19.88 27.51 1.09
CA GLU D 580 -20.10 28.43 2.20
C GLU D 580 -20.09 29.88 1.71
N PRO D 581 -20.90 30.77 2.33
CA PRO D 581 -20.82 32.20 1.98
C PRO D 581 -19.42 32.77 1.86
N THR D 582 -18.61 32.62 2.90
CA THR D 582 -17.27 33.20 2.89
C THR D 582 -16.32 32.37 2.05
N LEU D 583 -16.46 31.03 2.12
CA LEU D 583 -15.61 30.14 1.33
C LEU D 583 -15.82 30.35 -0.17
N LEU D 584 -17.03 30.72 -0.57
CA LEU D 584 -17.33 30.91 -1.99
C LEU D 584 -16.69 32.19 -2.51
N ASP D 585 -16.74 33.26 -1.73
CA ASP D 585 -16.00 34.47 -2.10
C ASP D 585 -14.50 34.22 -2.08
N GLU D 586 -14.03 33.34 -1.18
CA GLU D 586 -12.60 32.99 -1.19
C GLU D 586 -12.22 32.20 -2.44
N LEU D 587 -13.08 31.26 -2.85
CA LEU D 587 -12.84 30.47 -4.05
C LEU D 587 -13.06 31.25 -5.33
N ILE D 588 -13.86 32.32 -5.27
CA ILE D 588 -14.04 33.20 -6.44
C ILE D 588 -12.69 33.71 -6.93
N CYS D 589 -11.80 34.07 -6.01
CA CYS D 589 -10.46 34.52 -6.36
C CYS D 589 -9.49 33.35 -6.58
N HIS D 590 -10.01 32.13 -6.77
CA HIS D 590 -9.20 30.94 -7.01
C HIS D 590 -9.69 30.19 -8.24
N ILE D 591 -10.35 30.89 -9.17
CA ILE D 591 -11.03 30.22 -10.27
C ILE D 591 -10.06 29.39 -11.09
N GLY D 592 -8.88 29.94 -11.39
CA GLY D 592 -7.91 29.19 -12.15
C GLY D 592 -7.31 28.02 -11.38
N SER D 593 -7.23 28.14 -10.06
CA SER D 593 -6.47 27.21 -9.24
C SER D 593 -7.27 25.93 -8.95
N LEU D 594 -6.54 24.93 -8.44
CA LEU D 594 -7.16 23.66 -8.04
C LEU D 594 -8.18 23.83 -6.93
N ALA D 595 -8.13 24.95 -6.20
CA ALA D 595 -9.13 25.20 -5.17
C ALA D 595 -10.54 25.16 -5.75
N SER D 596 -10.71 25.68 -6.98
CA SER D 596 -12.03 25.71 -7.59
C SER D 596 -12.51 24.30 -7.93
N VAL D 597 -11.65 23.47 -8.52
CA VAL D 597 -12.06 22.13 -8.89
C VAL D 597 -12.24 21.23 -7.67
N TYR D 598 -11.60 21.56 -6.54
CA TYR D 598 -11.77 20.76 -5.34
C TYR D 598 -12.85 21.28 -4.40
N HIS D 599 -13.30 22.53 -4.57
CA HIS D 599 -14.30 23.13 -3.69
C HIS D 599 -13.83 23.11 -2.23
N LYS D 600 -12.51 23.22 -2.03
CA LYS D 600 -11.87 23.20 -0.73
C LYS D 600 -10.63 24.07 -0.81
N PRO D 601 -10.21 24.69 0.30
CA PRO D 601 -9.12 25.65 0.25
C PRO D 601 -7.78 24.97 0.02
N PRO D 602 -6.74 25.73 -0.35
CA PRO D 602 -5.39 25.13 -0.41
C PRO D 602 -4.82 24.76 0.95
N ASN D 603 -5.51 25.04 2.04
CA ASN D 603 -5.04 24.53 3.33
C ASN D 603 -5.37 23.06 3.50
N ALA D 604 -6.47 22.59 2.91
CA ALA D 604 -6.83 21.19 2.97
C ALA D 604 -5.85 20.31 2.19
N PHE D 605 -5.08 20.89 1.27
CA PHE D 605 -4.14 20.12 0.45
C PHE D 605 -3.04 21.05 -0.06
N VAL D 606 -1.81 20.85 0.42
CA VAL D 606 -0.54 21.30 -0.20
C VAL D 606 0.55 20.29 0.15
N MET E 1 6.84 24.41 -9.83
CA MET E 1 5.45 24.62 -10.21
C MET E 1 4.78 23.28 -10.52
N ILE E 2 5.42 22.49 -11.37
CA ILE E 2 4.95 21.14 -11.70
C ILE E 2 6.00 20.14 -11.24
N GLY E 3 5.57 19.15 -10.47
CA GLY E 3 6.48 18.16 -9.91
C GLY E 3 7.12 17.27 -10.95
N GLY E 4 6.30 16.55 -11.72
CA GLY E 4 6.83 15.63 -12.70
C GLY E 4 5.81 15.31 -13.77
N LEU E 5 6.29 14.63 -14.82
CA LEU E 5 5.45 14.13 -15.90
C LEU E 5 5.87 12.70 -16.20
N PHE E 6 4.93 11.77 -16.06
CA PHE E 6 5.23 10.35 -16.24
C PHE E 6 4.24 9.73 -17.23
N ILE E 7 4.76 8.80 -18.03
CA ILE E 7 4.00 8.14 -19.08
C ILE E 7 4.12 6.64 -18.89
N TYR E 8 2.98 5.95 -18.90
CA TYR E 8 2.92 4.51 -18.64
C TYR E 8 2.16 3.80 -19.76
N ASN E 9 2.54 2.55 -20.02
CA ASN E 9 1.75 1.73 -20.92
C ASN E 9 0.56 1.14 -20.16
N HIS E 10 -0.31 0.46 -20.91
CA HIS E 10 -1.53 -0.08 -20.31
C HIS E 10 -1.25 -1.20 -19.30
N LYS E 11 -0.05 -1.78 -19.33
CA LYS E 11 0.31 -2.79 -18.36
C LYS E 11 0.57 -2.17 -16.99
N GLY E 12 1.20 -0.99 -16.96
CA GLY E 12 1.48 -0.32 -15.71
C GLY E 12 2.94 0.10 -15.58
N GLU E 13 3.80 -0.42 -16.45
CA GLU E 13 5.20 -0.05 -16.44
C GLU E 13 5.36 1.41 -16.81
N VAL E 14 6.42 2.02 -16.30
CA VAL E 14 6.63 3.46 -16.45
C VAL E 14 7.47 3.64 -17.71
N LEU E 15 6.85 4.12 -18.79
CA LEU E 15 7.64 4.43 -19.97
C LEU E 15 8.59 5.60 -19.69
N ILE E 16 8.07 6.77 -19.32
CA ILE E 16 8.86 7.98 -19.21
C ILE E 16 8.72 8.59 -17.83
N SER E 17 9.84 9.07 -17.30
CA SER E 17 9.90 9.72 -15.99
C SER E 17 10.73 10.98 -16.11
N ARG E 18 10.17 12.12 -15.69
CA ARG E 18 10.98 13.30 -15.43
C ARG E 18 10.44 14.02 -14.20
N VAL E 19 11.34 14.37 -13.30
CA VAL E 19 11.00 15.06 -12.07
C VAL E 19 11.66 16.43 -12.10
N TYR E 20 10.87 17.47 -11.91
CA TYR E 20 11.39 18.81 -11.94
C TYR E 20 11.82 19.25 -10.56
N ARG E 21 11.11 18.76 -9.54
CA ARG E 21 11.35 19.12 -8.16
C ARG E 21 11.72 17.87 -7.38
N ASP E 22 12.89 17.91 -6.74
CA ASP E 22 13.46 16.75 -6.06
C ASP E 22 12.91 16.57 -4.66
N ASP E 23 11.75 17.17 -4.38
CA ASP E 23 10.92 16.83 -3.22
C ASP E 23 10.00 15.66 -3.57
N ILE E 24 10.61 14.54 -3.93
CA ILE E 24 9.89 13.38 -4.43
C ILE E 24 9.73 12.38 -3.30
N GLY E 25 8.49 12.01 -3.02
CA GLY E 25 8.25 10.75 -2.33
C GLY E 25 8.09 9.72 -3.43
N ARG E 26 9.09 8.87 -3.61
CA ARG E 26 9.18 8.14 -4.88
C ARG E 26 8.09 7.09 -5.08
N ASN E 27 7.08 6.92 -4.24
CA ASN E 27 5.97 6.05 -4.59
C ASN E 27 4.90 6.78 -5.38
N ALA E 28 5.20 7.99 -5.87
CA ALA E 28 4.24 8.75 -6.67
C ALA E 28 3.89 8.01 -7.95
N VAL E 29 4.91 7.53 -8.68
CA VAL E 29 4.62 6.70 -9.85
C VAL E 29 3.87 5.44 -9.41
N ASP E 30 4.25 4.88 -8.25
CA ASP E 30 3.55 3.73 -7.72
C ASP E 30 2.16 4.10 -7.25
N ALA E 31 1.98 5.32 -6.74
CA ALA E 31 0.65 5.78 -6.34
C ALA E 31 -0.29 5.84 -7.54
N PHE E 32 0.16 6.45 -8.63
CA PHE E 32 -0.68 6.50 -9.83
C PHE E 32 -0.86 5.11 -10.44
N ARG E 33 0.13 4.23 -10.27
CA ARG E 33 0.05 2.89 -10.84
C ARG E 33 -0.97 2.04 -10.10
N VAL E 34 -1.00 2.10 -8.78
CA VAL E 34 -1.87 1.24 -8.01
C VAL E 34 -3.26 1.85 -7.80
N ASN E 35 -3.36 3.17 -7.70
CA ASN E 35 -4.64 3.81 -7.39
C ASN E 35 -5.48 4.07 -8.63
N VAL E 36 -4.86 4.49 -9.73
CA VAL E 36 -5.57 4.93 -10.92
C VAL E 36 -5.42 3.94 -12.07
N ILE E 37 -4.19 3.49 -12.34
CA ILE E 37 -3.95 2.61 -13.48
C ILE E 37 -4.62 1.25 -13.25
N HIS E 38 -4.30 0.60 -12.14
CA HIS E 38 -4.87 -0.69 -11.83
C HIS E 38 -6.09 -0.56 -10.92
N VAL E 43 -9.38 7.75 -11.79
CA VAL E 43 -10.27 6.63 -11.49
C VAL E 43 -11.72 7.00 -11.83
N ARG E 44 -12.22 8.10 -11.25
CA ARG E 44 -13.53 8.62 -11.57
C ARG E 44 -13.49 10.10 -11.98
N SER E 45 -12.31 10.71 -11.98
CA SER E 45 -12.14 12.11 -12.34
C SER E 45 -10.72 12.31 -12.85
N PRO E 46 -10.49 13.30 -13.71
CA PRO E 46 -9.13 13.50 -14.23
C PRO E 46 -8.15 13.95 -13.17
N VAL E 47 -8.59 14.76 -12.22
CA VAL E 47 -7.77 15.23 -11.12
C VAL E 47 -8.11 14.40 -9.89
N THR E 48 -7.11 13.75 -9.30
CA THR E 48 -7.29 12.96 -8.10
C THR E 48 -6.24 13.37 -7.08
N ASN E 49 -6.67 13.56 -5.83
CA ASN E 49 -5.77 13.95 -4.75
C ASN E 49 -5.37 12.71 -3.96
N ILE E 50 -4.08 12.39 -3.97
CA ILE E 50 -3.53 11.26 -3.22
C ILE E 50 -2.52 11.84 -2.25
N ALA E 51 -2.86 11.83 -0.95
CA ALA E 51 -1.99 12.30 0.11
C ALA E 51 -1.41 13.68 -0.21
N ARG E 52 -2.32 14.66 -0.32
CA ARG E 52 -2.01 16.06 -0.61
C ARG E 52 -1.17 16.22 -1.88
N THR E 53 -1.17 15.22 -2.76
CA THR E 53 -0.50 15.30 -4.05
C THR E 53 -1.54 15.16 -5.15
N SER E 54 -1.73 16.23 -5.93
CA SER E 54 -2.70 16.22 -7.01
C SER E 54 -2.12 15.59 -8.28
N PHE E 55 -2.91 14.73 -8.90
CA PHE E 55 -2.57 13.98 -10.10
C PHE E 55 -3.56 14.36 -11.20
N PHE E 56 -3.05 14.87 -12.31
CA PHE E 56 -3.86 14.99 -13.53
C PHE E 56 -3.39 13.93 -14.50
N HIS E 57 -4.27 13.49 -15.40
CA HIS E 57 -3.87 12.48 -16.37
C HIS E 57 -4.75 12.54 -17.61
N VAL E 58 -4.21 12.01 -18.71
CA VAL E 58 -4.94 11.82 -19.96
C VAL E 58 -4.50 10.48 -20.54
N LYS E 59 -5.24 10.01 -21.54
CA LYS E 59 -5.03 8.67 -22.05
C LYS E 59 -5.12 8.68 -23.58
N ARG E 60 -3.98 8.42 -24.24
CA ARG E 60 -3.92 8.35 -25.70
C ARG E 60 -3.53 6.94 -26.16
N SER E 61 -4.37 6.39 -27.03
CA SER E 61 -4.42 5.06 -27.65
C SER E 61 -4.69 3.95 -26.65
N ASN E 62 -3.85 3.85 -25.61
CA ASN E 62 -4.12 3.21 -24.33
C ASN E 62 -3.04 3.60 -23.32
N ILE E 63 -2.11 4.47 -23.74
CA ILE E 63 -1.03 4.99 -22.90
C ILE E 63 -1.57 6.06 -21.95
N TRP E 64 -0.96 6.14 -20.77
CA TRP E 64 -1.30 7.13 -19.74
C TRP E 64 -0.23 8.21 -19.69
N LEU E 65 -0.65 9.47 -19.77
CA LEU E 65 0.23 10.62 -19.63
C LEU E 65 -0.25 11.45 -18.44
N ALA E 66 0.54 11.48 -17.37
CA ALA E 66 0.09 12.06 -16.11
C ALA E 66 1.08 13.11 -15.61
N ALA E 67 0.54 14.12 -14.95
CA ALA E 67 1.30 15.18 -14.30
C ALA E 67 0.97 15.22 -12.82
N VAL E 68 1.93 15.69 -12.02
CA VAL E 68 1.90 15.56 -10.57
C VAL E 68 2.37 16.87 -9.94
N THR E 69 1.68 17.31 -8.89
CA THR E 69 2.22 18.40 -8.07
C THR E 69 1.48 18.48 -6.75
N LYS E 70 2.14 19.05 -5.75
CA LYS E 70 1.50 19.33 -4.46
C LYS E 70 1.00 20.76 -4.34
N GLN E 71 1.59 21.69 -5.08
CA GLN E 71 1.18 23.09 -5.01
C GLN E 71 -0.22 23.25 -5.60
N ASN E 72 -0.85 24.38 -5.28
CA ASN E 72 -2.09 24.75 -5.95
C ASN E 72 -1.73 25.44 -7.26
N VAL E 73 -2.23 24.90 -8.37
CA VAL E 73 -1.80 25.30 -9.70
C VAL E 73 -3.02 25.50 -10.58
N ASN E 74 -2.81 26.21 -11.68
CA ASN E 74 -3.86 26.41 -12.67
C ASN E 74 -4.18 25.07 -13.33
N ALA E 75 -5.38 24.55 -13.08
CA ALA E 75 -5.75 23.23 -13.57
C ALA E 75 -5.91 23.23 -15.09
N ALA E 76 -6.60 24.23 -15.63
CA ALA E 76 -6.75 24.33 -17.08
C ALA E 76 -5.39 24.48 -17.75
N MET E 77 -4.47 25.21 -17.12
CA MET E 77 -3.14 25.41 -17.70
C MET E 77 -2.40 24.09 -17.83
N VAL E 78 -2.39 23.27 -16.78
CA VAL E 78 -1.65 22.02 -16.85
C VAL E 78 -2.36 21.01 -17.73
N PHE E 79 -3.69 21.05 -17.79
CA PHE E 79 -4.40 20.14 -18.69
C PHE E 79 -4.14 20.49 -20.15
N GLU E 80 -4.21 21.78 -20.49
CA GLU E 80 -3.86 22.19 -21.84
C GLU E 80 -2.39 22.01 -22.12
N PHE E 81 -1.56 22.00 -21.10
CA PHE E 81 -0.18 21.64 -21.31
C PHE E 81 -0.04 20.18 -21.70
N LEU E 82 -0.77 19.30 -21.00
CA LEU E 82 -0.80 17.90 -21.39
C LEU E 82 -1.31 17.76 -22.82
N TYR E 83 -2.30 18.57 -23.20
CA TYR E 83 -2.78 18.55 -24.57
C TYR E 83 -1.70 18.98 -25.55
N LYS E 84 -0.92 20.00 -25.20
CA LYS E 84 0.20 20.43 -26.05
C LYS E 84 1.23 19.32 -26.19
N MET E 85 1.57 18.66 -25.09
CA MET E 85 2.46 17.50 -25.16
C MET E 85 1.94 16.45 -26.12
N CYS E 86 0.68 16.07 -25.96
CA CYS E 86 0.09 15.03 -26.80
C CYS E 86 0.09 15.44 -28.26
N ASP E 87 -0.19 16.71 -28.55
CA ASP E 87 -0.16 17.18 -29.93
C ASP E 87 1.25 17.14 -30.50
N VAL E 88 2.25 17.54 -29.70
CA VAL E 88 3.62 17.56 -30.19
C VAL E 88 4.08 16.15 -30.53
N MET E 89 3.82 15.18 -29.65
CA MET E 89 4.28 13.83 -29.98
C MET E 89 3.36 13.13 -30.99
N ALA E 90 2.11 13.58 -31.14
CA ALA E 90 1.29 13.06 -32.23
C ALA E 90 1.78 13.58 -33.58
N ALA E 91 2.41 14.75 -33.59
CA ALA E 91 3.07 15.21 -34.81
C ALA E 91 4.41 14.52 -35.02
N TYR E 92 5.13 14.24 -33.92
CA TYR E 92 6.47 13.68 -34.06
C TYR E 92 6.46 12.18 -34.35
N PHE E 93 5.42 11.46 -33.95
CA PHE E 93 5.35 10.02 -34.18
C PHE E 93 4.09 9.56 -34.92
N GLY E 94 3.06 10.39 -35.01
CA GLY E 94 1.83 10.02 -35.67
C GLY E 94 0.87 9.20 -34.85
N LYS E 95 1.34 8.49 -33.83
CA LYS E 95 0.48 7.66 -33.00
C LYS E 95 1.15 7.45 -31.66
N ILE E 96 0.53 7.94 -30.60
CA ILE E 96 1.04 7.72 -29.25
C ILE E 96 0.70 6.29 -28.85
N SER E 97 1.70 5.42 -28.81
CA SER E 97 1.50 4.04 -28.39
C SER E 97 2.80 3.54 -27.78
N GLU E 98 2.77 2.29 -27.32
CA GLU E 98 3.89 1.75 -26.56
C GLU E 98 5.19 1.83 -27.35
N GLU E 99 5.20 1.29 -28.58
CA GLU E 99 6.44 1.19 -29.33
C GLU E 99 6.91 2.56 -29.82
N ASN E 100 5.99 3.43 -30.26
CA ASN E 100 6.38 4.73 -30.79
C ASN E 100 7.05 5.58 -29.71
N ILE E 101 6.57 5.50 -28.47
CA ILE E 101 7.22 6.20 -27.38
C ILE E 101 8.50 5.48 -26.96
N LYS E 102 8.52 4.14 -27.04
CA LYS E 102 9.66 3.38 -26.56
C LYS E 102 10.87 3.50 -27.48
N ASN E 103 10.65 3.63 -28.79
CA ASN E 103 11.75 3.63 -29.74
C ASN E 103 12.49 4.97 -29.79
N ASN E 104 11.89 6.04 -29.31
CA ASN E 104 12.51 7.36 -29.29
C ASN E 104 12.61 7.83 -27.84
N PHE E 105 13.78 7.63 -27.23
CA PHE E 105 14.01 8.02 -25.84
C PHE E 105 14.47 9.48 -25.73
N VAL E 106 15.62 9.79 -26.32
CA VAL E 106 16.24 11.10 -26.10
C VAL E 106 15.47 12.21 -26.81
N LEU E 107 14.79 11.88 -27.92
CA LEU E 107 13.98 12.87 -28.60
C LEU E 107 12.87 13.38 -27.69
N ILE E 108 12.16 12.47 -27.01
CA ILE E 108 11.07 12.86 -26.14
C ILE E 108 11.60 13.64 -24.93
N TYR E 109 12.74 13.21 -24.38
CA TYR E 109 13.28 13.87 -23.19
C TYR E 109 13.79 15.27 -23.52
N GLU E 110 14.41 15.45 -24.69
CA GLU E 110 14.97 16.75 -25.03
C GLU E 110 13.95 17.70 -25.62
N LEU E 111 12.88 17.18 -26.23
CA LEU E 111 11.77 18.05 -26.62
C LEU E 111 11.02 18.52 -25.39
N LEU E 112 10.73 17.60 -24.47
CA LEU E 112 10.12 17.99 -23.19
C LEU E 112 10.99 18.98 -22.42
N ASP E 113 12.31 18.93 -22.63
CA ASP E 113 13.21 19.88 -21.96
C ASP E 113 12.93 21.30 -22.45
N GLU E 114 12.62 21.46 -23.73
CA GLU E 114 12.35 22.79 -24.27
C GLU E 114 10.93 23.23 -23.96
N ILE E 115 9.99 22.31 -23.86
CA ILE E 115 8.60 22.71 -23.67
C ILE E 115 8.43 23.40 -22.31
N LEU E 116 8.98 22.81 -21.24
CA LEU E 116 8.84 23.37 -19.90
C LEU E 116 10.11 23.20 -19.07
N ASP E 117 10.29 24.16 -18.16
CA ASP E 117 11.48 24.31 -17.32
C ASP E 117 11.08 24.40 -15.86
N PHE E 118 11.50 23.42 -15.06
CA PHE E 118 11.19 23.35 -13.64
C PHE E 118 9.69 23.51 -13.40
N GLY E 119 8.93 22.73 -14.17
CA GLY E 119 7.49 22.79 -14.01
C GLY E 119 6.84 24.04 -14.55
N TYR E 120 7.56 24.83 -15.34
CA TYR E 120 7.05 26.05 -15.93
C TYR E 120 6.88 25.84 -17.43
N PRO E 121 5.68 25.89 -18.01
CA PRO E 121 5.56 25.71 -19.46
C PRO E 121 6.19 26.87 -20.22
N GLN E 122 7.22 26.57 -20.99
CA GLN E 122 7.88 27.51 -21.90
C GLN E 122 7.18 27.50 -23.25
N ASN E 123 7.77 28.19 -24.23
CA ASN E 123 7.39 28.11 -25.62
C ASN E 123 8.65 27.82 -26.43
N SER E 124 8.59 26.77 -27.25
CA SER E 124 9.69 26.28 -28.10
C SER E 124 10.99 27.08 -28.07
N ARG F 49 57.46 -14.43 -0.32
CA ARG F 49 57.01 -13.06 -0.49
C ARG F 49 55.61 -13.01 -1.11
N MET F 50 54.61 -13.44 -0.35
CA MET F 50 53.23 -13.55 -0.81
C MET F 50 52.46 -12.24 -0.60
N SER F 51 51.19 -12.24 -1.00
CA SER F 51 50.33 -11.08 -1.24
C SER F 51 49.32 -10.80 -0.12
N GLN F 52 48.31 -9.97 -0.44
CA GLN F 52 47.37 -9.24 0.43
C GLN F 52 46.26 -10.19 0.90
N ILE F 53 46.70 -11.42 1.06
CA ILE F 53 46.03 -12.68 1.23
C ILE F 53 45.42 -12.86 2.63
N LYS F 54 44.68 -13.96 2.85
CA LYS F 54 44.11 -14.29 4.15
C LYS F 54 45.18 -14.87 5.08
N ARG F 55 44.74 -15.48 6.20
CA ARG F 55 45.64 -15.85 7.30
C ARG F 55 46.50 -17.06 6.94
N LEU F 56 45.85 -18.09 6.37
CA LEU F 56 46.53 -19.35 6.08
C LEU F 56 47.76 -19.12 5.24
N LEU F 57 47.61 -18.31 4.20
CA LEU F 57 48.72 -18.06 3.31
C LEU F 57 49.79 -17.25 4.02
N SER F 58 49.38 -16.33 4.90
CA SER F 58 50.33 -15.65 5.76
C SER F 58 51.14 -16.66 6.58
N GLU F 59 50.50 -17.75 6.98
CA GLU F 59 51.20 -18.84 7.65
C GLU F 59 52.25 -19.54 6.80
N LYS F 60 52.09 -19.56 5.47
CA LYS F 60 52.97 -20.35 4.60
C LYS F 60 54.35 -19.72 4.52
N LYS F 61 54.38 -18.44 4.19
CA LYS F 61 55.51 -17.55 4.47
C LYS F 61 55.07 -16.14 4.10
N THR F 62 55.84 -15.14 4.52
CA THR F 62 55.65 -13.74 4.23
C THR F 62 54.19 -13.29 4.18
#